data_8WWE
#
_entry.id   8WWE
#
_cell.length_a   68.045
_cell.length_b   122.865
_cell.length_c   210.235
_cell.angle_alpha   90.00
_cell.angle_beta   90.00
_cell.angle_gamma   90.00
#
_symmetry.space_group_name_H-M   'P 2 21 21'
#
loop_
_entity.id
_entity.type
_entity.pdbx_description
1 polymer '(R)-DHPS dehydrogenase'
2 non-polymer 'SULFATE ION'
#
_entity_poly.entity_id   1
_entity_poly.type   'polypeptide(L)'
_entity_poly.pdbx_seq_one_letter_code
;MTIEYLKKASLTSKSDASDVQETVRAILADIEAGGDQVALDYAAKFDRYEGSIILSPEEIEAACAKVPEKLKADIRFAHD
NVRRFAETQKATLTDVELEVVPGVITGQKAIPVDAAGCYVPGGRYSHIASAIMTVTTAKVAGCKHIMACSPPRPGVGVAP
AIVYAAHICGADTIMAIGGVQGVASMAFGLFGLPKAKILVGPGNQFVAEAKRMLFGRVGIDMIAGPTDSLILADRTADPH
IVTTDLVSQAEHGYNSPVWLVTDDRALAEKVIEMIPSYIADLPEVNRDNAAAAWRDYAEVILCADREEMAATSDRYAPEH
LTVMAEDLDWWLDRLSCYGSLFLGEESTVSYGDKAAGTNHVLPTSGAASYTGGLSVHKYMKIVTWQRGTREGYKPVAEAT
ARIARLE
;
_entity_poly.pdbx_strand_id   A,B,C,D
#
loop_
_chem_comp.id
_chem_comp.type
_chem_comp.name
_chem_comp.formula
SO4 non-polymer 'SULFATE ION' 'O4 S -2'
#
# COMPACT_ATOMS: atom_id res chain seq x y z
N THR A 2 -26.16 17.20 -36.39
CA THR A 2 -25.68 18.05 -37.47
C THR A 2 -24.13 18.03 -37.73
N ILE A 3 -23.38 17.18 -36.96
CA ILE A 3 -21.96 17.00 -37.18
C ILE A 3 -21.82 15.93 -38.26
N GLU A 4 -20.77 16.01 -39.08
CA GLU A 4 -20.61 15.14 -40.24
C GLU A 4 -19.38 14.26 -40.06
N TYR A 5 -19.56 12.93 -40.15
CA TYR A 5 -18.43 12.01 -40.01
C TYR A 5 -17.80 11.81 -41.37
N LEU A 6 -16.75 12.58 -41.67
CA LEU A 6 -16.07 12.37 -42.94
C LEU A 6 -15.34 11.05 -42.97
N LYS A 7 -15.00 10.50 -41.80
CA LYS A 7 -14.43 9.18 -41.68
C LYS A 7 -14.96 8.56 -40.41
N LYS A 8 -15.40 7.30 -40.46
CA LYS A 8 -15.95 6.62 -39.29
C LYS A 8 -14.97 5.55 -38.84
N ALA A 9 -15.04 5.23 -37.56
CA ALA A 9 -14.27 4.11 -37.05
C ALA A 9 -15.13 2.88 -37.15
N SER A 10 -14.50 1.75 -37.50
CA SER A 10 -15.27 0.53 -37.60
C SER A 10 -15.86 0.14 -36.25
N LEU A 11 -15.37 0.77 -35.16
CA LEU A 11 -15.74 0.43 -33.80
C LEU A 11 -16.26 1.68 -33.07
N THR A 12 -15.31 2.48 -32.59
CA THR A 12 -15.52 3.61 -31.66
C THR A 12 -16.00 4.87 -32.41
N SER A 13 -17.25 4.79 -32.86
CA SER A 13 -17.86 5.89 -33.59
C SER A 13 -19.16 6.26 -32.89
N LYS A 14 -19.57 7.53 -32.99
CA LYS A 14 -20.93 7.77 -32.56
C LYS A 14 -21.90 7.39 -33.69
N SER A 15 -23.17 7.19 -33.31
CA SER A 15 -24.21 6.51 -34.08
C SER A 15 -23.94 5.01 -34.16
N ASP A 16 -22.70 4.60 -33.88
CA ASP A 16 -22.42 3.19 -33.63
C ASP A 16 -22.45 2.85 -32.16
N ALA A 17 -22.32 3.87 -31.29
CA ALA A 17 -22.26 3.82 -29.81
C ALA A 17 -21.63 5.07 -29.23
N SER A 18 -21.73 5.27 -27.92
CA SER A 18 -21.23 6.50 -27.31
C SER A 18 -19.82 6.30 -26.74
N ASP A 19 -19.48 5.08 -26.36
CA ASP A 19 -18.37 4.96 -25.45
C ASP A 19 -17.86 3.54 -25.65
N VAL A 20 -16.59 3.28 -25.31
CA VAL A 20 -16.15 1.88 -25.40
C VAL A 20 -17.01 0.99 -24.51
N GLN A 21 -17.11 1.35 -23.22
CA GLN A 21 -17.90 0.62 -22.23
C GLN A 21 -19.31 0.36 -22.77
N GLU A 22 -19.90 1.37 -23.41
CA GLU A 22 -21.25 1.18 -23.94
C GLU A 22 -21.28 0.10 -25.01
N THR A 23 -20.30 0.12 -25.91
CA THR A 23 -20.20 -0.90 -26.97
C THR A 23 -20.02 -2.28 -26.37
N VAL A 24 -19.13 -2.40 -25.40
CA VAL A 24 -18.88 -3.68 -24.76
C VAL A 24 -20.16 -4.23 -24.16
N ARG A 25 -20.90 -3.36 -23.44
CA ARG A 25 -22.18 -3.78 -22.91
C ARG A 25 -23.07 -4.30 -24.01
N ALA A 26 -23.20 -3.54 -25.09
CA ALA A 26 -24.09 -3.95 -26.17
C ALA A 26 -23.74 -5.35 -26.66
N ILE A 27 -22.47 -5.60 -26.97
CA ILE A 27 -22.09 -6.90 -27.53
C ILE A 27 -22.35 -8.01 -26.53
N LEU A 28 -21.90 -7.82 -25.28
CA LEU A 28 -22.09 -8.85 -24.27
C LEU A 28 -23.56 -9.19 -24.16
N ALA A 29 -24.41 -8.17 -24.11
CA ALA A 29 -25.83 -8.42 -23.96
C ALA A 29 -26.37 -9.25 -25.12
N ASP A 30 -26.03 -8.84 -26.36
CA ASP A 30 -26.51 -9.56 -27.54
C ASP A 30 -25.99 -10.99 -27.53
N ILE A 31 -24.73 -11.18 -27.15
CA ILE A 31 -24.18 -12.53 -27.16
C ILE A 31 -24.84 -13.37 -26.07
N GLU A 32 -24.99 -12.80 -24.88
CA GLU A 32 -25.48 -13.57 -23.76
C GLU A 32 -26.86 -14.10 -24.07
N ALA A 33 -27.74 -13.23 -24.56
CA ALA A 33 -29.07 -13.69 -24.99
C ALA A 33 -28.97 -14.68 -26.15
N GLY A 34 -28.27 -14.30 -27.23
CA GLY A 34 -28.28 -15.09 -28.48
C GLY A 34 -27.49 -16.39 -28.43
N GLY A 35 -26.34 -16.39 -27.73
CA GLY A 35 -25.51 -17.57 -27.66
C GLY A 35 -24.56 -17.79 -28.82
N ASP A 36 -24.30 -19.08 -29.11
CA ASP A 36 -23.27 -19.51 -30.06
C ASP A 36 -23.32 -18.75 -31.38
N GLN A 37 -24.49 -18.65 -32.00
CA GLN A 37 -24.55 -18.09 -33.35
C GLN A 37 -24.18 -16.62 -33.33
N VAL A 38 -24.64 -15.87 -32.33
CA VAL A 38 -24.34 -14.46 -32.27
C VAL A 38 -22.86 -14.23 -31.98
N ALA A 39 -22.27 -15.05 -31.11
CA ALA A 39 -20.83 -15.03 -30.93
C ALA A 39 -20.12 -15.22 -32.26
N LEU A 40 -20.56 -16.23 -33.02
CA LEU A 40 -19.95 -16.51 -34.33
C LEU A 40 -20.07 -15.32 -35.26
N ASP A 41 -21.27 -14.71 -35.33
CA ASP A 41 -21.50 -13.57 -36.19
C ASP A 41 -20.60 -12.40 -35.81
N TYR A 42 -20.44 -12.15 -34.52
CA TYR A 42 -19.51 -11.11 -34.08
C TYR A 42 -18.06 -11.44 -34.39
N ALA A 43 -17.68 -12.73 -34.31
CA ALA A 43 -16.36 -13.16 -34.76
C ALA A 43 -16.16 -12.83 -36.23
N ALA A 44 -17.10 -13.28 -37.08
CA ALA A 44 -17.08 -12.91 -38.48
C ALA A 44 -16.88 -11.41 -38.64
N LYS A 45 -17.74 -10.61 -38.02
CA LYS A 45 -17.68 -9.16 -38.20
C LYS A 45 -16.30 -8.61 -37.85
N PHE A 46 -15.76 -9.00 -36.69
CA PHE A 46 -14.62 -8.30 -36.11
C PHE A 46 -13.25 -8.88 -36.44
N ASP A 47 -13.10 -10.21 -36.42
CA ASP A 47 -11.82 -10.84 -36.77
C ASP A 47 -11.68 -11.08 -38.27
N ARG A 48 -12.79 -11.36 -38.94
CA ARG A 48 -12.83 -11.55 -40.39
C ARG A 48 -11.97 -12.74 -40.79
N TYR A 49 -12.37 -13.91 -40.22
CA TYR A 49 -11.64 -15.17 -40.37
C TYR A 49 -12.62 -16.34 -40.29
N GLU A 50 -12.39 -17.30 -41.18
CA GLU A 50 -13.33 -18.27 -41.69
C GLU A 50 -12.80 -19.70 -41.55
N GLY A 51 -11.91 -19.91 -40.56
CA GLY A 51 -11.49 -21.23 -40.10
C GLY A 51 -12.25 -21.62 -38.83
N SER A 52 -11.96 -22.81 -38.32
CA SER A 52 -12.70 -23.26 -37.15
C SER A 52 -12.42 -22.37 -35.95
N ILE A 53 -13.41 -22.28 -35.07
CA ILE A 53 -13.24 -21.45 -33.88
C ILE A 53 -12.45 -22.21 -32.84
N ILE A 54 -12.84 -23.45 -32.57
CA ILE A 54 -12.08 -24.35 -31.70
C ILE A 54 -11.22 -25.23 -32.62
N LEU A 55 -9.91 -25.01 -32.61
CA LEU A 55 -8.98 -25.73 -33.48
C LEU A 55 -9.13 -27.22 -33.23
N SER A 56 -9.29 -27.99 -34.32
CA SER A 56 -9.27 -29.43 -34.25
C SER A 56 -7.86 -29.93 -33.91
N PRO A 57 -7.73 -31.14 -33.39
CA PRO A 57 -6.39 -31.67 -33.14
C PRO A 57 -5.49 -31.57 -34.36
N GLU A 58 -6.06 -31.82 -35.54
CA GLU A 58 -5.31 -31.76 -36.77
C GLU A 58 -4.81 -30.34 -37.02
N GLU A 59 -5.67 -29.34 -36.84
CA GLU A 59 -5.27 -27.95 -37.01
C GLU A 59 -4.13 -27.61 -36.06
N ILE A 60 -4.22 -28.09 -34.80
CA ILE A 60 -3.13 -27.88 -33.84
C ILE A 60 -1.81 -28.44 -34.38
N GLU A 61 -1.80 -29.72 -34.78
CA GLU A 61 -0.55 -30.31 -35.26
C GLU A 61 0.00 -29.54 -36.46
N ALA A 62 -0.87 -29.23 -37.44
CA ALA A 62 -0.47 -28.48 -38.63
C ALA A 62 0.09 -27.10 -38.26
N ALA A 63 -0.47 -26.48 -37.21
CA ALA A 63 0.03 -25.21 -36.70
C ALA A 63 1.40 -25.40 -36.07
N CYS A 64 1.53 -26.43 -35.23
CA CYS A 64 2.80 -26.77 -34.60
C CYS A 64 3.88 -26.95 -35.64
N ALA A 65 3.53 -27.64 -36.74
CA ALA A 65 4.51 -27.99 -37.75
C ALA A 65 5.15 -26.77 -38.37
N LYS A 66 4.49 -25.61 -38.30
CA LYS A 66 4.98 -24.40 -38.94
C LYS A 66 5.95 -23.59 -38.07
N VAL A 67 6.24 -24.08 -36.88
CA VAL A 67 7.11 -23.30 -35.93
C VAL A 67 8.45 -23.74 -36.14
N PRO A 68 9.43 -22.85 -36.56
CA PRO A 68 10.81 -23.22 -36.72
C PRO A 68 11.30 -23.84 -35.42
N GLU A 69 12.03 -24.97 -35.56
CA GLU A 69 12.45 -25.76 -34.40
C GLU A 69 13.40 -25.02 -33.48
N LYS A 70 14.12 -24.03 -33.99
CA LYS A 70 14.88 -23.13 -33.10
C LYS A 70 13.92 -22.48 -32.10
N LEU A 71 12.77 -22.02 -32.61
CA LEU A 71 11.73 -21.40 -31.80
C LEU A 71 11.01 -22.42 -30.92
N LYS A 72 10.67 -23.61 -31.48
CA LYS A 72 10.08 -24.66 -30.67
C LYS A 72 10.93 -24.96 -29.44
N ALA A 73 12.23 -25.10 -29.65
CA ALA A 73 13.14 -25.42 -28.55
C ALA A 73 13.20 -24.28 -27.54
N ASP A 74 13.20 -23.04 -28.05
CA ASP A 74 13.13 -21.86 -27.20
C ASP A 74 11.87 -21.89 -26.33
N ILE A 75 10.73 -22.10 -26.96
CA ILE A 75 9.47 -22.13 -26.24
C ILE A 75 9.46 -23.26 -25.22
N ARG A 76 9.94 -24.45 -25.62
CA ARG A 76 10.03 -25.60 -24.72
C ARG A 76 10.89 -25.28 -23.51
N PHE A 77 11.95 -24.50 -23.74
CA PHE A 77 12.89 -24.16 -22.68
C PHE A 77 12.26 -23.22 -21.67
N ALA A 78 11.65 -22.15 -22.16
CA ALA A 78 10.96 -21.20 -21.28
C ALA A 78 9.85 -21.91 -20.51
N HIS A 79 9.04 -22.71 -21.22
CA HIS A 79 8.00 -23.48 -20.56
C HIS A 79 8.58 -24.31 -19.41
N ASP A 80 9.68 -25.03 -19.66
CA ASP A 80 10.30 -25.80 -18.59
C ASP A 80 10.63 -24.92 -17.38
N ASN A 81 11.22 -23.75 -17.59
CA ASN A 81 11.48 -22.93 -16.42
C ASN A 81 10.19 -22.55 -15.71
N VAL A 82 9.19 -22.08 -16.45
CA VAL A 82 8.00 -21.56 -15.79
C VAL A 82 7.31 -22.66 -15.00
N ARG A 83 7.23 -23.88 -15.55
CA ARG A 83 6.65 -25.01 -14.82
C ARG A 83 7.46 -25.35 -13.56
N ARG A 84 8.78 -25.45 -13.72
CA ARG A 84 9.69 -25.71 -12.61
C ARG A 84 9.56 -24.64 -11.51
N PHE A 85 9.39 -23.36 -11.88
CA PHE A 85 9.10 -22.29 -10.89
C PHE A 85 7.72 -22.45 -10.24
N ALA A 86 6.68 -22.67 -11.04
CA ALA A 86 5.31 -22.76 -10.51
C ALA A 86 5.14 -23.91 -9.53
N GLU A 87 5.73 -25.07 -9.83
CA GLU A 87 5.49 -26.22 -8.96
C GLU A 87 6.03 -25.96 -7.57
N THR A 88 7.08 -25.14 -7.49
CA THR A 88 7.56 -24.61 -6.21
C THR A 88 6.45 -23.93 -5.41
N GLN A 89 5.84 -22.87 -5.95
CA GLN A 89 4.75 -22.23 -5.20
C GLN A 89 3.61 -23.19 -4.91
N LYS A 90 3.20 -24.01 -5.87
CA LYS A 90 2.03 -24.84 -5.59
C LYS A 90 2.32 -25.81 -4.46
N ALA A 91 3.57 -26.22 -4.31
CA ALA A 91 3.94 -27.00 -3.14
C ALA A 91 3.72 -26.25 -1.83
N THR A 92 3.64 -24.91 -1.85
CA THR A 92 3.40 -24.09 -0.66
C THR A 92 1.93 -23.97 -0.28
N LEU A 93 1.03 -24.57 -1.04
CA LEU A 93 -0.39 -24.44 -0.73
C LEU A 93 -0.97 -25.74 -0.17
N THR A 94 -0.54 -26.12 1.02
CA THR A 94 -1.13 -27.29 1.65
C THR A 94 -2.39 -26.88 2.44
N ASP A 95 -3.44 -27.70 2.32
CA ASP A 95 -4.25 -28.18 3.43
C ASP A 95 -3.68 -27.88 4.83
N VAL A 96 -4.41 -27.09 5.62
CA VAL A 96 -3.95 -26.91 7.00
C VAL A 96 -5.02 -27.42 7.97
N GLU A 97 -4.66 -27.39 9.27
CA GLU A 97 -5.59 -27.79 10.32
C GLU A 97 -5.10 -27.19 11.63
N LEU A 98 -5.94 -26.44 12.34
CA LEU A 98 -5.49 -25.77 13.56
C LEU A 98 -6.53 -26.03 14.66
N GLU A 99 -6.10 -26.59 15.81
CA GLU A 99 -6.99 -26.67 16.97
C GLU A 99 -7.02 -25.33 17.69
N VAL A 100 -7.92 -24.44 17.24
CA VAL A 100 -7.95 -23.07 17.75
C VAL A 100 -8.29 -23.04 19.26
N VAL A 101 -9.32 -23.78 19.67
CA VAL A 101 -9.59 -24.10 21.07
C VAL A 101 -9.90 -25.58 21.17
N PRO A 102 -9.68 -26.19 22.32
CA PRO A 102 -9.96 -27.63 22.41
C PRO A 102 -11.34 -27.95 21.85
N GLY A 103 -11.36 -28.86 20.87
CA GLY A 103 -12.61 -29.33 20.27
C GLY A 103 -13.05 -28.60 19.01
N VAL A 104 -12.39 -27.51 18.66
CA VAL A 104 -12.76 -26.68 17.52
C VAL A 104 -11.56 -26.58 16.58
N ILE A 105 -11.68 -27.22 15.43
CA ILE A 105 -10.59 -27.29 14.44
C ILE A 105 -10.93 -26.44 13.22
N THR A 106 -10.09 -25.44 12.92
CA THR A 106 -10.22 -24.63 11.71
C THR A 106 -9.32 -25.16 10.58
N GLY A 107 -9.67 -24.86 9.32
CA GLY A 107 -8.87 -25.27 8.19
C GLY A 107 -8.60 -24.17 7.17
N GLN A 108 -7.68 -24.49 6.24
CA GLN A 108 -7.70 -23.91 4.90
C GLN A 108 -7.32 -24.91 3.82
N LYS A 109 -7.80 -24.65 2.60
CA LYS A 109 -7.41 -25.32 1.37
C LYS A 109 -7.33 -24.30 0.24
N ALA A 110 -6.41 -24.55 -0.71
CA ALA A 110 -6.42 -23.91 -2.02
C ALA A 110 -7.04 -24.91 -3.01
N ILE A 111 -8.11 -24.50 -3.67
CA ILE A 111 -8.82 -25.29 -4.68
C ILE A 111 -8.66 -24.63 -6.05
N PRO A 112 -8.29 -25.37 -7.09
CA PRO A 112 -8.25 -24.77 -8.43
C PRO A 112 -9.66 -24.62 -8.97
N VAL A 113 -9.89 -23.50 -9.68
CA VAL A 113 -11.19 -23.23 -10.30
C VAL A 113 -11.42 -24.19 -11.46
N ASP A 114 -12.70 -24.41 -11.80
CA ASP A 114 -13.10 -25.37 -12.83
C ASP A 114 -12.40 -25.16 -14.16
N ALA A 115 -12.52 -23.94 -14.68
CA ALA A 115 -12.01 -23.65 -15.99
C ALA A 115 -11.43 -22.24 -15.92
N ALA A 116 -10.21 -22.08 -16.45
CA ALA A 116 -9.59 -20.78 -16.60
C ALA A 116 -9.44 -20.49 -18.09
N GLY A 117 -9.68 -19.23 -18.46
CA GLY A 117 -9.44 -18.73 -19.82
C GLY A 117 -8.21 -17.84 -19.91
N CYS A 118 -7.39 -18.06 -20.94
CA CYS A 118 -6.18 -17.28 -21.14
C CYS A 118 -6.23 -16.59 -22.51
N TYR A 119 -6.23 -15.27 -22.50
CA TYR A 119 -6.22 -14.45 -23.71
C TYR A 119 -4.79 -14.19 -24.19
N VAL A 120 -4.58 -14.31 -25.51
CA VAL A 120 -3.27 -14.06 -26.09
C VAL A 120 -3.45 -13.12 -27.28
N PRO A 121 -2.98 -11.87 -27.22
CA PRO A 121 -3.41 -10.89 -28.21
C PRO A 121 -2.78 -11.05 -29.58
N GLY A 122 -1.80 -11.93 -29.71
CA GLY A 122 -1.09 -12.03 -30.97
C GLY A 122 0.10 -12.93 -30.79
N GLY A 123 1.04 -12.82 -31.72
CA GLY A 123 2.13 -13.75 -31.80
C GLY A 123 3.55 -13.24 -31.58
N ARG A 124 3.73 -11.98 -31.17
CA ARG A 124 5.08 -11.51 -30.86
C ARG A 124 5.65 -12.19 -29.60
N TYR A 125 6.98 -12.09 -29.44
CA TYR A 125 7.72 -12.79 -28.38
C TYR A 125 7.15 -12.51 -27.00
N SER A 126 6.86 -11.25 -26.69
CA SER A 126 6.21 -10.92 -25.42
C SER A 126 4.86 -11.63 -25.31
N HIS A 127 4.11 -11.68 -26.41
CA HIS A 127 2.83 -12.36 -26.39
C HIS A 127 3.02 -13.85 -26.15
N ILE A 128 4.05 -14.44 -26.75
CA ILE A 128 4.33 -15.85 -26.55
C ILE A 128 4.67 -16.11 -25.10
N ALA A 129 5.50 -15.26 -24.51
CA ALA A 129 5.84 -15.38 -23.09
C ALA A 129 4.58 -15.28 -22.25
N SER A 130 3.71 -14.32 -22.55
CA SER A 130 2.43 -14.23 -21.85
C SER A 130 1.69 -15.55 -21.90
N ALA A 131 1.57 -16.14 -23.09
CA ALA A 131 0.81 -17.37 -23.20
C ALA A 131 1.46 -18.47 -22.40
N ILE A 132 2.79 -18.56 -22.48
CA ILE A 132 3.51 -19.59 -21.73
C ILE A 132 3.25 -19.41 -20.23
N MET A 133 3.45 -18.18 -19.73
CA MET A 133 3.15 -17.84 -18.35
C MET A 133 1.78 -18.35 -17.95
N THR A 134 0.75 -17.79 -18.58
CA THR A 134 -0.58 -17.99 -18.04
C THR A 134 -1.05 -19.43 -18.23
N VAL A 135 -0.83 -20.03 -19.41
CA VAL A 135 -1.29 -21.39 -19.62
C VAL A 135 -0.56 -22.35 -18.69
N THR A 136 0.76 -22.17 -18.54
CA THR A 136 1.56 -23.04 -17.68
C THR A 136 1.13 -22.94 -16.24
N THR A 137 1.01 -21.71 -15.75
CA THR A 137 0.56 -21.53 -14.38
C THR A 137 -0.82 -22.11 -14.17
N ALA A 138 -1.77 -21.84 -15.08
CA ALA A 138 -3.11 -22.39 -14.92
C ALA A 138 -3.08 -23.90 -14.86
N LYS A 139 -2.15 -24.53 -15.59
CA LYS A 139 -2.03 -25.99 -15.53
C LYS A 139 -1.41 -26.45 -14.22
N VAL A 140 -0.27 -25.88 -13.83
CA VAL A 140 0.36 -26.25 -12.55
C VAL A 140 -0.63 -26.09 -11.40
N ALA A 141 -1.32 -24.95 -11.37
CA ALA A 141 -2.35 -24.73 -10.35
C ALA A 141 -3.36 -25.86 -10.33
N GLY A 142 -3.66 -26.45 -11.48
CA GLY A 142 -4.50 -27.63 -11.47
C GLY A 142 -5.91 -27.42 -11.92
N CYS A 143 -6.13 -26.43 -12.81
CA CYS A 143 -7.44 -26.19 -13.42
C CYS A 143 -7.81 -27.31 -14.35
N LYS A 144 -9.02 -27.84 -14.18
CA LYS A 144 -9.40 -29.01 -14.95
C LYS A 144 -9.53 -28.70 -16.44
N HIS A 145 -9.88 -27.47 -16.80
CA HIS A 145 -10.02 -27.10 -18.20
C HIS A 145 -9.43 -25.72 -18.47
N ILE A 146 -8.44 -25.65 -19.36
CA ILE A 146 -7.81 -24.37 -19.74
C ILE A 146 -8.12 -24.07 -21.22
N MET A 147 -8.73 -22.90 -21.46
CA MET A 147 -9.03 -22.41 -22.79
C MET A 147 -8.10 -21.25 -23.10
N ALA A 148 -7.36 -21.35 -24.19
CA ALA A 148 -6.58 -20.23 -24.70
C ALA A 148 -7.23 -19.73 -25.99
N CYS A 149 -7.57 -18.44 -26.05
CA CYS A 149 -7.98 -17.87 -27.33
C CYS A 149 -7.03 -16.75 -27.68
N SER A 150 -6.80 -16.59 -28.99
CA SER A 150 -5.99 -15.57 -29.59
C SER A 150 -6.73 -15.10 -30.82
N PRO A 151 -6.75 -13.79 -31.09
CA PRO A 151 -7.46 -13.26 -32.29
C PRO A 151 -6.87 -13.79 -33.59
N PRO A 152 -7.66 -14.42 -34.44
CA PRO A 152 -7.14 -14.93 -35.72
C PRO A 152 -6.88 -13.77 -36.67
N ARG A 153 -5.94 -13.97 -37.48
CA ARG A 153 -5.45 -13.34 -38.71
C ARG A 153 -6.03 -14.00 -39.92
N PRO A 154 -6.64 -13.14 -40.75
CA PRO A 154 -7.55 -13.62 -41.80
C PRO A 154 -6.83 -14.53 -42.77
N GLY A 155 -7.48 -15.66 -43.02
CA GLY A 155 -6.92 -16.72 -43.82
C GLY A 155 -5.86 -17.50 -43.07
N VAL A 156 -5.17 -16.88 -42.09
CA VAL A 156 -4.04 -17.56 -41.45
C VAL A 156 -4.48 -18.40 -40.27
N GLY A 157 -5.35 -17.83 -39.42
CA GLY A 157 -5.69 -18.38 -38.12
C GLY A 157 -4.78 -17.86 -37.02
N VAL A 158 -4.76 -18.61 -35.90
CA VAL A 158 -3.93 -18.23 -34.76
C VAL A 158 -2.46 -18.32 -35.12
N ALA A 159 -1.67 -17.38 -34.63
CA ALA A 159 -0.21 -17.42 -34.78
C ALA A 159 0.34 -18.81 -34.46
N PRO A 160 1.02 -19.46 -35.40
CA PRO A 160 1.55 -20.80 -35.13
C PRO A 160 2.37 -20.90 -33.86
N ALA A 161 3.13 -19.88 -33.52
CA ALA A 161 3.89 -19.92 -32.26
C ALA A 161 2.96 -20.05 -31.05
N ILE A 162 1.86 -19.29 -31.05
CA ILE A 162 0.88 -19.31 -29.96
C ILE A 162 0.20 -20.66 -29.85
N VAL A 163 -0.11 -21.30 -30.96
CA VAL A 163 -0.69 -22.61 -30.87
C VAL A 163 0.30 -23.55 -30.19
N TYR A 164 1.57 -23.49 -30.61
CA TYR A 164 2.57 -24.37 -30.00
C TYR A 164 2.68 -24.13 -28.50
N ALA A 165 2.87 -22.86 -28.09
CA ALA A 165 2.94 -22.49 -26.68
C ALA A 165 1.74 -23.00 -25.90
N ALA A 166 0.54 -22.60 -26.34
CA ALA A 166 -0.69 -23.04 -25.67
C ALA A 166 -0.73 -24.56 -25.53
N HIS A 167 -0.36 -25.28 -26.60
CA HIS A 167 -0.51 -26.74 -26.55
C HIS A 167 0.43 -27.35 -25.55
N ILE A 168 1.72 -27.05 -25.68
CA ILE A 168 2.67 -27.70 -24.80
C ILE A 168 2.52 -27.25 -23.35
N CYS A 169 1.96 -26.06 -23.11
CA CYS A 169 1.87 -25.58 -21.73
C CYS A 169 0.64 -26.09 -20.97
N GLY A 170 -0.28 -26.75 -21.65
CA GLY A 170 -1.37 -27.51 -21.06
C GLY A 170 -2.76 -27.09 -21.50
N ALA A 171 -2.90 -26.17 -22.45
CA ALA A 171 -4.22 -25.63 -22.83
C ALA A 171 -5.10 -26.73 -23.39
N ASP A 172 -6.26 -26.92 -22.76
CA ASP A 172 -7.19 -27.95 -23.16
C ASP A 172 -7.88 -27.63 -24.48
N THR A 173 -8.11 -26.33 -24.75
CA THR A 173 -8.80 -25.78 -25.90
C THR A 173 -8.05 -24.56 -26.45
N ILE A 174 -7.90 -24.51 -27.77
CA ILE A 174 -7.28 -23.36 -28.43
C ILE A 174 -8.30 -22.75 -29.36
N MET A 175 -8.57 -21.47 -29.21
CA MET A 175 -9.76 -20.91 -29.81
C MET A 175 -9.32 -19.81 -30.75
N ALA A 176 -9.77 -19.85 -32.03
CA ALA A 176 -9.46 -18.72 -32.95
C ALA A 176 -10.55 -17.64 -32.91
N ILE A 177 -10.52 -16.82 -31.86
CA ILE A 177 -11.49 -15.75 -31.67
C ILE A 177 -10.88 -14.70 -30.75
N GLY A 178 -11.18 -13.43 -31.01
CA GLY A 178 -10.58 -12.34 -30.31
C GLY A 178 -11.64 -11.42 -29.70
N GLY A 179 -11.15 -10.38 -29.00
CA GLY A 179 -11.98 -9.29 -28.50
C GLY A 179 -13.14 -9.70 -27.62
N VAL A 180 -14.20 -8.87 -27.61
CA VAL A 180 -15.29 -9.10 -26.68
C VAL A 180 -15.92 -10.45 -26.94
N GLN A 181 -16.11 -10.78 -28.21
CA GLN A 181 -16.77 -12.04 -28.54
C GLN A 181 -15.97 -13.24 -27.99
N GLY A 182 -14.62 -13.19 -28.08
CA GLY A 182 -13.83 -14.27 -27.52
C GLY A 182 -13.94 -14.34 -25.99
N VAL A 183 -13.78 -13.20 -25.32
CA VAL A 183 -13.91 -13.18 -23.87
C VAL A 183 -15.24 -13.77 -23.45
N ALA A 184 -16.34 -13.28 -24.05
CA ALA A 184 -17.69 -13.79 -23.77
C ALA A 184 -17.81 -15.29 -24.05
N SER A 185 -17.18 -15.76 -25.13
CA SER A 185 -17.25 -17.18 -25.45
C SER A 185 -16.67 -18.03 -24.33
N MET A 186 -15.54 -17.59 -23.74
CA MET A 186 -15.00 -18.30 -22.58
C MET A 186 -15.85 -18.07 -21.34
N ALA A 187 -16.24 -16.82 -21.08
CA ALA A 187 -16.97 -16.44 -19.88
C ALA A 187 -18.34 -17.14 -19.80
N PHE A 188 -19.04 -17.23 -20.93
CA PHE A 188 -20.42 -17.74 -21.00
C PHE A 188 -20.48 -19.21 -21.36
N GLY A 189 -19.34 -19.88 -21.48
CA GLY A 189 -19.34 -21.29 -21.79
C GLY A 189 -20.00 -21.68 -23.09
N LEU A 190 -19.71 -20.90 -24.13
CA LEU A 190 -20.23 -21.18 -25.46
C LEU A 190 -19.55 -22.41 -26.04
N PHE A 191 -20.11 -22.88 -27.16
CA PHE A 191 -19.49 -23.94 -27.98
C PHE A 191 -19.21 -25.21 -27.19
N GLY A 192 -20.03 -25.52 -26.21
CA GLY A 192 -19.79 -26.72 -25.45
C GLY A 192 -18.65 -26.61 -24.46
N LEU A 193 -18.04 -25.42 -24.34
CA LEU A 193 -16.96 -25.17 -23.40
C LEU A 193 -17.50 -24.91 -22.00
N PRO A 194 -16.71 -25.13 -20.96
CA PRO A 194 -17.13 -24.70 -19.62
C PRO A 194 -17.06 -23.20 -19.49
N LYS A 195 -17.82 -22.69 -18.52
CA LYS A 195 -17.80 -21.28 -18.11
C LYS A 195 -16.51 -20.98 -17.34
N ALA A 196 -15.64 -20.17 -17.94
CA ALA A 196 -14.39 -19.74 -17.30
C ALA A 196 -14.64 -19.00 -16.00
N LYS A 197 -13.94 -19.42 -14.95
CA LYS A 197 -14.03 -18.77 -13.66
C LYS A 197 -13.11 -17.55 -13.57
N ILE A 198 -11.90 -17.66 -14.12
CA ILE A 198 -10.99 -16.52 -14.22
C ILE A 198 -10.50 -16.38 -15.65
N LEU A 199 -10.23 -15.14 -16.05
CA LEU A 199 -9.73 -14.80 -17.38
C LEU A 199 -8.46 -13.97 -17.23
N VAL A 200 -7.34 -14.47 -17.76
CA VAL A 200 -6.08 -13.75 -17.62
C VAL A 200 -5.54 -13.43 -19.02
N GLY A 201 -4.70 -12.41 -19.11
CA GLY A 201 -4.02 -12.10 -20.36
C GLY A 201 -4.27 -10.68 -20.87
N PRO A 202 -3.24 -10.05 -21.44
CA PRO A 202 -3.38 -8.67 -21.89
C PRO A 202 -4.27 -8.58 -23.10
N GLY A 203 -4.74 -7.36 -23.38
CA GLY A 203 -5.59 -7.13 -24.54
C GLY A 203 -5.94 -5.66 -24.66
N ASN A 204 -6.47 -5.34 -25.85
CA ASN A 204 -6.97 -4.01 -26.17
C ASN A 204 -8.12 -3.62 -25.25
N GLN A 205 -8.56 -2.38 -25.43
CA GLN A 205 -9.47 -1.78 -24.46
C GLN A 205 -10.76 -2.57 -24.34
N PHE A 206 -11.23 -3.15 -25.43
CA PHE A 206 -12.45 -3.96 -25.42
C PHE A 206 -12.28 -5.22 -24.59
N VAL A 207 -11.14 -5.92 -24.78
CA VAL A 207 -10.89 -7.13 -24.03
C VAL A 207 -10.85 -6.84 -22.53
N ALA A 208 -10.14 -5.77 -22.16
CA ALA A 208 -10.01 -5.38 -20.77
C ALA A 208 -11.35 -4.98 -20.18
N GLU A 209 -12.18 -4.27 -20.95
CA GLU A 209 -13.48 -3.85 -20.47
C GLU A 209 -14.37 -5.04 -20.23
N ALA A 210 -14.42 -5.96 -21.20
CA ALA A 210 -15.19 -7.18 -21.01
C ALA A 210 -14.71 -7.92 -19.76
N LYS A 211 -13.42 -7.87 -19.46
CA LYS A 211 -12.96 -8.64 -18.29
C LYS A 211 -13.35 -7.90 -17.01
N ARG A 212 -13.20 -6.58 -17.01
CA ARG A 212 -13.64 -5.78 -15.88
C ARG A 212 -15.09 -6.05 -15.54
N MET A 213 -15.97 -6.08 -16.55
CA MET A 213 -17.38 -6.30 -16.25
C MET A 213 -17.63 -7.72 -15.80
N LEU A 214 -17.06 -8.71 -16.51
CA LEU A 214 -17.43 -10.11 -16.27
C LEU A 214 -16.66 -10.74 -15.10
N PHE A 215 -15.38 -10.40 -14.93
CA PHE A 215 -14.56 -11.05 -13.92
C PHE A 215 -14.03 -10.12 -12.85
N GLY A 216 -14.08 -8.80 -13.08
CA GLY A 216 -13.69 -7.86 -12.07
C GLY A 216 -14.59 -7.92 -10.85
N ARG A 217 -14.11 -7.30 -9.78
CA ARG A 217 -14.88 -7.10 -8.56
C ARG A 217 -14.13 -6.21 -7.57
N PRO A 226 -20.16 -12.24 -2.20
CA PRO A 226 -19.89 -11.55 -0.94
C PRO A 226 -21.16 -11.39 -0.12
N THR A 227 -21.03 -11.52 1.21
CA THR A 227 -22.14 -11.61 2.18
C THR A 227 -23.46 -11.99 1.52
N ASP A 228 -23.40 -12.98 0.61
CA ASP A 228 -24.48 -13.92 0.40
C ASP A 228 -24.38 -15.02 1.48
N SER A 229 -25.47 -15.73 1.71
CA SER A 229 -25.45 -16.79 2.72
C SER A 229 -26.14 -18.06 2.24
N LEU A 230 -25.64 -19.24 2.66
CA LEU A 230 -26.29 -20.50 2.32
C LEU A 230 -26.19 -21.50 3.48
N ILE A 231 -27.29 -22.24 3.72
CA ILE A 231 -27.36 -23.34 4.68
C ILE A 231 -27.76 -24.63 3.97
N LEU A 232 -26.89 -25.63 4.04
CA LEU A 232 -27.25 -27.00 3.66
C LEU A 232 -27.87 -27.73 4.84
N ALA A 233 -29.04 -28.29 4.62
CA ALA A 233 -29.74 -29.03 5.67
C ALA A 233 -30.26 -30.33 5.10
N ASP A 234 -30.07 -31.41 5.82
CA ASP A 234 -30.80 -32.63 5.50
C ASP A 234 -31.83 -32.81 6.61
N ARG A 235 -32.57 -33.92 6.56
CA ARG A 235 -33.68 -34.04 7.49
C ARG A 235 -33.24 -33.97 8.97
N THR A 236 -31.96 -34.15 9.28
CA THR A 236 -31.58 -34.20 10.70
C THR A 236 -31.58 -32.84 11.36
N ALA A 237 -31.45 -31.78 10.56
CA ALA A 237 -31.33 -30.43 11.10
C ALA A 237 -32.57 -30.08 11.91
N ASP A 238 -32.38 -29.37 12.97
CA ASP A 238 -33.43 -28.93 13.85
C ASP A 238 -34.08 -27.71 13.20
N PRO A 239 -35.37 -27.83 12.78
CA PRO A 239 -36.08 -26.71 12.12
C PRO A 239 -36.01 -25.36 12.80
N HIS A 240 -36.02 -25.35 14.13
CA HIS A 240 -35.91 -24.09 14.88
C HIS A 240 -34.60 -23.39 14.53
N ILE A 241 -33.54 -24.17 14.43
CA ILE A 241 -32.18 -23.69 14.26
C ILE A 241 -32.00 -23.05 12.87
N VAL A 242 -32.48 -23.72 11.82
CA VAL A 242 -32.38 -23.14 10.50
C VAL A 242 -33.23 -21.89 10.47
N THR A 243 -34.37 -21.91 11.19
CA THR A 243 -35.23 -20.75 11.11
C THR A 243 -34.51 -19.54 11.70
N THR A 244 -33.89 -19.74 12.86
CA THR A 244 -33.17 -18.66 13.54
C THR A 244 -32.03 -18.14 12.66
N ASP A 245 -31.17 -19.06 12.19
CA ASP A 245 -30.00 -18.68 11.39
C ASP A 245 -30.42 -17.98 10.10
N LEU A 246 -31.50 -18.44 9.47
CA LEU A 246 -31.99 -17.84 8.23
C LEU A 246 -32.49 -16.43 8.45
N VAL A 247 -33.21 -16.21 9.56
CA VAL A 247 -33.71 -14.86 9.78
C VAL A 247 -32.55 -13.95 10.10
N SER A 248 -31.53 -14.50 10.75
CA SER A 248 -30.34 -13.78 11.19
C SER A 248 -29.53 -13.13 10.06
N GLN A 249 -29.92 -13.29 8.79
CA GLN A 249 -29.26 -12.54 7.74
C GLN A 249 -29.87 -11.17 7.51
N ALA A 250 -31.06 -10.96 8.06
CA ALA A 250 -31.72 -9.66 8.05
C ALA A 250 -31.48 -8.95 9.35
N GLU A 251 -30.22 -9.00 9.79
CA GLU A 251 -29.79 -8.39 11.03
C GLU A 251 -28.83 -7.26 10.67
N SER A 256 -28.92 -9.11 1.34
CA SER A 256 -27.91 -10.17 1.33
C SER A 256 -28.57 -11.53 1.15
N PRO A 257 -28.43 -12.14 -0.04
CA PRO A 257 -29.22 -13.34 -0.35
C PRO A 257 -28.96 -14.46 0.65
N VAL A 258 -29.99 -15.27 0.87
CA VAL A 258 -29.90 -16.41 1.77
C VAL A 258 -30.56 -17.60 1.08
N TRP A 259 -29.94 -18.75 1.16
CA TRP A 259 -30.54 -19.95 0.60
C TRP A 259 -30.64 -21.03 1.64
N LEU A 260 -31.77 -21.73 1.64
CA LEU A 260 -31.89 -22.98 2.33
C LEU A 260 -31.94 -24.04 1.26
N VAL A 261 -30.94 -24.92 1.25
CA VAL A 261 -30.85 -25.99 0.28
C VAL A 261 -31.00 -27.28 1.06
N THR A 262 -32.08 -28.03 0.77
CA THR A 262 -32.37 -29.23 1.54
C THR A 262 -32.82 -30.35 0.62
N ASP A 263 -32.72 -31.60 1.12
CA ASP A 263 -33.25 -32.72 0.36
C ASP A 263 -34.51 -33.35 0.95
N ASP A 264 -34.94 -32.90 2.14
CA ASP A 264 -36.12 -33.41 2.82
C ASP A 264 -37.19 -32.34 2.71
N ARG A 265 -38.20 -32.61 1.85
CA ARG A 265 -39.28 -31.66 1.58
C ARG A 265 -39.94 -31.15 2.87
N ALA A 266 -40.17 -32.07 3.81
CA ALA A 266 -40.90 -31.77 5.04
C ALA A 266 -40.29 -30.57 5.74
N LEU A 267 -38.97 -30.62 5.99
CA LEU A 267 -38.28 -29.54 6.69
C LEU A 267 -38.53 -28.19 6.03
N ALA A 268 -38.33 -28.12 4.72
CA ALA A 268 -38.51 -26.86 4.00
C ALA A 268 -39.88 -26.26 4.33
N GLU A 269 -40.95 -27.04 4.14
CA GLU A 269 -42.30 -26.50 4.37
C GLU A 269 -42.47 -26.09 5.83
N LYS A 270 -41.92 -26.91 6.74
CA LYS A 270 -42.02 -26.68 8.18
C LYS A 270 -41.45 -25.30 8.55
N VAL A 271 -40.29 -24.98 7.98
CA VAL A 271 -39.60 -23.72 8.27
C VAL A 271 -40.30 -22.54 7.64
N ILE A 272 -40.77 -22.72 6.41
CA ILE A 272 -41.51 -21.64 5.74
C ILE A 272 -42.67 -21.18 6.60
N GLU A 273 -43.44 -22.14 7.15
CA GLU A 273 -44.58 -21.75 7.98
C GLU A 273 -44.11 -21.13 9.27
N MET A 274 -42.95 -21.57 9.78
CA MET A 274 -42.48 -21.03 11.06
C MET A 274 -42.00 -19.59 10.94
N ILE A 275 -41.59 -19.16 9.75
CA ILE A 275 -40.88 -17.88 9.61
C ILE A 275 -41.59 -16.69 10.26
N PRO A 276 -42.88 -16.43 9.97
CA PRO A 276 -43.46 -15.15 10.40
C PRO A 276 -43.50 -14.94 11.91
N SER A 277 -43.69 -16.02 12.69
CA SER A 277 -43.73 -15.88 14.15
C SER A 277 -42.36 -15.47 14.68
N TYR A 278 -41.29 -15.95 14.03
CA TYR A 278 -39.93 -15.59 14.42
C TYR A 278 -39.62 -14.17 14.00
N ILE A 279 -40.19 -13.73 12.87
CA ILE A 279 -40.10 -12.32 12.48
C ILE A 279 -40.79 -11.43 13.51
N ALA A 280 -41.93 -11.88 14.04
CA ALA A 280 -42.74 -11.06 14.95
C ALA A 280 -42.02 -10.83 16.27
N ASP A 281 -41.20 -11.78 16.72
CA ASP A 281 -40.63 -11.74 18.07
C ASP A 281 -39.25 -11.08 18.07
N LEU A 282 -39.11 -10.01 17.28
CA LEU A 282 -37.96 -9.13 17.07
C LEU A 282 -38.31 -7.68 17.44
N PRO A 283 -37.32 -6.88 17.90
CA PRO A 283 -37.57 -5.45 18.14
C PRO A 283 -38.20 -4.73 16.94
N GLU A 284 -38.59 -3.47 17.11
CA GLU A 284 -39.57 -2.90 16.20
C GLU A 284 -38.91 -2.38 14.91
N VAL A 285 -37.66 -1.90 15.00
CA VAL A 285 -36.86 -1.60 13.79
C VAL A 285 -36.56 -2.86 12.99
N ASN A 286 -36.41 -4.00 13.68
CA ASN A 286 -35.94 -5.20 13.00
C ASN A 286 -37.03 -5.79 12.12
N ARG A 287 -38.31 -5.67 12.53
CA ARG A 287 -39.38 -6.54 12.05
C ARG A 287 -39.72 -6.29 10.58
N ASP A 288 -39.85 -5.02 10.20
CA ASP A 288 -40.18 -4.73 8.81
C ASP A 288 -39.03 -5.09 7.90
N ASN A 289 -37.82 -4.74 8.32
CA ASN A 289 -36.66 -4.98 7.51
C ASN A 289 -36.54 -6.49 7.24
N ALA A 290 -36.66 -7.29 8.32
CA ALA A 290 -36.59 -8.75 8.27
C ALA A 290 -37.65 -9.36 7.38
N ALA A 291 -38.91 -8.95 7.54
CA ALA A 291 -39.97 -9.45 6.66
C ALA A 291 -39.63 -9.18 5.20
N ALA A 292 -39.25 -7.93 4.91
CA ALA A 292 -38.89 -7.54 3.55
C ALA A 292 -37.78 -8.44 3.02
N ALA A 293 -36.69 -8.57 3.80
CA ALA A 293 -35.55 -9.39 3.43
C ALA A 293 -35.96 -10.83 3.17
N TRP A 294 -36.76 -11.44 4.06
CA TRP A 294 -37.12 -12.82 3.82
C TRP A 294 -37.79 -12.98 2.47
N ARG A 295 -38.85 -12.21 2.20
CA ARG A 295 -39.52 -12.40 0.92
C ARG A 295 -38.61 -12.08 -0.25
N ASP A 296 -37.72 -11.11 -0.09
CA ASP A 296 -37.08 -10.45 -1.20
C ASP A 296 -35.70 -11.07 -1.55
N TYR A 297 -34.99 -11.62 -0.56
CA TYR A 297 -33.62 -12.12 -0.70
C TYR A 297 -33.45 -13.61 -0.39
N ALA A 298 -34.38 -14.23 0.35
CA ALA A 298 -34.33 -15.63 0.79
C ALA A 298 -34.98 -16.60 -0.19
N GLU A 299 -34.38 -17.78 -0.37
CA GLU A 299 -34.95 -18.83 -1.22
C GLU A 299 -34.82 -20.20 -0.58
N VAL A 300 -35.82 -21.06 -0.82
CA VAL A 300 -35.82 -22.43 -0.34
C VAL A 300 -35.83 -23.36 -1.55
N ILE A 301 -34.86 -24.27 -1.63
CA ILE A 301 -34.64 -25.09 -2.81
C ILE A 301 -34.64 -26.54 -2.38
N LEU A 302 -35.53 -27.33 -2.99
CA LEU A 302 -35.72 -28.74 -2.68
C LEU A 302 -34.92 -29.62 -3.60
N CYS A 303 -34.19 -30.52 -2.99
CA CYS A 303 -33.20 -31.36 -3.63
C CYS A 303 -33.56 -32.83 -3.51
N ALA A 304 -32.89 -33.61 -4.36
CA ALA A 304 -33.10 -35.06 -4.37
C ALA A 304 -32.38 -35.72 -3.20
N ASP A 305 -31.09 -35.49 -3.11
CA ASP A 305 -30.20 -36.20 -2.21
C ASP A 305 -29.10 -35.24 -1.78
N ARG A 306 -28.13 -35.77 -1.01
CA ARG A 306 -26.99 -34.97 -0.60
C ARG A 306 -26.23 -34.46 -1.80
N GLU A 307 -26.06 -35.33 -2.80
CA GLU A 307 -25.30 -34.99 -3.99
C GLU A 307 -25.82 -33.74 -4.66
N GLU A 308 -27.14 -33.68 -4.84
CA GLU A 308 -27.70 -32.57 -5.55
C GLU A 308 -27.43 -31.29 -4.79
N MET A 309 -27.64 -31.34 -3.47
CA MET A 309 -27.41 -30.19 -2.59
C MET A 309 -25.99 -29.69 -2.74
N ALA A 310 -25.02 -30.60 -2.67
CA ALA A 310 -23.63 -30.21 -2.85
C ALA A 310 -23.43 -29.52 -4.19
N ALA A 311 -23.94 -30.12 -5.26
CA ALA A 311 -23.76 -29.53 -6.60
C ALA A 311 -24.38 -28.14 -6.66
N THR A 312 -25.53 -27.99 -6.01
CA THR A 312 -26.20 -26.69 -5.88
C THR A 312 -25.30 -25.68 -5.17
N SER A 313 -24.88 -26.02 -3.94
CA SER A 313 -24.00 -25.17 -3.14
C SER A 313 -22.81 -24.70 -3.99
N ASP A 314 -22.11 -25.65 -4.63
CA ASP A 314 -20.98 -25.32 -5.49
C ASP A 314 -21.36 -24.35 -6.62
N ARG A 315 -22.45 -24.62 -7.39
CA ARG A 315 -22.81 -23.72 -8.51
C ARG A 315 -23.16 -22.34 -7.96
N TYR A 316 -23.61 -22.26 -6.69
CA TYR A 316 -23.93 -20.92 -6.22
C TYR A 316 -22.73 -20.24 -5.62
N ALA A 317 -21.72 -21.02 -5.21
CA ALA A 317 -20.47 -20.50 -4.62
C ALA A 317 -20.76 -19.55 -3.48
N PRO A 318 -21.23 -20.04 -2.32
CA PRO A 318 -21.67 -19.13 -1.26
C PRO A 318 -20.48 -18.67 -0.42
N GLU A 319 -20.57 -17.41 0.04
CA GLU A 319 -19.55 -16.86 0.92
C GLU A 319 -19.60 -17.47 2.32
N HIS A 320 -20.82 -17.63 2.86
CA HIS A 320 -21.07 -18.24 4.17
C HIS A 320 -21.83 -19.53 3.90
N LEU A 321 -21.30 -20.66 4.37
CA LEU A 321 -21.92 -21.95 4.13
C LEU A 321 -21.97 -22.71 5.44
N THR A 322 -23.17 -23.06 5.91
CA THR A 322 -23.35 -23.86 7.10
C THR A 322 -23.93 -25.23 6.77
N VAL A 323 -23.35 -26.30 7.30
CA VAL A 323 -23.84 -27.63 6.96
C VAL A 323 -24.46 -28.29 8.19
N MET A 324 -25.77 -28.53 8.11
CA MET A 324 -26.56 -29.13 9.18
C MET A 324 -27.06 -30.49 8.71
N ALA A 325 -26.12 -31.42 8.59
CA ALA A 325 -26.37 -32.74 8.02
C ALA A 325 -25.49 -33.79 8.69
N GLU A 326 -25.79 -35.04 8.39
CA GLU A 326 -25.03 -36.20 8.80
C GLU A 326 -23.74 -36.28 7.99
N ASP A 327 -22.71 -36.95 8.54
CA ASP A 327 -21.49 -37.24 7.79
C ASP A 327 -20.80 -35.94 7.38
N LEU A 328 -20.55 -35.07 8.37
CA LEU A 328 -19.89 -33.78 8.11
C LEU A 328 -18.58 -33.97 7.39
N ASP A 329 -17.91 -35.10 7.64
CA ASP A 329 -16.68 -35.42 6.91
C ASP A 329 -16.95 -35.51 5.41
N TRP A 330 -18.09 -36.11 5.02
CA TRP A 330 -18.40 -36.19 3.60
C TRP A 330 -18.47 -34.79 2.99
N TRP A 331 -19.18 -33.87 3.67
CA TRP A 331 -19.35 -32.53 3.11
C TRP A 331 -18.00 -31.81 3.02
N LEU A 332 -17.17 -31.95 4.07
CA LEU A 332 -15.84 -31.35 4.05
C LEU A 332 -15.04 -31.87 2.85
N ASP A 333 -15.22 -33.15 2.53
CA ASP A 333 -14.57 -33.79 1.40
C ASP A 333 -15.14 -33.27 0.07
N ARG A 334 -16.47 -33.23 -0.04
CA ARG A 334 -17.14 -32.95 -1.30
C ARG A 334 -17.16 -31.46 -1.64
N LEU A 335 -17.81 -30.67 -0.77
CA LEU A 335 -18.03 -29.25 -1.05
C LEU A 335 -16.71 -28.53 -1.28
N SER A 336 -16.56 -27.91 -2.45
CA SER A 336 -15.28 -27.27 -2.75
C SER A 336 -15.37 -25.89 -3.41
N CYS A 337 -16.56 -25.38 -3.74
CA CYS A 337 -16.72 -23.96 -4.08
C CYS A 337 -17.60 -23.27 -3.03
N TYR A 338 -16.94 -22.52 -2.16
CA TYR A 338 -17.54 -21.71 -1.12
C TYR A 338 -16.44 -20.79 -0.60
N GLY A 339 -16.80 -19.95 0.37
CA GLY A 339 -15.87 -19.09 1.09
C GLY A 339 -15.50 -19.63 2.45
N SER A 340 -16.43 -19.55 3.42
CA SER A 340 -16.27 -20.07 4.78
C SER A 340 -17.29 -21.14 5.09
N LEU A 341 -16.80 -22.34 5.37
CA LEU A 341 -17.65 -23.46 5.75
C LEU A 341 -17.67 -23.66 7.28
N PHE A 342 -18.87 -23.71 7.86
CA PHE A 342 -19.09 -24.12 9.24
C PHE A 342 -19.88 -25.43 9.23
N LEU A 343 -19.22 -26.53 9.61
CA LEU A 343 -19.88 -27.83 9.67
C LEU A 343 -20.57 -28.02 11.03
N GLY A 344 -21.87 -28.24 11.01
CA GLY A 344 -22.59 -28.50 12.24
C GLY A 344 -23.38 -27.32 12.77
N GLU A 345 -24.49 -27.63 13.44
CA GLU A 345 -25.36 -26.63 14.04
C GLU A 345 -24.62 -25.83 15.07
N GLU A 346 -23.44 -26.31 15.43
CA GLU A 346 -22.69 -25.84 16.58
C GLU A 346 -22.11 -24.55 16.09
N SER A 347 -21.41 -24.62 14.96
CA SER A 347 -20.55 -23.54 14.48
C SER A 347 -21.28 -22.37 13.78
N SER A 375 1.56 -15.80 -11.06
CA SER A 375 1.68 -16.67 -9.89
C SER A 375 0.44 -17.57 -9.67
N VAL A 376 0.72 -18.77 -9.16
CA VAL A 376 -0.32 -19.79 -9.04
C VAL A 376 -1.50 -19.35 -8.21
N HIS A 377 -1.28 -18.43 -7.26
CA HIS A 377 -2.34 -17.98 -6.35
C HIS A 377 -3.55 -17.49 -7.11
N LYS A 378 -3.33 -16.88 -8.28
CA LYS A 378 -4.41 -16.29 -9.06
C LYS A 378 -5.47 -17.32 -9.48
N TYR A 379 -5.10 -18.59 -9.64
CA TYR A 379 -6.03 -19.55 -10.22
C TYR A 379 -6.78 -20.31 -9.17
N MET A 380 -6.66 -19.93 -7.92
CA MET A 380 -7.16 -20.73 -6.82
C MET A 380 -8.10 -19.95 -5.90
N LYS A 381 -9.17 -20.63 -5.49
CA LYS A 381 -10.05 -20.19 -4.41
C LYS A 381 -9.48 -20.71 -3.10
N ILE A 382 -9.34 -19.82 -2.12
CA ILE A 382 -9.00 -20.20 -0.74
C ILE A 382 -10.25 -20.40 0.13
N VAL A 383 -10.47 -21.62 0.58
CA VAL A 383 -11.62 -21.96 1.40
C VAL A 383 -11.13 -22.18 2.83
N THR A 384 -11.90 -21.69 3.81
CA THR A 384 -11.64 -21.92 5.22
C THR A 384 -12.82 -22.61 5.86
N TRP A 385 -12.58 -23.67 6.63
CA TRP A 385 -13.66 -24.41 7.27
C TRP A 385 -13.40 -24.59 8.76
N GLN A 386 -14.48 -24.80 9.54
CA GLN A 386 -14.37 -25.19 10.96
C GLN A 386 -15.51 -26.10 11.39
N ARG A 387 -15.21 -26.96 12.38
CA ARG A 387 -16.18 -27.84 13.05
C ARG A 387 -15.95 -27.79 14.55
N GLY A 388 -16.98 -28.19 15.31
CA GLY A 388 -16.87 -28.43 16.74
C GLY A 388 -17.24 -27.27 17.64
N THR A 389 -17.27 -27.60 18.95
CA THR A 389 -17.50 -26.68 20.07
C THR A 389 -16.48 -26.96 21.15
N ARG A 390 -16.33 -25.99 22.08
CA ARG A 390 -15.39 -26.16 23.19
C ARG A 390 -15.61 -27.51 23.83
N GLU A 391 -14.51 -28.25 23.98
CA GLU A 391 -14.51 -29.51 24.72
C GLU A 391 -13.49 -29.46 25.84
N GLY A 392 -13.09 -28.26 26.24
CA GLY A 392 -12.04 -28.10 27.23
C GLY A 392 -11.55 -26.67 27.24
N TYR A 393 -10.42 -26.45 27.93
CA TYR A 393 -9.88 -25.09 28.10
C TYR A 393 -8.37 -25.15 28.31
N LYS A 394 -7.59 -24.76 27.29
CA LYS A 394 -6.13 -24.70 27.36
C LYS A 394 -5.70 -23.27 27.08
N PRO A 395 -5.59 -22.42 28.10
CA PRO A 395 -5.27 -21.01 27.85
C PRO A 395 -4.01 -20.77 27.05
N VAL A 396 -2.93 -21.53 27.24
CA VAL A 396 -1.76 -21.25 26.41
C VAL A 396 -2.05 -21.59 24.97
N ALA A 397 -2.46 -22.84 24.73
CA ALA A 397 -2.78 -23.30 23.39
C ALA A 397 -3.68 -22.29 22.68
N GLU A 398 -4.67 -21.77 23.39
CA GLU A 398 -5.54 -20.74 22.83
C GLU A 398 -4.79 -19.45 22.51
N ALA A 399 -3.93 -18.98 23.42
CA ALA A 399 -3.21 -17.74 23.13
C ALA A 399 -2.28 -17.90 21.93
N THR A 400 -1.57 -19.02 21.85
CA THR A 400 -0.69 -19.25 20.72
C THR A 400 -1.49 -19.36 19.43
N ALA A 401 -2.64 -20.07 19.47
CA ALA A 401 -3.54 -20.16 18.32
C ALA A 401 -3.99 -18.78 17.87
N ARG A 402 -4.27 -17.90 18.83
CA ARG A 402 -4.61 -16.52 18.49
C ARG A 402 -3.49 -15.88 17.69
N ILE A 403 -2.24 -16.03 18.15
CA ILE A 403 -1.12 -15.43 17.43
C ILE A 403 -0.97 -16.01 16.02
N ALA A 404 -1.11 -17.34 15.86
CA ALA A 404 -0.90 -18.00 14.58
C ALA A 404 -1.59 -17.33 13.41
N ARG A 405 -2.61 -16.51 13.69
CA ARG A 405 -3.36 -15.80 12.68
C ARG A 405 -3.10 -14.30 12.81
N LEU A 406 -3.62 -13.68 13.88
CA LEU A 406 -3.43 -12.27 14.20
C LEU A 406 -1.98 -11.83 14.12
N THR B 2 -32.59 -30.69 -11.08
CA THR B 2 -33.70 -31.56 -10.76
C THR B 2 -34.48 -30.85 -9.62
N ILE B 3 -34.13 -29.54 -9.43
CA ILE B 3 -34.50 -28.71 -8.28
C ILE B 3 -35.93 -28.17 -8.36
N GLU B 4 -36.55 -28.02 -7.17
CA GLU B 4 -37.91 -27.49 -7.04
C GLU B 4 -37.86 -26.28 -6.10
N TYR B 5 -38.32 -25.11 -6.57
CA TYR B 5 -38.24 -23.85 -5.80
C TYR B 5 -39.45 -23.67 -4.89
N LEU B 6 -39.28 -24.12 -3.65
CA LEU B 6 -40.32 -24.02 -2.62
C LEU B 6 -40.55 -22.59 -2.17
N LYS B 7 -39.53 -21.74 -2.24
CA LYS B 7 -39.66 -20.33 -1.99
C LYS B 7 -38.73 -19.65 -2.98
N LYS B 8 -39.21 -18.61 -3.65
CA LYS B 8 -38.35 -17.88 -4.57
C LYS B 8 -38.22 -16.47 -4.02
N ALA B 9 -37.06 -15.88 -4.27
CA ALA B 9 -36.81 -14.50 -3.84
C ALA B 9 -37.14 -13.53 -4.95
N SER B 10 -37.57 -12.33 -4.55
CA SER B 10 -37.97 -11.33 -5.53
C SER B 10 -36.80 -10.94 -6.42
N LEU B 11 -36.74 -11.65 -7.55
CA LEU B 11 -35.71 -11.61 -8.59
C LEU B 11 -34.31 -11.69 -7.96
N THR B 12 -34.10 -12.81 -7.23
CA THR B 12 -32.80 -13.33 -6.81
C THR B 12 -32.67 -14.81 -7.12
N SER B 13 -33.77 -15.46 -7.53
CA SER B 13 -33.88 -16.90 -7.78
C SER B 13 -33.08 -17.29 -9.01
N LYS B 14 -33.01 -18.61 -9.27
CA LYS B 14 -32.51 -19.08 -10.56
C LYS B 14 -33.65 -19.19 -11.56
N SER B 15 -33.26 -19.13 -12.85
CA SER B 15 -34.06 -18.99 -14.05
C SER B 15 -34.70 -17.60 -14.06
N ASP B 16 -34.59 -16.90 -12.92
CA ASP B 16 -34.46 -15.45 -12.94
C ASP B 16 -33.04 -15.06 -13.35
N ALA B 17 -32.06 -15.76 -12.76
CA ALA B 17 -30.62 -15.47 -12.90
C ALA B 17 -29.81 -16.37 -11.96
N SER B 18 -28.52 -16.40 -12.20
CA SER B 18 -27.58 -17.25 -11.50
C SER B 18 -26.86 -16.52 -10.38
N ASP B 19 -26.75 -15.22 -10.52
CA ASP B 19 -25.69 -14.46 -9.94
C ASP B 19 -26.17 -13.03 -9.71
N VAL B 20 -25.54 -12.32 -8.78
CA VAL B 20 -25.80 -10.90 -8.66
C VAL B 20 -25.41 -10.19 -9.94
N GLN B 21 -24.15 -10.38 -10.37
CA GLN B 21 -23.65 -9.74 -11.58
C GLN B 21 -24.58 -9.99 -12.76
N GLU B 22 -25.06 -11.24 -12.90
CA GLU B 22 -25.94 -11.60 -14.01
C GLU B 22 -27.24 -10.79 -13.98
N THR B 23 -27.84 -10.71 -12.81
CA THR B 23 -29.09 -9.97 -12.70
C THR B 23 -28.85 -8.50 -13.06
N VAL B 24 -27.79 -7.91 -12.51
CA VAL B 24 -27.53 -6.50 -12.76
C VAL B 24 -27.33 -6.25 -14.25
N ARG B 25 -26.51 -7.09 -14.90
CA ARG B 25 -26.27 -6.93 -16.35
C ARG B 25 -27.57 -7.00 -17.11
N ALA B 26 -28.38 -8.01 -16.78
CA ALA B 26 -29.68 -8.21 -17.44
C ALA B 26 -30.56 -6.97 -17.32
N ILE B 27 -30.71 -6.47 -16.09
CA ILE B 27 -31.56 -5.32 -15.82
C ILE B 27 -31.02 -4.09 -16.53
N LEU B 28 -29.70 -3.86 -16.44
CA LEU B 28 -29.08 -2.72 -17.10
C LEU B 28 -29.29 -2.77 -18.61
N ALA B 29 -29.03 -3.93 -19.23
CA ALA B 29 -29.19 -4.08 -20.67
C ALA B 29 -30.62 -3.76 -21.06
N ASP B 30 -31.58 -4.27 -20.26
CA ASP B 30 -33.00 -4.01 -20.51
C ASP B 30 -33.29 -2.54 -20.46
N ILE B 31 -32.73 -1.83 -19.46
CA ILE B 31 -33.02 -0.41 -19.37
C ILE B 31 -32.35 0.36 -20.50
N GLU B 32 -31.10 0.04 -20.88
CA GLU B 32 -30.50 0.79 -21.98
C GLU B 32 -31.33 0.63 -23.25
N ALA B 33 -31.80 -0.58 -23.53
CA ALA B 33 -32.68 -0.75 -24.69
C ALA B 33 -33.98 0.03 -24.51
N GLY B 34 -34.72 -0.24 -23.42
CA GLY B 34 -36.10 0.20 -23.28
C GLY B 34 -36.27 1.68 -22.97
N GLY B 35 -35.36 2.27 -22.22
CA GLY B 35 -35.49 3.65 -21.80
C GLY B 35 -36.42 3.81 -20.62
N ASP B 36 -37.05 4.98 -20.58
CA ASP B 36 -37.85 5.39 -19.44
C ASP B 36 -38.85 4.30 -19.05
N GLN B 37 -39.53 3.72 -20.04
CA GLN B 37 -40.65 2.86 -19.71
C GLN B 37 -40.17 1.59 -19.03
N VAL B 38 -39.09 0.99 -19.52
CA VAL B 38 -38.59 -0.24 -18.88
C VAL B 38 -38.05 0.06 -17.49
N ALA B 39 -37.37 1.20 -17.34
CA ALA B 39 -36.94 1.64 -16.02
C ALA B 39 -38.13 1.67 -15.07
N LEU B 40 -39.22 2.33 -15.50
CA LEU B 40 -40.44 2.39 -14.71
C LEU B 40 -40.98 1.00 -14.38
N ASP B 41 -40.90 0.09 -15.35
CA ASP B 41 -41.41 -1.25 -15.13
C ASP B 41 -40.70 -1.86 -13.94
N TYR B 42 -39.37 -1.82 -13.96
CA TYR B 42 -38.59 -2.37 -12.86
C TYR B 42 -38.93 -1.65 -11.54
N ALA B 43 -39.11 -0.33 -11.62
CA ALA B 43 -39.42 0.46 -10.44
C ALA B 43 -40.69 -0.05 -9.78
N ALA B 44 -41.80 -0.05 -10.53
CA ALA B 44 -43.06 -0.61 -10.06
C ALA B 44 -42.85 -2.02 -9.51
N LYS B 45 -42.20 -2.90 -10.29
CA LYS B 45 -42.06 -4.30 -9.90
C LYS B 45 -41.40 -4.46 -8.53
N PHE B 46 -40.22 -3.85 -8.35
CA PHE B 46 -39.35 -4.09 -7.19
C PHE B 46 -39.67 -3.18 -6.02
N ASP B 47 -39.84 -1.88 -6.34
CA ASP B 47 -40.18 -0.91 -5.34
C ASP B 47 -41.65 -0.97 -4.99
N ARG B 48 -42.53 -1.27 -5.98
CA ARG B 48 -43.95 -1.28 -5.61
C ARG B 48 -44.42 0.00 -4.92
N TYR B 49 -44.39 1.06 -5.71
CA TYR B 49 -44.74 2.40 -5.31
C TYR B 49 -45.38 3.05 -6.51
N GLU B 50 -46.51 3.71 -6.24
CA GLU B 50 -47.55 4.08 -7.18
C GLU B 50 -47.55 5.59 -7.45
N GLY B 51 -46.55 6.32 -6.92
CA GLY B 51 -46.39 7.72 -7.20
C GLY B 51 -45.30 8.04 -8.23
N SER B 52 -45.18 9.33 -8.52
CA SER B 52 -44.24 9.84 -9.52
C SER B 52 -42.80 9.66 -9.08
N ILE B 53 -41.93 9.61 -10.09
CA ILE B 53 -40.51 9.37 -9.89
C ILE B 53 -39.77 10.64 -9.53
N ILE B 54 -39.93 11.70 -10.29
CA ILE B 54 -39.27 12.97 -10.04
C ILE B 54 -40.23 13.87 -9.25
N LEU B 55 -39.89 14.16 -7.99
CA LEU B 55 -40.76 14.97 -7.12
C LEU B 55 -41.00 16.38 -7.69
N SER B 56 -42.27 16.78 -7.72
CA SER B 56 -42.64 18.16 -8.05
C SER B 56 -42.35 19.06 -6.87
N PRO B 57 -42.22 20.39 -7.08
CA PRO B 57 -42.10 21.30 -5.92
C PRO B 57 -43.19 21.06 -4.90
N GLU B 58 -44.42 20.76 -5.35
CA GLU B 58 -45.52 20.48 -4.45
C GLU B 58 -45.23 19.30 -3.56
N GLU B 59 -44.87 18.15 -4.17
CA GLU B 59 -44.59 16.94 -3.40
C GLU B 59 -43.42 17.19 -2.45
N ILE B 60 -42.39 17.91 -2.92
CA ILE B 60 -41.24 18.23 -2.09
C ILE B 60 -41.67 18.99 -0.84
N GLU B 61 -42.38 20.11 -1.02
CA GLU B 61 -42.80 20.95 0.12
C GLU B 61 -43.70 20.14 1.06
N ALA B 62 -44.60 19.32 0.50
CA ALA B 62 -45.44 18.47 1.33
C ALA B 62 -44.60 17.53 2.17
N ALA B 63 -43.53 16.97 1.56
CA ALA B 63 -42.61 16.07 2.25
C ALA B 63 -41.86 16.79 3.34
N CYS B 64 -41.34 17.97 3.01
CA CYS B 64 -40.66 18.82 3.97
C CYS B 64 -41.56 19.05 5.19
N ALA B 65 -42.84 19.30 4.94
CA ALA B 65 -43.76 19.63 6.03
C ALA B 65 -43.94 18.52 7.04
N LYS B 66 -43.67 17.26 6.67
CA LYS B 66 -43.88 16.11 7.56
C LYS B 66 -42.64 15.77 8.40
N VAL B 67 -41.60 16.59 8.38
CA VAL B 67 -40.37 16.31 9.12
C VAL B 67 -40.41 17.06 10.46
N PRO B 68 -40.29 16.40 11.61
CA PRO B 68 -40.30 17.10 12.90
C PRO B 68 -39.28 18.23 12.94
N GLU B 69 -39.68 19.35 13.53
CA GLU B 69 -38.83 20.52 13.56
C GLU B 69 -37.51 20.24 14.28
N LYS B 70 -37.51 19.30 15.24
CA LYS B 70 -36.24 18.92 15.87
C LYS B 70 -35.26 18.36 14.87
N LEU B 71 -35.73 17.45 14.01
CA LEU B 71 -34.91 16.79 13.01
C LEU B 71 -34.51 17.77 11.93
N LYS B 72 -35.43 18.64 11.51
CA LYS B 72 -35.05 19.71 10.60
C LYS B 72 -33.88 20.51 11.15
N ALA B 73 -33.95 20.84 12.44
CA ALA B 73 -32.86 21.61 13.05
C ALA B 73 -31.57 20.81 13.04
N ASP B 74 -31.67 19.52 13.36
CA ASP B 74 -30.53 18.62 13.35
C ASP B 74 -29.87 18.62 11.99
N ILE B 75 -30.68 18.41 10.97
CA ILE B 75 -30.21 18.33 9.60
C ILE B 75 -29.58 19.64 9.17
N ARG B 76 -30.19 20.79 9.53
CA ARG B 76 -29.62 22.09 9.20
C ARG B 76 -28.26 22.28 9.85
N PHE B 77 -28.09 21.75 11.06
CA PHE B 77 -26.83 21.87 11.76
C PHE B 77 -25.77 21.03 11.05
N ALA B 78 -26.13 19.79 10.68
CA ALA B 78 -25.22 18.94 9.91
C ALA B 78 -24.84 19.60 8.57
N HIS B 79 -25.83 20.09 7.84
CA HIS B 79 -25.58 20.77 6.57
C HIS B 79 -24.62 21.91 6.75
N ASP B 80 -24.88 22.79 7.74
CA ASP B 80 -24.01 23.93 7.95
C ASP B 80 -22.58 23.50 8.19
N ASN B 81 -22.36 22.48 9.04
CA ASN B 81 -20.98 22.03 9.25
C ASN B 81 -20.36 21.56 7.96
N VAL B 82 -21.04 20.65 7.27
CA VAL B 82 -20.45 20.03 6.09
C VAL B 82 -20.22 21.08 5.01
N ARG B 83 -21.13 22.05 4.90
CA ARG B 83 -20.98 23.10 3.88
C ARG B 83 -19.74 23.94 4.13
N ARG B 84 -19.58 24.45 5.36
CA ARG B 84 -18.43 25.29 5.66
C ARG B 84 -17.14 24.52 5.46
N PHE B 85 -17.12 23.26 5.92
CA PHE B 85 -15.92 22.44 5.73
C PHE B 85 -15.60 22.30 4.24
N ALA B 86 -16.62 21.98 3.44
CA ALA B 86 -16.43 21.78 2.01
C ALA B 86 -15.90 23.04 1.35
N GLU B 87 -16.43 24.21 1.68
CA GLU B 87 -15.96 25.43 1.03
C GLU B 87 -14.54 25.81 1.44
N THR B 88 -14.14 25.47 2.67
CA THR B 88 -12.72 25.48 3.01
C THR B 88 -11.90 24.61 2.05
N GLN B 89 -12.25 23.32 1.95
CA GLN B 89 -11.52 22.50 0.98
C GLN B 89 -11.56 23.05 -0.44
N LYS B 90 -12.69 23.59 -0.87
CA LYS B 90 -12.78 24.07 -2.24
C LYS B 90 -11.94 25.31 -2.47
N ALA B 91 -11.80 26.16 -1.46
CA ALA B 91 -10.92 27.32 -1.60
C ALA B 91 -9.48 26.90 -1.88
N THR B 92 -9.10 25.69 -1.49
CA THR B 92 -7.74 25.24 -1.74
C THR B 92 -7.53 24.86 -3.19
N LEU B 93 -8.62 24.80 -3.97
CA LEU B 93 -8.57 24.35 -5.36
C LEU B 93 -8.75 25.53 -6.31
N THR B 94 -7.76 26.43 -6.28
CA THR B 94 -7.62 27.50 -7.26
C THR B 94 -6.73 27.05 -8.41
N ASP B 95 -7.04 27.54 -9.61
CA ASP B 95 -6.24 27.23 -10.81
C ASP B 95 -4.76 27.61 -10.60
N VAL B 96 -3.83 26.72 -10.96
CA VAL B 96 -2.40 27.03 -10.87
C VAL B 96 -1.74 26.99 -12.25
N GLU B 97 -0.76 27.88 -12.47
CA GLU B 97 0.01 28.01 -13.70
C GLU B 97 1.49 28.07 -13.36
N LEU B 98 2.29 27.30 -14.07
CA LEU B 98 3.72 27.15 -13.78
C LEU B 98 4.59 27.16 -15.03
N GLU B 99 5.62 28.02 -15.07
CA GLU B 99 6.66 27.89 -16.09
C GLU B 99 7.75 26.92 -15.62
N VAL B 100 7.48 25.62 -15.78
CA VAL B 100 8.44 24.58 -15.36
C VAL B 100 9.81 24.81 -15.97
N VAL B 101 9.83 25.10 -17.27
CA VAL B 101 11.04 25.39 -18.02
C VAL B 101 10.77 26.68 -18.76
N PRO B 102 11.79 27.57 -19.01
CA PRO B 102 11.50 28.79 -19.78
C PRO B 102 10.76 28.46 -21.07
N GLY B 103 9.61 29.07 -21.26
CA GLY B 103 8.85 28.91 -22.48
C GLY B 103 7.82 27.80 -22.47
N VAL B 104 7.84 26.92 -21.45
CA VAL B 104 6.94 25.78 -21.33
C VAL B 104 6.05 26.02 -20.11
N ILE B 105 4.77 26.25 -20.33
CA ILE B 105 3.87 26.54 -19.22
C ILE B 105 2.92 25.36 -19.01
N THR B 106 3.01 24.68 -17.86
CA THR B 106 2.00 23.68 -17.49
C THR B 106 1.08 24.27 -16.42
N GLY B 107 -0.20 23.92 -16.48
CA GLY B 107 -1.17 24.34 -15.47
C GLY B 107 -2.00 23.17 -14.97
N GLN B 108 -2.70 23.37 -13.85
CA GLN B 108 -3.70 22.45 -13.32
C GLN B 108 -4.95 23.21 -12.91
N LYS B 109 -6.11 22.60 -13.15
CA LYS B 109 -7.37 23.14 -12.64
C LYS B 109 -8.29 21.98 -12.31
N ALA B 110 -9.19 22.21 -11.33
CA ALA B 110 -10.31 21.35 -11.02
C ALA B 110 -11.58 21.88 -11.68
N ILE B 111 -12.22 21.04 -12.47
CA ILE B 111 -13.49 21.30 -13.15
C ILE B 111 -14.59 20.55 -12.39
N PRO B 112 -15.71 21.19 -12.08
CA PRO B 112 -16.83 20.42 -11.52
C PRO B 112 -17.51 19.61 -12.63
N VAL B 113 -17.94 18.37 -12.32
CA VAL B 113 -18.61 17.52 -13.30
C VAL B 113 -20.02 18.03 -13.60
N ASP B 114 -20.52 17.67 -14.79
CA ASP B 114 -21.83 18.11 -15.21
C ASP B 114 -22.88 17.71 -14.18
N ALA B 115 -22.89 16.43 -13.84
CA ALA B 115 -23.96 15.85 -13.05
C ALA B 115 -23.42 14.84 -12.04
N ALA B 116 -23.89 15.00 -10.81
CA ALA B 116 -23.65 14.05 -9.76
C ALA B 116 -24.98 13.38 -9.41
N GLY B 117 -24.95 12.06 -9.31
CA GLY B 117 -26.07 11.26 -8.83
C GLY B 117 -25.73 10.75 -7.44
N CYS B 118 -26.69 10.90 -6.51
CA CYS B 118 -26.53 10.52 -5.10
C CYS B 118 -27.56 9.50 -4.67
N TYR B 119 -27.10 8.30 -4.33
CA TYR B 119 -27.97 7.24 -3.84
C TYR B 119 -28.13 7.30 -2.32
N VAL B 120 -29.38 7.19 -1.86
CA VAL B 120 -29.75 7.22 -0.44
C VAL B 120 -30.64 6.01 -0.16
N PRO B 121 -30.20 5.04 0.63
CA PRO B 121 -30.95 3.76 0.69
C PRO B 121 -32.25 3.80 1.49
N GLY B 122 -32.51 4.88 2.21
CA GLY B 122 -33.67 4.94 3.08
C GLY B 122 -33.49 6.11 4.02
N GLY B 123 -34.21 6.06 5.13
CA GLY B 123 -34.31 7.21 6.02
C GLY B 123 -33.66 7.06 7.37
N ARG B 124 -32.86 6.03 7.60
CA ARG B 124 -32.15 5.82 8.86
C ARG B 124 -31.15 6.98 9.07
N TYR B 125 -30.79 7.22 10.34
CA TYR B 125 -29.95 8.37 10.71
C TYR B 125 -28.65 8.43 9.91
N SER B 126 -27.96 7.29 9.80
CA SER B 126 -26.74 7.25 9.00
C SER B 126 -27.02 7.63 7.56
N HIS B 127 -28.16 7.18 7.03
CA HIS B 127 -28.50 7.51 5.65
C HIS B 127 -28.70 9.01 5.48
N ILE B 128 -29.34 9.66 6.45
CA ILE B 128 -29.50 11.11 6.35
C ILE B 128 -28.12 11.79 6.38
N ALA B 129 -27.21 11.30 7.22
CA ALA B 129 -25.88 11.88 7.23
C ALA B 129 -25.23 11.76 5.86
N SER B 130 -25.26 10.55 5.30
CA SER B 130 -24.76 10.30 3.95
C SER B 130 -25.39 11.26 2.93
N ALA B 131 -26.71 11.41 2.96
CA ALA B 131 -27.35 12.29 2.00
C ALA B 131 -26.86 13.71 2.15
N ILE B 132 -26.73 14.21 3.40
CA ILE B 132 -26.29 15.60 3.62
C ILE B 132 -24.87 15.75 3.12
N MET B 133 -24.03 14.94 3.66
CA MET B 133 -22.67 14.78 3.29
C MET B 133 -22.43 14.76 1.77
N THR B 134 -23.02 13.81 1.06
CA THR B 134 -22.78 13.72 -0.38
C THR B 134 -23.40 14.90 -1.14
N VAL B 135 -24.70 15.21 -0.92
CA VAL B 135 -25.32 16.27 -1.72
C VAL B 135 -24.68 17.63 -1.44
N THR B 136 -24.40 17.94 -0.18
CA THR B 136 -23.71 19.18 0.13
C THR B 136 -22.33 19.21 -0.50
N THR B 137 -21.56 18.13 -0.36
CA THR B 137 -20.22 18.14 -0.93
C THR B 137 -20.26 18.42 -2.43
N ALA B 138 -21.11 17.66 -3.16
CA ALA B 138 -21.28 17.88 -4.59
C ALA B 138 -21.76 19.30 -4.88
N LYS B 139 -22.56 19.89 -3.99
CA LYS B 139 -23.05 21.23 -4.31
C LYS B 139 -21.89 22.20 -4.29
N VAL B 140 -21.16 22.18 -3.18
CA VAL B 140 -20.02 23.06 -2.98
C VAL B 140 -19.01 22.88 -4.10
N ALA B 141 -18.75 21.61 -4.47
CA ALA B 141 -17.84 21.28 -5.58
C ALA B 141 -18.22 21.98 -6.87
N GLY B 142 -19.49 22.25 -7.07
CA GLY B 142 -19.95 23.01 -8.20
C GLY B 142 -20.69 22.24 -9.25
N CYS B 143 -21.32 21.13 -8.91
CA CYS B 143 -22.06 20.36 -9.90
C CYS B 143 -23.24 21.15 -10.40
N LYS B 144 -23.32 21.30 -11.71
CA LYS B 144 -24.40 22.05 -12.31
C LYS B 144 -25.71 21.34 -12.08
N HIS B 145 -25.69 20.03 -11.89
CA HIS B 145 -26.92 19.27 -11.69
C HIS B 145 -26.73 18.13 -10.71
N ILE B 146 -27.48 18.14 -9.60
CA ILE B 146 -27.36 17.09 -8.58
C ILE B 146 -28.67 16.34 -8.42
N MET B 147 -28.62 15.02 -8.65
CA MET B 147 -29.74 14.09 -8.52
C MET B 147 -29.59 13.29 -7.25
N ALA B 148 -30.62 13.33 -6.41
CA ALA B 148 -30.71 12.44 -5.26
C ALA B 148 -31.84 11.46 -5.50
N CYS B 149 -31.54 10.16 -5.40
CA CYS B 149 -32.62 9.17 -5.45
C CYS B 149 -32.60 8.29 -4.21
N SER B 150 -33.79 7.92 -3.75
CA SER B 150 -33.96 7.00 -2.67
C SER B 150 -35.15 6.09 -2.96
N PRO B 151 -35.06 4.78 -2.65
CA PRO B 151 -36.18 3.88 -2.90
C PRO B 151 -37.42 4.33 -2.16
N PRO B 152 -38.54 4.50 -2.85
CA PRO B 152 -39.78 4.86 -2.16
C PRO B 152 -40.31 3.69 -1.36
N ARG B 153 -40.94 4.02 -0.26
CA ARG B 153 -41.60 3.03 0.59
C ARG B 153 -43.09 3.06 0.24
N PRO B 154 -43.80 1.93 0.25
CA PRO B 154 -45.13 1.89 -0.40
C PRO B 154 -46.11 2.86 0.23
N GLY B 155 -46.74 3.66 -0.61
CA GLY B 155 -47.69 4.68 -0.20
C GLY B 155 -47.08 5.93 0.40
N VAL B 156 -45.89 5.81 0.99
CA VAL B 156 -45.23 6.95 1.62
C VAL B 156 -44.31 7.69 0.65
N GLY B 157 -43.61 6.96 -0.23
CA GLY B 157 -42.63 7.59 -1.08
C GLY B 157 -41.26 7.67 -0.43
N VAL B 158 -40.47 8.65 -0.87
CA VAL B 158 -39.18 8.90 -0.25
C VAL B 158 -39.41 9.36 1.19
N ALA B 159 -38.58 8.83 2.11
CA ALA B 159 -38.58 9.30 3.49
C ALA B 159 -38.59 10.82 3.49
N PRO B 160 -39.60 11.46 4.08
CA PRO B 160 -39.62 12.92 4.08
C PRO B 160 -38.32 13.53 4.57
N ALA B 161 -37.65 12.88 5.53
CA ALA B 161 -36.36 13.34 6.00
C ALA B 161 -35.33 13.37 4.86
N ILE B 162 -35.29 12.32 4.04
CA ILE B 162 -34.34 12.36 2.94
C ILE B 162 -34.65 13.51 2.00
N VAL B 163 -35.96 13.77 1.79
CA VAL B 163 -36.35 14.87 0.91
C VAL B 163 -35.85 16.19 1.48
N TYR B 164 -36.04 16.39 2.79
CA TYR B 164 -35.59 17.61 3.45
C TYR B 164 -34.10 17.82 3.29
N ALA B 165 -33.30 16.84 3.72
CA ALA B 165 -31.85 16.93 3.59
C ALA B 165 -31.45 17.21 2.14
N ALA B 166 -31.91 16.37 1.19
CA ALA B 166 -31.58 16.55 -0.21
C ALA B 166 -31.91 17.96 -0.67
N HIS B 167 -33.11 18.43 -0.34
CA HIS B 167 -33.53 19.73 -0.87
C HIS B 167 -32.67 20.86 -0.29
N ILE B 168 -32.50 20.91 1.05
CA ILE B 168 -31.74 22.03 1.61
C ILE B 168 -30.26 21.92 1.24
N CYS B 169 -29.75 20.70 1.03
CA CYS B 169 -28.32 20.56 0.81
C CYS B 169 -27.89 20.91 -0.61
N GLY B 170 -28.87 21.08 -1.54
CA GLY B 170 -28.65 21.66 -2.85
C GLY B 170 -29.11 20.81 -4.04
N ALA B 171 -29.80 19.71 -3.76
CA ALA B 171 -30.20 18.79 -4.82
C ALA B 171 -31.10 19.46 -5.83
N ASP B 172 -30.73 19.34 -7.11
CA ASP B 172 -31.59 19.77 -8.22
C ASP B 172 -32.75 18.79 -8.47
N THR B 173 -32.56 17.48 -8.33
CA THR B 173 -33.63 16.52 -8.63
C THR B 173 -33.74 15.51 -7.51
N ILE B 174 -34.94 15.24 -7.03
CA ILE B 174 -35.15 14.21 -6.03
C ILE B 174 -36.02 13.11 -6.63
N MET B 175 -35.54 11.86 -6.58
CA MET B 175 -36.13 10.77 -7.34
C MET B 175 -36.66 9.67 -6.45
N ALA B 176 -37.92 9.28 -6.69
CA ALA B 176 -38.50 8.16 -5.97
C ALA B 176 -38.28 6.89 -6.80
N ILE B 177 -37.03 6.45 -6.81
CA ILE B 177 -36.66 5.22 -7.50
C ILE B 177 -35.40 4.70 -6.83
N GLY B 178 -35.34 3.37 -6.68
CA GLY B 178 -34.29 2.72 -5.94
C GLY B 178 -33.65 1.62 -6.75
N GLY B 179 -32.62 1.01 -6.16
CA GLY B 179 -31.96 -0.16 -6.63
C GLY B 179 -31.39 0.06 -8.01
N VAL B 180 -31.30 -1.07 -8.73
CA VAL B 180 -30.58 -1.05 -10.00
C VAL B 180 -31.23 -0.05 -10.95
N GLN B 181 -32.57 -0.01 -10.98
CA GLN B 181 -33.31 0.85 -11.90
C GLN B 181 -32.99 2.34 -11.67
N GLY B 182 -32.85 2.76 -10.40
CA GLY B 182 -32.46 4.11 -9.99
C GLY B 182 -31.02 4.45 -10.35
N VAL B 183 -30.07 3.54 -10.04
CA VAL B 183 -28.71 3.80 -10.53
C VAL B 183 -28.72 4.00 -12.02
N ALA B 184 -29.42 3.09 -12.73
CA ALA B 184 -29.53 3.15 -14.18
C ALA B 184 -30.09 4.48 -14.63
N SER B 185 -31.18 4.93 -13.97
CA SER B 185 -31.88 6.14 -14.37
C SER B 185 -30.97 7.36 -14.26
N MET B 186 -30.19 7.47 -13.17
CA MET B 186 -29.23 8.58 -13.13
C MET B 186 -28.11 8.41 -14.15
N ALA B 187 -27.55 7.19 -14.23
CA ALA B 187 -26.39 6.93 -15.08
C ALA B 187 -26.69 7.19 -16.56
N PHE B 188 -27.88 6.83 -17.03
CA PHE B 188 -28.22 6.88 -18.47
C PHE B 188 -28.98 8.12 -18.88
N GLY B 189 -29.17 9.10 -17.96
CA GLY B 189 -29.92 10.30 -18.26
C GLY B 189 -31.35 10.04 -18.69
N LEU B 190 -32.06 9.15 -18.00
CA LEU B 190 -33.46 8.87 -18.32
C LEU B 190 -34.32 10.03 -17.88
N PHE B 191 -35.58 10.03 -18.36
CA PHE B 191 -36.63 10.97 -17.92
C PHE B 191 -36.25 12.43 -18.15
N GLY B 192 -35.47 12.71 -19.18
CA GLY B 192 -35.02 14.06 -19.47
C GLY B 192 -33.93 14.57 -18.55
N LEU B 193 -33.45 13.74 -17.64
CA LEU B 193 -32.40 14.10 -16.72
C LEU B 193 -31.05 14.03 -17.45
N PRO B 194 -30.04 14.77 -16.98
CA PRO B 194 -28.69 14.59 -17.53
C PRO B 194 -28.06 13.28 -17.10
N LYS B 195 -27.10 12.82 -17.90
CA LYS B 195 -26.37 11.61 -17.60
C LYS B 195 -25.46 11.86 -16.41
N ALA B 196 -25.72 11.17 -15.30
CA ALA B 196 -24.84 11.33 -14.14
C ALA B 196 -23.43 10.96 -14.51
N LYS B 197 -22.50 11.91 -14.33
CA LYS B 197 -21.10 11.62 -14.58
C LYS B 197 -20.50 10.91 -13.38
N ILE B 198 -20.91 11.25 -12.16
CA ILE B 198 -20.49 10.44 -11.01
C ILE B 198 -21.70 9.99 -10.21
N LEU B 199 -21.56 8.84 -9.54
CA LEU B 199 -22.59 8.28 -8.69
C LEU B 199 -22.02 7.98 -7.30
N VAL B 200 -22.51 8.65 -6.26
CA VAL B 200 -21.99 8.41 -4.91
C VAL B 200 -23.11 7.91 -4.00
N GLY B 201 -22.72 7.18 -2.96
CA GLY B 201 -23.69 6.76 -1.97
C GLY B 201 -23.75 5.27 -1.68
N PRO B 202 -23.99 4.91 -0.42
CA PRO B 202 -24.05 3.48 -0.06
C PRO B 202 -25.30 2.80 -0.62
N GLY B 203 -25.25 1.46 -0.69
CA GLY B 203 -26.39 0.71 -1.18
C GLY B 203 -26.10 -0.77 -1.13
N ASN B 204 -27.17 -1.56 -1.29
CA ASN B 204 -27.07 -3.03 -1.28
C ASN B 204 -26.16 -3.60 -2.36
N GLN B 205 -26.08 -4.93 -2.43
CA GLN B 205 -25.23 -5.63 -3.40
C GLN B 205 -25.63 -5.29 -4.83
N PHE B 206 -26.95 -5.21 -5.09
CA PHE B 206 -27.43 -4.89 -6.43
C PHE B 206 -26.95 -3.50 -6.86
N VAL B 207 -27.16 -2.49 -6.02
CA VAL B 207 -26.76 -1.13 -6.32
C VAL B 207 -25.23 -1.04 -6.47
N ALA B 208 -24.51 -1.66 -5.56
CA ALA B 208 -23.06 -1.56 -5.63
C ALA B 208 -22.52 -2.17 -6.93
N GLU B 209 -23.09 -3.30 -7.38
CA GLU B 209 -22.66 -3.88 -8.64
C GLU B 209 -23.07 -3.03 -9.81
N ALA B 210 -24.29 -2.48 -9.79
CA ALA B 210 -24.71 -1.61 -10.89
C ALA B 210 -23.79 -0.43 -11.02
N LYS B 211 -23.30 0.09 -9.89
CA LYS B 211 -22.46 1.27 -10.05
C LYS B 211 -21.03 0.86 -10.37
N ARG B 212 -20.58 -0.30 -9.90
CA ARG B 212 -19.34 -0.87 -10.41
C ARG B 212 -19.39 -1.05 -11.92
N MET B 213 -20.50 -1.56 -12.44
CA MET B 213 -20.60 -1.81 -13.87
C MET B 213 -20.49 -0.51 -14.64
N LEU B 214 -21.26 0.50 -14.23
CA LEU B 214 -21.41 1.72 -15.03
C LEU B 214 -20.31 2.73 -14.78
N PHE B 215 -19.72 2.73 -13.59
CA PHE B 215 -18.78 3.76 -13.17
C PHE B 215 -17.40 3.22 -12.88
N GLY B 216 -17.23 1.89 -12.84
CA GLY B 216 -15.95 1.29 -12.56
C GLY B 216 -14.85 1.76 -13.48
N ARG B 217 -13.63 1.40 -13.07
CA ARG B 217 -12.39 1.65 -13.78
C ARG B 217 -12.04 3.11 -13.54
N THR B 227 -7.49 5.50 -22.23
CA THR B 227 -6.77 6.35 -23.18
C THR B 227 -7.50 6.40 -24.53
N ASP B 228 -8.03 7.58 -24.80
CA ASP B 228 -8.56 8.03 -26.07
C ASP B 228 -7.80 9.32 -26.40
N SER B 229 -7.77 9.68 -27.69
CA SER B 229 -7.07 10.89 -28.11
C SER B 229 -7.93 11.75 -29.02
N LEU B 230 -7.74 13.06 -28.93
CA LEU B 230 -8.46 13.94 -29.83
C LEU B 230 -7.58 15.11 -30.23
N ILE B 231 -7.64 15.48 -31.52
CA ILE B 231 -6.97 16.65 -32.05
C ILE B 231 -8.03 17.62 -32.53
N LEU B 232 -8.05 18.80 -31.93
CA LEU B 232 -8.85 19.90 -32.45
C LEU B 232 -8.03 20.70 -33.44
N ALA B 233 -8.52 20.84 -34.68
CA ALA B 233 -7.79 21.57 -35.71
C ALA B 233 -8.70 22.58 -36.41
N ASP B 234 -8.20 23.79 -36.65
CA ASP B 234 -8.91 24.73 -37.52
C ASP B 234 -8.12 24.95 -38.83
N ARG B 235 -8.57 25.91 -39.66
CA ARG B 235 -7.98 26.09 -40.99
C ARG B 235 -6.47 26.29 -40.93
N THR B 236 -5.95 26.77 -39.80
CA THR B 236 -4.53 27.11 -39.73
C THR B 236 -3.62 25.93 -39.47
N ALA B 237 -4.16 24.81 -38.99
CA ALA B 237 -3.31 23.66 -38.67
C ALA B 237 -2.59 23.13 -39.92
N ASP B 238 -1.41 22.61 -39.70
CA ASP B 238 -0.54 22.02 -40.73
C ASP B 238 -0.92 20.59 -41.07
N PRO B 239 -1.45 20.34 -42.28
CA PRO B 239 -1.85 18.96 -42.66
C PRO B 239 -0.80 17.89 -42.42
N HIS B 240 0.48 18.21 -42.68
CA HIS B 240 1.55 17.24 -42.41
C HIS B 240 1.61 16.94 -40.91
N ILE B 241 1.50 17.97 -40.06
CA ILE B 241 1.63 17.76 -38.61
C ILE B 241 0.48 16.88 -38.11
N VAL B 242 -0.75 17.20 -38.54
CA VAL B 242 -1.93 16.46 -38.12
C VAL B 242 -1.82 15.01 -38.58
N THR B 243 -1.46 14.82 -39.84
CA THR B 243 -1.41 13.47 -40.38
C THR B 243 -0.37 12.64 -39.67
N THR B 244 0.82 13.21 -39.43
CA THR B 244 1.87 12.49 -38.72
C THR B 244 1.42 12.12 -37.29
N ASP B 245 0.86 13.09 -36.53
CA ASP B 245 0.38 12.78 -35.18
C ASP B 245 -0.67 11.67 -35.21
N LEU B 246 -1.64 11.75 -36.15
CA LEU B 246 -2.68 10.73 -36.26
C LEU B 246 -2.09 9.39 -36.67
N VAL B 247 -1.08 9.38 -37.55
CA VAL B 247 -0.44 8.14 -37.92
C VAL B 247 0.39 7.63 -36.75
N SER B 248 1.13 8.53 -36.13
CA SER B 248 1.90 8.21 -34.94
C SER B 248 1.01 7.93 -33.73
N GLN B 249 -0.31 8.12 -33.85
CA GLN B 249 -1.28 7.57 -32.91
C GLN B 249 -1.64 6.14 -33.23
N ALA B 250 -1.19 5.62 -34.38
CA ALA B 250 -1.27 4.20 -34.64
C ALA B 250 0.08 3.53 -34.42
N GLU B 251 0.88 4.13 -33.55
CA GLU B 251 2.18 3.64 -33.10
C GLU B 251 2.21 3.76 -31.58
N HIS B 252 2.17 2.62 -30.88
CA HIS B 252 2.12 2.57 -29.41
C HIS B 252 0.79 3.14 -28.91
N GLY B 253 -0.34 2.60 -29.40
CA GLY B 253 -1.63 3.16 -29.07
C GLY B 253 -2.59 3.04 -30.24
N TYR B 254 -2.54 1.89 -30.89
CA TYR B 254 -3.16 1.61 -32.15
C TYR B 254 -4.45 0.89 -31.99
N ASN B 255 -4.68 0.45 -30.79
CA ASN B 255 -5.97 0.12 -30.23
C ASN B 255 -6.69 1.31 -29.60
N SER B 256 -5.99 2.36 -29.18
CA SER B 256 -6.62 3.55 -28.58
C SER B 256 -7.36 4.40 -29.62
N PRO B 257 -8.67 4.67 -29.47
CA PRO B 257 -9.39 5.48 -30.47
C PRO B 257 -8.72 6.84 -30.67
N VAL B 258 -8.88 7.39 -31.88
CA VAL B 258 -8.35 8.71 -32.18
C VAL B 258 -9.46 9.51 -32.86
N TRP B 259 -9.58 10.79 -32.51
CA TRP B 259 -10.51 11.68 -33.19
C TRP B 259 -9.80 12.87 -33.79
N LEU B 260 -10.24 13.26 -34.96
CA LEU B 260 -9.91 14.54 -35.56
C LEU B 260 -11.17 15.36 -35.55
N VAL B 261 -11.16 16.50 -34.86
CA VAL B 261 -12.34 17.36 -34.83
C VAL B 261 -11.96 18.67 -35.46
N THR B 262 -12.57 18.98 -36.61
CA THR B 262 -12.20 20.21 -37.28
C THR B 262 -13.46 20.92 -37.76
N ASP B 263 -13.32 22.22 -38.01
CA ASP B 263 -14.43 22.98 -38.56
C ASP B 263 -14.21 23.32 -40.02
N ASP B 264 -13.07 22.92 -40.57
CA ASP B 264 -12.63 23.21 -41.93
C ASP B 264 -12.64 21.94 -42.77
N ARG B 265 -13.61 21.80 -43.68
CA ARG B 265 -13.66 20.59 -44.52
C ARG B 265 -12.37 20.38 -45.31
N ALA B 266 -11.80 21.46 -45.87
CA ALA B 266 -10.61 21.32 -46.70
C ALA B 266 -9.52 20.54 -45.98
N LEU B 267 -9.18 20.98 -44.77
CA LEU B 267 -8.13 20.32 -43.98
C LEU B 267 -8.43 18.85 -43.85
N ALA B 268 -9.63 18.53 -43.35
CA ALA B 268 -9.99 17.13 -43.12
C ALA B 268 -9.83 16.31 -44.38
N GLU B 269 -10.34 16.79 -45.49
CA GLU B 269 -10.29 16.01 -46.73
C GLU B 269 -8.84 15.78 -47.11
N LYS B 270 -8.01 16.82 -46.97
CA LYS B 270 -6.58 16.69 -47.26
C LYS B 270 -5.89 15.68 -46.34
N VAL B 271 -6.27 15.64 -45.07
CA VAL B 271 -5.64 14.72 -44.14
C VAL B 271 -5.99 13.29 -44.49
N ILE B 272 -7.28 13.06 -44.76
CA ILE B 272 -7.76 11.73 -45.15
C ILE B 272 -7.07 11.28 -46.44
N GLU B 273 -6.89 12.18 -47.40
CA GLU B 273 -6.20 11.75 -48.61
C GLU B 273 -4.73 11.45 -48.33
N MET B 274 -4.10 12.18 -47.41
CA MET B 274 -2.69 11.91 -47.16
C MET B 274 -2.46 10.60 -46.39
N ILE B 275 -3.46 10.11 -45.64
CA ILE B 275 -3.21 9.02 -44.66
C ILE B 275 -2.55 7.80 -45.37
N PRO B 276 -3.09 7.23 -46.46
CA PRO B 276 -2.50 5.97 -46.96
C PRO B 276 -1.08 6.15 -47.50
N SER B 277 -0.74 7.29 -48.09
CA SER B 277 0.63 7.48 -48.56
C SER B 277 1.62 7.53 -47.39
N TYR B 278 1.17 8.01 -46.22
CA TYR B 278 2.00 8.01 -45.02
C TYR B 278 2.11 6.63 -44.41
N ILE B 279 1.02 5.87 -44.45
CA ILE B 279 1.13 4.49 -44.05
C ILE B 279 2.14 3.78 -44.94
N ALA B 280 2.24 4.21 -46.21
CA ALA B 280 3.17 3.57 -47.13
C ALA B 280 4.64 3.80 -46.74
N ASP B 281 4.98 4.97 -46.16
CA ASP B 281 6.39 5.34 -46.00
C ASP B 281 6.99 4.94 -44.67
N LEU B 282 6.49 3.87 -44.05
CA LEU B 282 7.02 3.39 -42.79
C LEU B 282 7.27 1.89 -42.83
N PRO B 283 8.01 1.33 -41.87
CA PRO B 283 8.39 -0.10 -41.94
C PRO B 283 7.18 -1.02 -41.82
N GLU B 284 7.37 -2.28 -42.28
CA GLU B 284 6.18 -3.12 -42.50
C GLU B 284 5.59 -3.70 -41.22
N VAL B 285 6.40 -3.92 -40.16
CA VAL B 285 5.78 -4.28 -38.89
C VAL B 285 4.73 -3.23 -38.54
N ASN B 286 4.99 -1.98 -38.93
CA ASN B 286 4.07 -0.88 -38.65
C ASN B 286 2.91 -0.87 -39.64
N ARG B 287 3.15 -1.20 -40.92
CA ARG B 287 2.27 -0.79 -42.00
C ARG B 287 0.89 -1.44 -41.89
N ASP B 288 0.85 -2.73 -41.54
CA ASP B 288 -0.43 -3.41 -41.36
C ASP B 288 -1.14 -2.92 -40.11
N ASN B 289 -0.43 -2.82 -38.98
CA ASN B 289 -1.05 -2.35 -37.74
C ASN B 289 -1.65 -0.98 -37.92
N ALA B 290 -0.89 -0.05 -38.51
CA ALA B 290 -1.38 1.29 -38.73
C ALA B 290 -2.60 1.28 -39.64
N ALA B 291 -2.50 0.67 -40.83
CA ALA B 291 -3.67 0.67 -41.70
C ALA B 291 -4.90 0.16 -40.94
N ALA B 292 -4.72 -0.94 -40.20
CA ALA B 292 -5.82 -1.46 -39.40
C ALA B 292 -6.33 -0.41 -38.43
N ALA B 293 -5.42 0.17 -37.64
CA ALA B 293 -5.76 1.12 -36.59
C ALA B 293 -6.57 2.28 -37.12
N TRP B 294 -6.10 2.86 -38.21
CA TRP B 294 -6.85 3.93 -38.86
C TRP B 294 -8.25 3.47 -39.21
N ARG B 295 -8.37 2.30 -39.85
CA ARG B 295 -9.70 1.81 -40.21
C ARG B 295 -10.59 1.60 -38.99
N ASP B 296 -10.03 1.04 -37.93
CA ASP B 296 -10.80 0.47 -36.83
C ASP B 296 -11.13 1.49 -35.76
N TYR B 297 -10.21 2.42 -35.52
CA TYR B 297 -10.30 3.31 -34.37
C TYR B 297 -10.34 4.79 -34.69
N ALA B 298 -9.83 5.23 -35.85
CA ALA B 298 -9.75 6.66 -36.14
C ALA B 298 -11.03 7.24 -36.73
N GLU B 299 -11.38 8.46 -36.31
CA GLU B 299 -12.51 9.21 -36.88
C GLU B 299 -12.16 10.63 -37.18
N VAL B 300 -12.74 11.15 -38.26
CA VAL B 300 -12.60 12.54 -38.63
C VAL B 300 -13.98 13.15 -38.64
N ILE B 301 -14.18 14.18 -37.85
CA ILE B 301 -15.49 14.76 -37.59
C ILE B 301 -15.44 16.23 -37.99
N LEU B 302 -16.33 16.61 -38.92
CA LEU B 302 -16.41 18.00 -39.36
C LEU B 302 -17.55 18.69 -38.63
N CYS B 303 -17.26 19.88 -38.13
CA CYS B 303 -18.15 20.71 -37.34
C CYS B 303 -18.40 21.99 -38.11
N ALA B 304 -19.46 22.70 -37.71
CA ALA B 304 -19.78 23.95 -38.37
C ALA B 304 -18.75 25.00 -38.00
N ASP B 305 -18.52 25.19 -36.70
CA ASP B 305 -17.63 26.24 -36.23
C ASP B 305 -16.86 25.70 -35.04
N ARG B 306 -15.95 26.53 -34.53
CA ARG B 306 -15.13 26.10 -33.41
C ARG B 306 -15.97 25.77 -32.18
N GLU B 307 -17.06 26.49 -31.95
CA GLU B 307 -17.90 26.15 -30.80
C GLU B 307 -18.35 24.70 -30.88
N GLU B 308 -18.83 24.30 -32.06
CA GLU B 308 -19.29 22.94 -32.24
C GLU B 308 -18.13 22.01 -31.89
N MET B 309 -16.90 22.41 -32.29
CA MET B 309 -15.67 21.65 -32.04
C MET B 309 -15.44 21.43 -30.54
N ALA B 310 -15.32 22.53 -29.77
CA ALA B 310 -15.14 22.44 -28.33
C ALA B 310 -16.24 21.60 -27.71
N ALA B 311 -17.48 21.80 -28.15
CA ALA B 311 -18.60 21.04 -27.60
C ALA B 311 -18.42 19.56 -27.84
N THR B 312 -18.03 19.19 -29.07
CA THR B 312 -17.71 17.80 -29.36
C THR B 312 -16.61 17.30 -28.44
N SER B 313 -15.51 18.05 -28.36
CA SER B 313 -14.39 17.69 -27.50
C SER B 313 -14.85 17.37 -26.09
N ASP B 314 -15.52 18.33 -25.44
CA ASP B 314 -16.00 18.10 -24.09
C ASP B 314 -16.86 16.85 -24.01
N ARG B 315 -17.81 16.70 -24.94
CA ARG B 315 -18.69 15.55 -24.89
C ARG B 315 -17.92 14.25 -25.04
N TYR B 316 -16.80 14.28 -25.73
CA TYR B 316 -16.02 13.06 -25.92
C TYR B 316 -15.07 12.83 -24.77
N ALA B 317 -14.73 13.90 -24.04
CA ALA B 317 -13.89 13.94 -22.84
C ALA B 317 -12.62 13.13 -23.03
N PRO B 318 -11.69 13.59 -23.86
CA PRO B 318 -10.54 12.77 -24.23
C PRO B 318 -9.39 12.81 -23.23
N GLU B 319 -8.71 11.65 -23.09
CA GLU B 319 -7.57 11.54 -22.19
C GLU B 319 -6.41 12.39 -22.67
N HIS B 320 -6.12 12.33 -23.96
CA HIS B 320 -5.07 13.10 -24.61
C HIS B 320 -5.73 14.07 -25.59
N LEU B 321 -5.45 15.35 -25.46
CA LEU B 321 -6.12 16.34 -26.28
C LEU B 321 -5.11 17.34 -26.83
N THR B 322 -4.96 17.42 -28.15
CA THR B 322 -4.06 18.38 -28.77
C THR B 322 -4.84 19.41 -29.58
N VAL B 323 -4.52 20.70 -29.40
CA VAL B 323 -5.25 21.79 -30.06
C VAL B 323 -4.33 22.52 -31.04
N MET B 324 -4.65 22.43 -32.33
CA MET B 324 -3.90 23.08 -33.40
C MET B 324 -4.83 24.10 -34.07
N ALA B 325 -5.05 25.23 -33.38
CA ALA B 325 -5.96 26.25 -33.87
C ALA B 325 -5.53 27.60 -33.34
N GLU B 326 -6.09 28.65 -33.94
CA GLU B 326 -5.85 30.02 -33.49
C GLU B 326 -6.56 30.28 -32.18
N ASP B 327 -6.16 31.35 -31.50
CA ASP B 327 -6.84 31.85 -30.31
C ASP B 327 -6.75 30.82 -29.19
N LEU B 328 -5.51 30.37 -28.96
CA LEU B 328 -5.25 29.30 -27.98
C LEU B 328 -5.76 29.68 -26.59
N ASP B 329 -5.70 30.97 -26.26
CA ASP B 329 -6.25 31.46 -25.00
C ASP B 329 -7.72 31.08 -24.90
N TRP B 330 -8.47 31.26 -25.98
CA TRP B 330 -9.88 30.87 -25.97
C TRP B 330 -10.03 29.39 -25.74
N TRP B 331 -9.22 28.56 -26.39
CA TRP B 331 -9.40 27.13 -26.21
C TRP B 331 -9.14 26.74 -24.76
N LEU B 332 -8.12 27.35 -24.16
CA LEU B 332 -7.85 27.08 -22.76
C LEU B 332 -9.03 27.46 -21.89
N ASP B 333 -9.66 28.61 -22.19
CA ASP B 333 -10.81 29.03 -21.38
C ASP B 333 -12.01 28.12 -21.57
N ARG B 334 -12.30 27.74 -22.83
CA ARG B 334 -13.54 27.08 -23.21
C ARG B 334 -13.55 25.59 -22.87
N LEU B 335 -12.56 24.83 -23.35
CA LEU B 335 -12.58 23.38 -23.14
C LEU B 335 -12.67 23.04 -21.65
N SER B 336 -13.47 22.01 -21.31
CA SER B 336 -13.72 21.72 -19.90
C SER B 336 -13.31 20.30 -19.52
N CYS B 337 -13.75 19.28 -20.26
CA CYS B 337 -13.55 17.88 -19.86
C CYS B 337 -12.56 17.26 -20.82
N TYR B 338 -11.34 17.07 -20.34
CA TYR B 338 -10.27 16.42 -21.06
C TYR B 338 -9.34 15.83 -20.03
N GLY B 339 -8.31 15.14 -20.49
CA GLY B 339 -7.29 14.65 -19.59
C GLY B 339 -6.08 15.56 -19.53
N SER B 340 -5.28 15.55 -20.59
CA SER B 340 -4.12 16.40 -20.71
C SER B 340 -4.29 17.22 -21.98
N LEU B 341 -4.33 18.54 -21.84
CA LEU B 341 -4.50 19.45 -22.97
C LEU B 341 -3.14 19.96 -23.43
N PHE B 342 -2.83 19.82 -24.73
CA PHE B 342 -1.65 20.40 -25.35
C PHE B 342 -2.07 21.52 -26.29
N LEU B 343 -1.85 22.77 -25.86
CA LEU B 343 -2.18 23.93 -26.67
C LEU B 343 -1.04 24.23 -27.63
N GLY B 344 -1.35 24.22 -28.91
CA GLY B 344 -0.42 24.58 -29.95
C GLY B 344 0.22 23.37 -30.59
N GLU B 345 0.53 23.51 -31.88
CA GLU B 345 1.16 22.49 -32.69
C GLU B 345 2.53 22.12 -32.19
N GLU B 346 3.07 22.92 -31.28
CA GLU B 346 4.44 22.78 -30.79
C GLU B 346 4.58 21.58 -29.86
N SER B 347 3.95 21.64 -28.67
CA SER B 347 4.14 20.66 -27.57
C SER B 347 4.44 19.21 -28.01
N SER B 375 -14.98 14.90 0.84
CA SER B 375 -14.11 15.91 0.22
C SER B 375 -14.51 16.24 -1.25
N VAL B 376 -14.38 17.51 -1.62
CA VAL B 376 -14.85 17.98 -2.92
C VAL B 376 -14.19 17.24 -4.09
N HIS B 377 -13.02 16.64 -3.85
CA HIS B 377 -12.26 15.97 -4.91
C HIS B 377 -13.03 14.91 -5.67
N LYS B 378 -13.76 14.04 -5.00
CA LYS B 378 -14.40 13.00 -5.79
C LYS B 378 -15.38 13.57 -6.81
N TYR B 379 -15.88 14.80 -6.61
CA TYR B 379 -16.92 15.38 -7.46
C TYR B 379 -16.34 16.21 -8.60
N MET B 380 -15.00 16.22 -8.72
CA MET B 380 -14.29 17.13 -9.61
C MET B 380 -13.30 16.37 -10.49
N LYS B 381 -13.22 16.82 -11.76
CA LYS B 381 -12.18 16.40 -12.70
C LYS B 381 -10.93 17.26 -12.52
N ILE B 382 -9.75 16.65 -12.38
CA ILE B 382 -8.48 17.38 -12.37
C ILE B 382 -7.85 17.35 -13.76
N VAL B 383 -7.79 18.51 -14.42
CA VAL B 383 -7.26 18.60 -15.77
C VAL B 383 -5.93 19.36 -15.77
N THR B 384 -4.98 18.85 -16.55
CA THR B 384 -3.66 19.44 -16.68
C THR B 384 -3.52 19.90 -18.12
N TRP B 385 -2.95 21.10 -18.29
CA TRP B 385 -2.73 21.61 -19.64
C TRP B 385 -1.30 22.09 -19.73
N GLN B 386 -0.79 22.19 -20.95
CA GLN B 386 0.48 22.88 -21.17
C GLN B 386 0.53 23.45 -22.57
N ARG B 387 1.22 24.59 -22.69
CA ARG B 387 1.47 25.30 -23.93
C ARG B 387 2.92 25.73 -23.99
N GLY B 388 3.39 25.99 -25.22
CA GLY B 388 4.74 26.48 -25.48
C GLY B 388 5.68 25.32 -25.69
N THR B 389 6.91 25.66 -26.04
CA THR B 389 7.99 24.68 -26.19
C THR B 389 9.20 25.20 -25.45
N ARG B 390 10.18 24.31 -25.25
CA ARG B 390 11.39 24.70 -24.53
C ARG B 390 12.29 25.61 -25.36
N GLU B 391 12.94 26.58 -24.67
CA GLU B 391 12.84 27.85 -25.30
C GLU B 391 13.85 28.68 -24.48
N GLY B 392 15.04 28.04 -24.41
CA GLY B 392 16.24 28.28 -23.65
C GLY B 392 16.73 26.96 -23.08
N TYR B 393 17.46 27.03 -21.96
CA TYR B 393 18.03 25.82 -21.34
C TYR B 393 17.83 25.82 -19.82
N LYS B 394 18.72 26.48 -19.09
CA LYS B 394 18.63 26.61 -17.63
C LYS B 394 18.68 25.20 -17.00
N PRO B 395 19.88 24.63 -16.81
CA PRO B 395 19.98 23.25 -16.28
C PRO B 395 19.34 23.04 -14.92
N VAL B 396 19.42 24.01 -14.02
CA VAL B 396 18.89 23.88 -12.66
C VAL B 396 17.38 23.68 -12.69
N ALA B 397 16.67 24.55 -13.41
CA ALA B 397 15.24 24.41 -13.54
C ALA B 397 14.87 23.01 -14.04
N GLU B 398 15.64 22.48 -14.99
CA GLU B 398 15.41 21.12 -15.48
C GLU B 398 15.52 20.12 -14.35
N ALA B 399 16.63 20.20 -13.60
CA ALA B 399 16.85 19.24 -12.52
C ALA B 399 15.76 19.34 -11.47
N THR B 400 15.32 20.56 -11.17
CA THR B 400 14.25 20.80 -10.20
C THR B 400 12.93 20.21 -10.69
N ALA B 401 12.62 20.43 -11.97
CA ALA B 401 11.41 19.87 -12.57
C ALA B 401 11.44 18.35 -12.56
N ARG B 402 12.62 17.75 -12.84
CA ARG B 402 12.74 16.30 -12.84
C ARG B 402 12.56 15.72 -11.45
N ILE B 403 13.22 16.27 -10.43
CA ILE B 403 12.97 15.76 -9.08
C ILE B 403 11.52 15.97 -8.67
N ALA B 404 10.87 17.04 -9.18
CA ALA B 404 9.49 17.36 -8.82
C ALA B 404 8.48 16.31 -9.28
N ARG B 405 8.96 15.13 -9.69
CA ARG B 405 8.13 14.01 -10.17
C ARG B 405 7.35 14.36 -11.45
N LEU B 406 7.91 15.22 -12.30
CA LEU B 406 7.42 15.57 -13.66
C LEU B 406 6.08 16.33 -13.53
N GLU B 407 5.14 16.14 -14.47
CA GLU B 407 3.77 16.67 -14.36
C GLU B 407 3.71 18.18 -14.12
N MET C 1 40.97 -13.61 13.48
CA MET C 1 42.04 -14.49 13.92
C MET C 1 43.35 -14.04 13.25
N THR C 2 43.63 -14.73 12.14
CA THR C 2 44.79 -14.45 11.29
C THR C 2 44.78 -13.05 10.72
N ILE C 3 43.61 -12.49 10.46
CA ILE C 3 43.50 -11.80 9.19
C ILE C 3 44.48 -10.63 9.15
N GLU C 4 45.10 -10.43 7.99
CA GLU C 4 46.15 -9.45 7.83
C GLU C 4 45.66 -8.48 6.78
N TYR C 5 45.61 -7.21 7.14
CA TYR C 5 45.07 -6.21 6.23
C TYR C 5 46.19 -5.68 5.34
N LEU C 6 46.30 -6.23 4.13
CA LEU C 6 47.37 -5.79 3.23
C LEU C 6 47.12 -4.35 2.78
N LYS C 7 45.83 -3.92 2.73
CA LYS C 7 45.34 -2.55 2.74
C LYS C 7 44.50 -2.44 4.02
N LYS C 8 43.76 -1.33 4.15
CA LYS C 8 42.93 -1.00 5.32
C LYS C 8 42.24 0.29 4.97
N ALA C 9 40.91 0.26 5.03
CA ALA C 9 40.10 1.35 4.58
C ALA C 9 40.14 2.45 5.59
N SER C 10 40.27 3.62 5.08
CA SER C 10 40.43 4.69 6.00
C SER C 10 39.11 5.17 6.65
N LEU C 11 38.00 4.45 6.45
CA LEU C 11 36.79 4.69 7.22
C LEU C 11 35.72 3.58 7.31
N THR C 12 36.00 2.38 6.79
CA THR C 12 35.09 1.23 6.86
C THR C 12 35.88 -0.09 6.83
N SER C 13 36.26 -0.58 8.01
CA SER C 13 37.20 -1.70 8.13
C SER C 13 36.65 -2.74 9.11
N LYS C 14 37.57 -3.52 9.67
CA LYS C 14 37.46 -3.71 11.10
C LYS C 14 38.84 -3.33 11.67
N SER C 15 38.94 -3.33 13.01
CA SER C 15 39.93 -2.60 13.81
C SER C 15 39.69 -1.10 13.70
N ASP C 16 38.58 -0.69 13.09
CA ASP C 16 37.93 0.62 13.19
C ASP C 16 36.53 0.52 13.76
N ALA C 17 35.90 -0.64 13.53
CA ALA C 17 34.50 -0.95 13.79
C ALA C 17 34.10 -2.13 12.92
N SER C 18 32.94 -2.70 13.17
CA SER C 18 32.54 -3.90 12.45
C SER C 18 31.64 -3.62 11.26
N ASP C 19 30.81 -2.60 11.36
CA ASP C 19 29.69 -2.37 10.48
C ASP C 19 29.47 -0.88 10.35
N VAL C 20 28.78 -0.52 9.29
CA VAL C 20 28.51 0.90 9.05
C VAL C 20 27.90 1.51 10.31
N GLN C 21 26.85 0.90 10.82
CA GLN C 21 26.20 1.34 12.07
C GLN C 21 27.12 1.32 13.26
N GLU C 22 27.98 0.30 13.39
CA GLU C 22 28.81 0.30 14.58
C GLU C 22 29.60 1.60 14.54
N THR C 23 30.11 1.97 13.34
CA THR C 23 30.81 3.23 13.15
C THR C 23 29.89 4.40 13.47
N VAL C 24 28.71 4.41 12.86
CA VAL C 24 27.82 5.57 12.96
C VAL C 24 27.47 5.83 14.41
N ARG C 25 27.06 4.79 15.13
CA ARG C 25 26.77 4.88 16.56
C ARG C 25 27.99 5.35 17.31
N ALA C 26 29.15 4.76 17.03
CA ALA C 26 30.38 5.16 17.72
C ALA C 26 30.57 6.66 17.60
N ILE C 27 30.45 7.15 16.36
CA ILE C 27 30.68 8.54 16.01
C ILE C 27 29.67 9.45 16.70
N LEU C 28 28.38 9.08 16.63
CA LEU C 28 27.34 9.87 17.26
C LEU C 28 27.56 9.92 18.76
N ALA C 29 27.85 8.76 19.37
CA ALA C 29 28.10 8.72 20.81
C ALA C 29 29.27 9.60 21.18
N ASP C 30 30.34 9.54 20.37
CA ASP C 30 31.53 10.37 20.58
C ASP C 30 31.16 11.83 20.51
N ILE C 31 30.40 12.22 19.49
CA ILE C 31 30.04 13.61 19.29
C ILE C 31 29.08 14.07 20.40
N GLU C 32 28.14 13.22 20.78
CA GLU C 32 27.18 13.52 21.83
C GLU C 32 27.88 13.75 23.17
N ALA C 33 28.85 12.90 23.51
CA ALA C 33 29.65 13.15 24.72
C ALA C 33 30.46 14.44 24.59
N GLY C 34 31.25 14.56 23.52
CA GLY C 34 32.26 15.60 23.37
C GLY C 34 31.80 17.03 23.06
N GLY C 35 30.72 17.16 22.29
CA GLY C 35 30.24 18.46 21.87
C GLY C 35 30.97 19.01 20.66
N ASP C 36 30.98 20.36 20.60
CA ASP C 36 31.48 21.09 19.44
C ASP C 36 32.83 20.54 19.00
N GLN C 37 33.71 20.27 19.97
CA GLN C 37 35.10 19.93 19.68
C GLN C 37 35.20 18.59 18.99
N VAL C 38 34.49 17.58 19.47
CA VAL C 38 34.60 16.26 18.85
C VAL C 38 33.96 16.30 17.46
N ALA C 39 32.86 17.06 17.31
CA ALA C 39 32.34 17.28 15.97
C ALA C 39 33.44 17.82 15.05
N LEU C 40 34.10 18.89 15.49
CA LEU C 40 35.17 19.57 14.74
C LEU C 40 36.27 18.60 14.37
N ASP C 41 36.65 17.73 15.32
CA ASP C 41 37.70 16.74 15.09
C ASP C 41 37.30 15.82 13.95
N TYR C 42 36.08 15.29 14.01
CA TYR C 42 35.64 14.40 12.94
C TYR C 42 35.57 15.11 11.59
N ALA C 43 35.12 16.38 11.60
CA ALA C 43 35.05 17.17 10.38
C ALA C 43 36.42 17.31 9.76
N ALA C 44 37.37 17.81 10.54
CA ALA C 44 38.75 17.89 10.08
C ALA C 44 39.18 16.56 9.47
N LYS C 45 39.06 15.47 10.24
CA LYS C 45 39.54 14.17 9.77
C LYS C 45 38.94 13.81 8.42
N PHE C 46 37.60 13.85 8.31
CA PHE C 46 36.91 13.21 7.20
C PHE C 46 36.79 14.13 6.00
N ASP C 47 36.44 15.41 6.22
CA ASP C 47 36.29 16.39 5.16
C ASP C 47 37.61 17.03 4.75
N ARG C 48 38.55 17.22 5.69
CA ARG C 48 39.85 17.82 5.36
C ARG C 48 39.66 19.24 4.86
N TYR C 49 39.13 20.11 5.73
CA TYR C 49 38.92 21.51 5.41
C TYR C 49 39.09 22.27 6.72
N GLU C 50 39.95 23.29 6.71
CA GLU C 50 40.27 24.00 7.94
C GLU C 50 39.78 25.43 7.93
N GLY C 51 38.66 25.68 7.25
CA GLY C 51 37.94 26.92 7.40
C GLY C 51 36.89 26.72 8.45
N SER C 52 36.15 27.78 8.72
CA SER C 52 35.14 27.70 9.77
C SER C 52 33.97 26.79 9.37
N ILE C 53 33.32 26.24 10.38
CA ILE C 53 32.22 25.31 10.14
C ILE C 53 30.95 26.05 9.75
N ILE C 54 30.60 27.09 10.51
CA ILE C 54 29.45 27.95 10.19
C ILE C 54 29.97 29.12 9.35
N LEU C 55 29.56 29.19 8.08
CA LEU C 55 29.99 30.30 7.25
C LEU C 55 29.58 31.66 7.82
N SER C 56 30.57 32.53 7.94
CA SER C 56 30.36 33.92 8.28
C SER C 56 29.74 34.63 7.09
N PRO C 57 29.07 35.76 7.33
CA PRO C 57 28.51 36.55 6.23
C PRO C 57 29.51 36.91 5.13
N GLU C 58 30.74 37.24 5.49
CA GLU C 58 31.76 37.57 4.50
C GLU C 58 31.99 36.39 3.56
N GLU C 59 32.11 35.19 4.14
CA GLU C 59 32.36 34.00 3.35
C GLU C 59 31.24 33.75 2.35
N ILE C 60 30.01 33.97 2.80
CA ILE C 60 28.85 33.88 1.93
C ILE C 60 28.97 34.85 0.77
N GLU C 61 29.33 36.11 1.08
CA GLU C 61 29.52 37.09 0.02
C GLU C 61 30.55 36.62 -0.99
N ALA C 62 31.69 36.12 -0.50
CA ALA C 62 32.76 35.61 -1.35
C ALA C 62 32.30 34.41 -2.18
N ALA C 63 31.48 33.54 -1.60
CA ALA C 63 30.94 32.39 -2.31
C ALA C 63 29.98 32.81 -3.40
N CYS C 64 28.97 33.60 -3.02
CA CYS C 64 28.01 34.12 -3.97
C CYS C 64 28.72 34.81 -5.13
N ALA C 65 29.80 35.54 -4.82
CA ALA C 65 30.51 36.31 -5.84
C ALA C 65 31.06 35.42 -6.94
N LYS C 66 31.36 34.14 -6.63
CA LYS C 66 31.98 33.25 -7.60
C LYS C 66 30.96 32.55 -8.51
N VAL C 67 29.68 32.87 -8.40
CA VAL C 67 28.60 32.18 -9.12
C VAL C 67 28.27 32.96 -10.35
N PRO C 68 28.40 32.40 -11.57
CA PRO C 68 28.06 33.12 -12.80
C PRO C 68 26.62 33.60 -12.78
N GLU C 69 26.41 34.81 -13.30
CA GLU C 69 25.09 35.43 -13.29
C GLU C 69 24.07 34.58 -14.03
N LYS C 70 24.51 33.82 -15.03
CA LYS C 70 23.61 32.88 -15.68
C LYS C 70 23.10 31.81 -14.72
N LEU C 71 24.01 31.24 -13.91
CA LEU C 71 23.61 30.21 -12.97
C LEU C 71 22.70 30.78 -11.88
N LYS C 72 23.06 31.98 -11.37
CA LYS C 72 22.20 32.69 -10.42
C LYS C 72 20.80 32.87 -11.01
N ALA C 73 20.71 33.31 -12.26
CA ALA C 73 19.40 33.55 -12.87
C ALA C 73 18.59 32.26 -12.93
N ASP C 74 19.27 31.18 -13.30
CA ASP C 74 18.69 29.84 -13.30
C ASP C 74 18.15 29.48 -11.91
N ILE C 75 19.00 29.68 -10.90
CA ILE C 75 18.65 29.29 -9.54
C ILE C 75 17.44 30.06 -9.05
N ARG C 76 17.42 31.37 -9.29
CA ARG C 76 16.25 32.17 -8.93
C ARG C 76 15.02 31.71 -9.68
N PHE C 77 15.17 31.20 -10.90
CA PHE C 77 13.99 30.72 -11.63
C PHE C 77 13.43 29.42 -11.03
N ALA C 78 14.33 28.47 -10.76
CA ALA C 78 13.95 27.23 -10.06
C ALA C 78 13.35 27.53 -8.70
N HIS C 79 14.00 28.41 -7.94
CA HIS C 79 13.48 28.91 -6.67
C HIS C 79 12.06 29.44 -6.85
N ASP C 80 11.86 30.30 -7.86
CA ASP C 80 10.55 30.87 -8.13
C ASP C 80 9.50 29.76 -8.21
N ASN C 81 9.79 28.76 -9.04
CA ASN C 81 8.84 27.66 -9.26
C ASN C 81 8.56 26.92 -7.95
N VAL C 82 9.61 26.53 -7.24
CA VAL C 82 9.43 25.70 -6.06
C VAL C 82 8.62 26.44 -5.01
N ARG C 83 8.85 27.74 -4.86
CA ARG C 83 8.30 28.40 -3.69
C ARG C 83 6.81 28.61 -4.00
N ARG C 84 6.51 28.99 -5.29
CA ARG C 84 5.13 29.19 -5.76
C ARG C 84 4.34 27.90 -5.55
N PHE C 85 4.92 26.75 -5.95
CA PHE C 85 4.28 25.45 -5.70
C PHE C 85 4.05 25.21 -4.20
N ALA C 86 5.08 25.44 -3.38
CA ALA C 86 4.97 25.22 -1.94
C ALA C 86 3.89 26.10 -1.31
N GLU C 87 3.81 27.38 -1.69
CA GLU C 87 2.79 28.24 -1.08
C GLU C 87 1.40 27.79 -1.49
N THR C 88 1.26 27.27 -2.71
CA THR C 88 0.05 26.54 -3.07
C THR C 88 -0.25 25.46 -2.05
N GLN C 89 0.68 24.51 -1.90
CA GLN C 89 0.51 23.42 -0.93
C GLN C 89 0.17 23.94 0.45
N LYS C 90 0.82 25.02 0.89
CA LYS C 90 0.62 25.50 2.25
C LYS C 90 -0.78 26.10 2.46
N ALA C 91 -1.38 26.64 1.39
CA ALA C 91 -2.76 27.10 1.51
C ALA C 91 -3.71 25.97 1.83
N THR C 92 -3.37 24.72 1.48
CA THR C 92 -4.32 23.64 1.74
C THR C 92 -4.32 23.24 3.21
N LEU C 93 -3.32 23.69 3.96
CA LEU C 93 -3.20 23.34 5.36
C LEU C 93 -3.52 24.59 6.18
N THR C 94 -4.79 24.97 6.08
CA THR C 94 -5.46 26.00 6.86
C THR C 94 -6.03 25.40 8.14
N ASP C 95 -6.09 26.21 9.21
CA ASP C 95 -6.73 25.73 10.45
C ASP C 95 -8.18 25.32 10.18
N VAL C 96 -8.65 24.31 10.92
CA VAL C 96 -10.04 23.92 10.89
C VAL C 96 -10.65 23.99 12.29
N GLU C 97 -11.96 24.25 12.34
CA GLU C 97 -12.75 24.10 13.56
C GLU C 97 -14.08 23.46 13.19
N LEU C 98 -14.44 22.37 13.86
CA LEU C 98 -15.68 21.66 13.58
C LEU C 98 -16.41 21.38 14.88
N GLU C 99 -17.65 21.86 15.00
CA GLU C 99 -18.54 21.48 16.10
C GLU C 99 -19.05 20.07 15.79
N VAL C 100 -18.22 19.08 16.13
CA VAL C 100 -18.53 17.68 15.82
C VAL C 100 -19.88 17.31 16.45
N VAL C 101 -20.07 17.69 17.71
CA VAL C 101 -21.31 17.52 18.47
C VAL C 101 -21.62 18.88 19.09
N PRO C 102 -22.89 19.26 19.25
CA PRO C 102 -23.18 20.55 19.89
C PRO C 102 -22.50 20.64 21.24
N GLY C 103 -21.71 21.69 21.41
CA GLY C 103 -21.01 21.91 22.64
C GLY C 103 -19.59 21.39 22.67
N VAL C 104 -19.17 20.60 21.68
CA VAL C 104 -17.82 20.05 21.59
C VAL C 104 -17.17 20.51 20.28
N ILE C 105 -16.11 21.34 20.36
CA ILE C 105 -15.41 21.85 19.18
C ILE C 105 -14.08 21.12 19.03
N THR C 106 -13.91 20.39 17.92
CA THR C 106 -12.62 19.80 17.54
C THR C 106 -11.96 20.64 16.45
N GLY C 107 -10.62 20.75 16.54
CA GLY C 107 -9.86 21.47 15.54
C GLY C 107 -8.57 20.77 15.15
N GLN C 108 -8.00 21.27 14.05
CA GLN C 108 -6.65 20.94 13.58
C GLN C 108 -5.91 22.19 13.14
N LYS C 109 -4.57 22.14 13.32
CA LYS C 109 -3.64 23.14 12.83
C LYS C 109 -2.42 22.43 12.25
N ALA C 110 -1.83 23.03 11.22
CA ALA C 110 -0.51 22.67 10.73
C ALA C 110 0.50 23.65 11.36
N ILE C 111 1.43 23.11 12.12
CA ILE C 111 2.44 23.88 12.85
C ILE C 111 3.82 23.60 12.25
N PRO C 112 4.60 24.63 11.92
CA PRO C 112 5.96 24.38 11.44
C PRO C 112 6.88 24.01 12.58
N VAL C 113 7.79 23.06 12.32
CA VAL C 113 8.79 22.69 13.33
C VAL C 113 9.81 23.81 13.50
N ASP C 114 10.42 23.84 14.70
CA ASP C 114 11.36 24.89 15.09
C ASP C 114 12.49 25.03 14.08
N ALA C 115 13.24 23.94 13.83
CA ALA C 115 14.43 23.99 13.00
C ALA C 115 14.49 22.78 12.07
N ALA C 116 14.81 23.05 10.79
CA ALA C 116 15.03 22.01 9.79
C ALA C 116 16.49 22.00 9.36
N GLY C 117 17.08 20.80 9.29
CA GLY C 117 18.39 20.62 8.75
C GLY C 117 18.28 20.01 7.36
N CYS C 118 19.00 20.61 6.40
CA CYS C 118 18.99 20.19 5.00
C CYS C 118 20.40 19.80 4.61
N TYR C 119 20.61 18.53 4.31
CA TYR C 119 21.90 18.01 3.89
C TYR C 119 21.98 18.08 2.37
N VAL C 120 23.12 18.56 1.86
CA VAL C 120 23.36 18.73 0.44
C VAL C 120 24.68 18.04 0.12
N PRO C 121 24.72 17.01 -0.72
CA PRO C 121 25.98 16.24 -0.82
C PRO C 121 27.08 16.97 -1.55
N GLY C 122 26.78 18.06 -2.23
CA GLY C 122 27.77 18.66 -3.08
C GLY C 122 27.14 19.71 -3.95
N GLY C 123 27.82 20.02 -5.06
CA GLY C 123 27.44 21.16 -5.87
C GLY C 123 26.99 20.80 -7.25
N ARG C 124 26.71 19.52 -7.46
CA ARG C 124 26.20 19.05 -8.74
C ARG C 124 24.82 19.67 -9.03
N TYR C 125 24.47 19.70 -10.32
CA TYR C 125 23.23 20.32 -10.73
C TYR C 125 22.02 19.70 -10.02
N SER C 126 22.00 18.36 -9.95
CA SER C 126 20.94 17.69 -9.20
C SER C 126 20.98 18.14 -7.73
N HIS C 127 22.18 18.35 -7.17
CA HIS C 127 22.30 18.80 -5.79
C HIS C 127 21.76 20.21 -5.62
N ILE C 128 22.00 21.09 -6.59
CA ILE C 128 21.47 22.45 -6.49
C ILE C 128 19.96 22.42 -6.45
N ALA C 129 19.34 21.60 -7.32
CA ALA C 129 17.88 21.42 -7.29
C ALA C 129 17.45 20.90 -5.93
N SER C 130 18.15 19.88 -5.42
CA SER C 130 17.86 19.36 -4.09
C SER C 130 17.86 20.46 -3.04
N ALA C 131 18.92 21.26 -3.01
CA ALA C 131 19.05 22.32 -2.01
C ALA C 131 17.90 23.31 -2.14
N ILE C 132 17.53 23.65 -3.36
CA ILE C 132 16.44 24.60 -3.52
C ILE C 132 15.15 24.03 -2.95
N MET C 133 14.78 22.83 -3.41
CA MET C 133 13.57 22.24 -2.87
C MET C 133 13.57 22.22 -1.37
N THR C 134 14.62 21.65 -0.78
CA THR C 134 14.58 21.44 0.65
C THR C 134 14.55 22.79 1.40
N VAL C 135 15.46 23.72 1.08
CA VAL C 135 15.45 24.96 1.83
C VAL C 135 14.19 25.78 1.54
N THR C 136 13.73 25.82 0.29
CA THR C 136 12.54 26.58 -0.07
C THR C 136 11.27 26.02 0.55
N THR C 137 11.05 24.71 0.41
CA THR C 137 9.87 24.12 1.04
C THR C 137 9.91 24.34 2.54
N ALA C 138 11.07 24.08 3.20
CA ALA C 138 11.19 24.34 4.63
C ALA C 138 10.90 25.80 4.97
N LYS C 139 11.29 26.74 4.10
CA LYS C 139 11.03 28.14 4.42
C LYS C 139 9.54 28.44 4.33
N VAL C 140 8.94 28.12 3.18
CA VAL C 140 7.51 28.36 3.01
C VAL C 140 6.74 27.69 4.14
N ALA C 141 7.17 26.51 4.57
CA ALA C 141 6.59 25.83 5.72
C ALA C 141 6.58 26.72 6.97
N GLY C 142 7.56 27.61 7.12
CA GLY C 142 7.60 28.55 8.21
C GLY C 142 8.54 28.16 9.34
N CYS C 143 9.55 27.32 9.06
CA CYS C 143 10.50 26.91 10.09
C CYS C 143 11.31 28.10 10.54
N LYS C 144 11.40 28.28 11.85
CA LYS C 144 12.07 29.46 12.37
C LYS C 144 13.57 29.42 12.05
N HIS C 145 14.17 28.23 11.98
CA HIS C 145 15.61 28.13 11.75
C HIS C 145 15.91 27.00 10.78
N ILE C 146 16.50 27.34 9.65
CA ILE C 146 16.87 26.38 8.62
C ILE C 146 18.40 26.39 8.47
N MET C 147 19.01 25.21 8.58
CA MET C 147 20.43 24.99 8.37
C MET C 147 20.64 24.21 7.07
N ALA C 148 21.52 24.70 6.21
CA ALA C 148 21.97 23.90 5.07
C ALA C 148 23.43 23.53 5.27
N CYS C 149 23.76 22.23 5.32
CA CYS C 149 25.17 21.87 5.34
C CYS C 149 25.54 21.08 4.10
N SER C 150 26.77 21.28 3.65
CA SER C 150 27.34 20.55 2.54
C SER C 150 28.79 20.20 2.87
N PRO C 151 29.25 19.01 2.54
CA PRO C 151 30.65 18.68 2.76
C PRO C 151 31.53 19.59 1.92
N PRO C 152 32.47 20.31 2.54
CA PRO C 152 33.35 21.19 1.77
C PRO C 152 34.37 20.41 0.97
N ARG C 153 34.85 21.05 -0.08
CA ARG C 153 36.03 20.61 -0.81
C ARG C 153 37.20 21.39 -0.22
N PRO C 154 38.37 20.75 -0.11
CA PRO C 154 39.50 21.36 0.62
C PRO C 154 40.01 22.61 -0.07
N GLY C 155 40.20 23.67 0.71
CA GLY C 155 40.65 24.90 0.11
C GLY C 155 39.59 25.64 -0.67
N VAL C 156 38.55 24.96 -1.12
CA VAL C 156 37.50 25.56 -1.95
C VAL C 156 36.34 26.08 -1.09
N GLY C 157 36.02 25.35 0.00
CA GLY C 157 34.86 25.59 0.86
C GLY C 157 33.62 24.82 0.42
N VAL C 158 32.45 25.31 0.88
CA VAL C 158 31.18 24.77 0.36
C VAL C 158 31.08 25.16 -1.11
N ALA C 159 30.60 24.23 -1.94
CA ALA C 159 30.36 24.54 -3.34
C ALA C 159 29.65 25.89 -3.45
N PRO C 160 30.23 26.88 -4.14
CA PRO C 160 29.60 28.21 -4.18
C PRO C 160 28.13 28.24 -4.59
N ALA C 161 27.72 27.48 -5.61
CA ALA C 161 26.32 27.44 -6.02
C ALA C 161 25.41 26.96 -4.88
N ILE C 162 25.89 25.99 -4.09
CA ILE C 162 25.10 25.56 -2.94
C ILE C 162 24.91 26.71 -1.98
N VAL C 163 25.95 27.53 -1.79
CA VAL C 163 25.85 28.68 -0.90
C VAL C 163 24.84 29.68 -1.44
N TYR C 164 24.91 29.97 -2.73
CA TYR C 164 23.97 30.93 -3.33
C TYR C 164 22.53 30.45 -3.17
N ALA C 165 22.27 29.22 -3.61
CA ALA C 165 20.94 28.66 -3.51
C ALA C 165 20.44 28.69 -2.08
N ALA C 166 21.24 28.14 -1.15
CA ALA C 166 20.87 28.17 0.26
C ALA C 166 20.51 29.58 0.69
N HIS C 167 21.28 30.57 0.25
CA HIS C 167 21.08 31.92 0.72
C HIS C 167 19.77 32.50 0.21
N ILE C 168 19.56 32.46 -1.10
CA ILE C 168 18.35 33.09 -1.64
C ILE C 168 17.11 32.32 -1.25
N CYS C 169 17.21 31.04 -0.97
CA CYS C 169 16.03 30.24 -0.67
C CYS C 169 15.60 30.32 0.80
N GLY C 170 16.41 30.90 1.68
CA GLY C 170 15.97 31.25 3.01
C GLY C 170 16.76 30.63 4.15
N ALA C 171 17.90 29.99 3.85
CA ALA C 171 18.64 29.26 4.88
C ALA C 171 19.16 30.22 5.94
N ASP C 172 18.81 29.95 7.20
CA ASP C 172 19.31 30.82 8.26
C ASP C 172 20.80 30.63 8.48
N THR C 173 21.29 29.40 8.40
CA THR C 173 22.67 29.04 8.68
C THR C 173 23.20 28.18 7.55
N ILE C 174 24.39 28.51 7.03
CA ILE C 174 25.03 27.69 6.01
C ILE C 174 26.32 27.10 6.56
N MET C 175 26.42 25.76 6.53
CA MET C 175 27.40 25.00 7.29
C MET C 175 28.37 24.26 6.37
N ALA C 176 29.67 24.36 6.66
CA ALA C 176 30.68 23.62 5.92
C ALA C 176 31.04 22.33 6.66
N ILE C 177 30.14 21.35 6.60
CA ILE C 177 30.39 20.07 7.24
C ILE C 177 29.52 19.03 6.54
N GLY C 178 30.06 17.82 6.41
CA GLY C 178 29.39 16.77 5.67
C GLY C 178 29.28 15.52 6.53
N GLY C 179 28.59 14.53 5.98
CA GLY C 179 28.49 13.19 6.51
C GLY C 179 27.95 13.13 7.92
N VAL C 180 28.39 12.10 8.63
CA VAL C 180 27.86 11.80 9.95
C VAL C 180 28.09 12.98 10.90
N GLN C 181 29.26 13.58 10.84
CA GLN C 181 29.55 14.70 11.72
C GLN C 181 28.59 15.85 11.46
N GLY C 182 28.31 16.10 10.17
CA GLY C 182 27.40 17.18 9.82
C GLY C 182 25.98 16.94 10.31
N VAL C 183 25.47 15.74 10.01
CA VAL C 183 24.13 15.37 10.47
C VAL C 183 24.04 15.57 11.98
N ALA C 184 25.00 14.99 12.73
CA ALA C 184 25.02 15.13 14.18
C ALA C 184 25.01 16.60 14.59
N SER C 185 25.82 17.43 13.90
CA SER C 185 25.93 18.82 14.28
C SER C 185 24.59 19.50 14.25
N MET C 186 23.80 19.19 13.23
CA MET C 186 22.45 19.75 13.17
C MET C 186 21.52 19.08 14.17
N ALA C 187 21.61 17.75 14.30
CA ALA C 187 20.70 17.03 15.17
C ALA C 187 20.86 17.45 16.62
N PHE C 188 22.11 17.66 17.07
CA PHE C 188 22.44 17.89 18.48
C PHE C 188 22.55 19.36 18.85
N GLY C 189 22.34 20.28 17.90
CA GLY C 189 22.47 21.69 18.18
C GLY C 189 23.85 22.13 18.62
N LEU C 190 24.89 21.61 17.97
CA LEU C 190 26.25 22.03 18.29
C LEU C 190 26.51 23.45 17.75
N PHE C 191 27.63 24.04 18.18
CA PHE C 191 28.10 25.32 17.67
C PHE C 191 27.09 26.44 17.90
N GLY C 192 26.33 26.35 18.99
CA GLY C 192 25.32 27.35 19.30
C GLY C 192 24.05 27.26 18.48
N LEU C 193 23.91 26.23 17.64
CA LEU C 193 22.75 26.08 16.78
C LEU C 193 21.57 25.45 17.52
N PRO C 194 20.35 25.68 17.04
CA PRO C 194 19.19 24.94 17.56
C PRO C 194 19.19 23.50 17.06
N LYS C 195 18.51 22.63 17.83
CA LYS C 195 18.37 21.22 17.49
C LYS C 195 17.41 21.05 16.32
N ALA C 196 17.91 20.56 15.18
CA ALA C 196 17.08 20.26 14.02
C ALA C 196 16.05 19.21 14.36
N LYS C 197 14.78 19.54 14.09
CA LYS C 197 13.66 18.64 14.33
C LYS C 197 13.39 17.69 13.16
N ILE C 198 13.56 18.16 11.93
CA ILE C 198 13.52 17.30 10.76
C ILE C 198 14.83 17.48 10.03
N LEU C 199 15.30 16.40 9.43
CA LEU C 199 16.50 16.47 8.63
C LEU C 199 16.24 15.82 7.29
N VAL C 200 16.28 16.63 6.24
CA VAL C 200 15.92 16.25 4.89
C VAL C 200 17.14 16.41 3.98
N GLY C 201 17.15 15.65 2.88
CA GLY C 201 18.17 15.81 1.88
C GLY C 201 18.91 14.52 1.64
N PRO C 202 19.22 14.23 0.37
CA PRO C 202 19.86 12.95 0.05
C PRO C 202 21.27 12.87 0.62
N GLY C 203 21.81 11.65 0.64
CA GLY C 203 23.17 11.48 1.14
C GLY C 203 23.61 10.04 1.02
N ASN C 204 24.94 9.85 1.15
CA ASN C 204 25.49 8.50 1.13
C ASN C 204 24.97 7.69 2.32
N GLN C 205 25.32 6.39 2.34
CA GLN C 205 24.76 5.48 3.34
C GLN C 205 25.18 5.81 4.78
N PHE C 206 26.38 6.38 5.02
CA PHE C 206 26.66 6.79 6.40
C PHE C 206 25.68 7.88 6.85
N VAL C 207 25.52 8.90 6.00
CA VAL C 207 24.57 9.97 6.23
C VAL C 207 23.15 9.42 6.35
N ALA C 208 22.78 8.44 5.51
CA ALA C 208 21.44 7.87 5.58
C ALA C 208 21.22 7.14 6.88
N GLU C 209 22.26 6.43 7.34
CA GLU C 209 22.16 5.68 8.58
C GLU C 209 21.97 6.63 9.74
N ALA C 210 22.98 7.44 10.05
CA ALA C 210 22.72 8.50 11.02
C ALA C 210 21.67 9.37 10.36
N LYS C 211 20.43 9.30 10.82
CA LYS C 211 19.27 9.97 10.22
C LYS C 211 18.14 8.99 10.38
N ARG C 212 18.31 7.78 9.83
CA ARG C 212 17.40 6.73 10.24
C ARG C 212 17.52 6.55 11.75
N MET C 213 18.73 6.49 12.25
CA MET C 213 18.94 6.30 13.67
C MET C 213 18.51 7.51 14.48
N LEU C 214 18.77 8.72 13.99
CA LEU C 214 18.55 9.90 14.80
C LEU C 214 17.10 10.42 14.70
N PHE C 215 16.51 10.38 13.50
CA PHE C 215 15.21 10.99 13.24
C PHE C 215 14.12 10.00 12.85
N GLY C 216 14.51 8.80 12.42
CA GLY C 216 13.56 7.77 12.09
C GLY C 216 12.78 7.33 13.30
N ARG C 217 11.73 6.55 13.02
CA ARG C 217 10.96 5.74 13.98
C ARG C 217 10.00 4.88 13.17
N THR C 227 4.05 6.98 23.21
CA THR C 227 2.90 7.80 23.60
C THR C 227 3.24 8.42 24.99
N ASP C 228 3.63 9.69 24.94
CA ASP C 228 3.77 10.43 26.17
C ASP C 228 2.41 10.95 26.59
N SER C 229 2.30 11.26 27.87
CA SER C 229 1.11 11.96 28.32
C SER C 229 1.60 13.11 29.20
N LEU C 230 0.95 14.26 29.09
CA LEU C 230 1.30 15.41 29.92
C LEU C 230 0.02 16.11 30.31
N ILE C 231 -0.02 16.54 31.57
CA ILE C 231 -1.11 17.32 32.12
C ILE C 231 -0.61 18.68 32.58
N LEU C 232 -1.08 19.74 31.93
CA LEU C 232 -0.81 21.11 32.35
C LEU C 232 -1.92 21.55 33.29
N ALA C 233 -1.58 21.87 34.54
CA ALA C 233 -2.59 22.28 35.52
C ALA C 233 -2.11 23.51 36.29
N ASP C 234 -2.98 24.49 36.48
CA ASP C 234 -2.63 25.56 37.39
C ASP C 234 -3.42 25.43 38.68
N ARG C 235 -3.26 26.43 39.55
CA ARG C 235 -3.78 26.32 40.92
C ARG C 235 -5.27 26.04 40.97
N THR C 236 -6.02 26.32 39.91
CA THR C 236 -7.45 26.08 39.89
C THR C 236 -7.80 24.64 39.59
N ALA C 237 -6.84 23.85 39.11
CA ALA C 237 -7.12 22.46 38.77
C ALA C 237 -7.60 21.70 40.00
N ASP C 238 -8.58 20.81 39.80
CA ASP C 238 -9.22 20.00 40.84
C ASP C 238 -8.30 18.84 41.21
N PRO C 239 -7.61 18.90 42.36
CA PRO C 239 -6.63 17.84 42.71
C PRO C 239 -7.18 16.43 42.54
N HIS C 240 -8.48 16.23 42.78
CA HIS C 240 -9.08 14.91 42.56
C HIS C 240 -8.96 14.47 41.09
N ILE C 241 -9.31 15.36 40.16
CA ILE C 241 -9.28 14.98 38.75
C ILE C 241 -7.85 14.77 38.28
N VAL C 242 -6.92 15.63 38.71
CA VAL C 242 -5.52 15.46 38.29
C VAL C 242 -5.00 14.10 38.74
N THR C 243 -5.25 13.75 40.01
CA THR C 243 -4.74 12.48 40.50
C THR C 243 -5.44 11.30 39.81
N THR C 244 -6.77 11.40 39.58
CA THR C 244 -7.49 10.34 38.86
C THR C 244 -6.88 10.09 37.50
N ASP C 245 -6.63 11.16 36.73
CA ASP C 245 -6.07 11.00 35.40
C ASP C 245 -4.69 10.33 35.46
N LEU C 246 -3.84 10.82 36.37
CA LEU C 246 -2.50 10.24 36.50
C LEU C 246 -2.57 8.77 36.88
N VAL C 247 -3.58 8.37 37.66
CA VAL C 247 -3.75 6.96 38.00
C VAL C 247 -4.19 6.16 36.79
N SER C 248 -5.14 6.69 36.00
CA SER C 248 -5.60 5.98 34.80
C SER C 248 -4.51 5.85 33.75
N GLN C 249 -3.38 6.49 33.97
CA GLN C 249 -2.22 6.20 33.13
C GLN C 249 -1.55 4.88 33.48
N ALA C 250 -2.15 4.13 34.40
CA ALA C 250 -1.78 2.75 34.72
C ALA C 250 -2.76 1.70 34.18
N GLU C 251 -3.30 1.92 32.98
CA GLU C 251 -4.10 0.93 32.27
C GLU C 251 -3.40 0.46 31.01
N HIS C 252 -2.99 1.44 30.19
CA HIS C 252 -2.01 1.28 29.13
C HIS C 252 -0.63 1.78 29.59
N GLY C 253 -0.41 1.81 30.90
CA GLY C 253 0.77 2.45 31.44
C GLY C 253 1.88 1.50 31.81
N TYR C 254 2.07 0.46 31.01
CA TYR C 254 3.31 -0.27 31.16
C TYR C 254 4.18 0.47 30.14
N ASN C 255 5.29 1.07 30.58
CA ASN C 255 5.79 2.28 29.90
C ASN C 255 4.75 3.39 30.04
N SER C 256 4.61 4.24 29.03
CA SER C 256 3.80 5.45 28.93
C SER C 256 4.29 6.44 29.99
N PRO C 257 5.27 7.30 29.68
CA PRO C 257 5.64 8.32 30.66
C PRO C 257 4.49 9.30 30.83
N VAL C 258 4.40 9.88 32.02
CA VAL C 258 3.44 10.94 32.27
C VAL C 258 4.16 12.06 33.00
N TRP C 259 3.83 13.30 32.63
CA TRP C 259 4.34 14.48 33.29
C TRP C 259 3.16 15.31 33.78
N LEU C 260 3.34 15.92 34.94
CA LEU C 260 2.51 16.98 35.47
C LEU C 260 3.29 18.28 35.48
N VAL C 261 2.86 19.27 34.71
CA VAL C 261 3.54 20.56 34.67
C VAL C 261 2.60 21.58 35.29
N THR C 262 3.00 22.16 36.42
CA THR C 262 2.12 23.09 37.11
C THR C 262 2.94 24.27 37.61
N ASP C 263 2.24 25.37 37.95
CA ASP C 263 2.90 26.52 38.57
C ASP C 263 2.60 26.66 40.06
N ASP C 264 1.78 25.76 40.62
CA ASP C 264 1.31 25.81 42.00
C ASP C 264 1.94 24.72 42.88
N ARG C 265 2.78 25.12 43.85
CA ARG C 265 3.34 24.16 44.81
C ARG C 265 2.27 23.34 45.52
N ALA C 266 1.24 24.01 46.04
CA ALA C 266 0.23 23.34 46.87
C ALA C 266 -0.37 22.16 46.11
N LEU C 267 -0.84 22.42 44.90
CA LEU C 267 -1.44 21.38 44.06
C LEU C 267 -0.50 20.19 43.93
N ALA C 268 0.71 20.43 43.39
CA ALA C 268 1.65 19.35 43.11
C ALA C 268 1.90 18.48 44.34
N GLU C 269 2.25 19.12 45.47
CA GLU C 269 2.58 18.36 46.67
C GLU C 269 1.36 17.57 47.15
N LYS C 270 0.16 18.20 47.08
CA LYS C 270 -1.09 17.53 47.41
C LYS C 270 -1.32 16.32 46.52
N VAL C 271 -0.87 16.38 45.27
CA VAL C 271 -1.05 15.26 44.34
C VAL C 271 -0.13 14.08 44.71
N ILE C 272 1.16 14.36 44.94
CA ILE C 272 2.10 13.31 45.38
C ILE C 272 1.57 12.66 46.65
N GLU C 273 1.04 13.50 47.57
CA GLU C 273 0.16 13.15 48.68
C GLU C 273 -0.97 12.22 48.38
N MET C 274 -1.80 12.58 47.40
CA MET C 274 -3.02 11.80 47.25
C MET C 274 -2.72 10.47 46.59
N ILE C 275 -1.57 10.34 45.95
CA ILE C 275 -1.30 9.13 45.17
C ILE C 275 -1.51 7.92 46.10
N PRO C 276 -0.92 7.80 47.31
CA PRO C 276 -1.07 6.52 48.02
C PRO C 276 -2.53 6.13 48.27
N SER C 277 -3.44 7.09 48.45
CA SER C 277 -4.85 6.76 48.67
C SER C 277 -5.51 6.25 47.40
N TYR C 278 -5.15 6.85 46.27
CA TYR C 278 -5.77 6.47 45.00
C TYR C 278 -5.16 5.22 44.37
N ILE C 279 -3.83 5.01 44.46
CA ILE C 279 -3.27 3.80 43.86
C ILE C 279 -3.91 2.61 44.54
N ALA C 280 -4.17 2.76 45.83
CA ALA C 280 -4.75 1.67 46.60
C ALA C 280 -6.13 1.30 46.10
N ASP C 281 -6.87 2.22 45.49
CA ASP C 281 -8.27 1.89 45.20
C ASP C 281 -8.62 1.56 43.73
N LEU C 282 -7.86 0.69 43.01
CA LEU C 282 -8.15 0.38 41.60
C LEU C 282 -8.95 -0.90 41.61
N VAL C 285 -5.24 -7.15 39.96
CA VAL C 285 -4.16 -7.24 39.00
C VAL C 285 -3.43 -5.90 38.82
N ASN C 286 -4.20 -4.81 38.89
CA ASN C 286 -3.80 -3.48 38.45
C ASN C 286 -2.86 -2.75 39.37
N ARG C 287 -3.00 -3.02 40.67
CA ARG C 287 -2.55 -2.02 41.64
C ARG C 287 -1.15 -2.22 42.16
N ASP C 288 -0.47 -3.33 41.80
CA ASP C 288 1.00 -3.33 41.66
C ASP C 288 1.47 -2.63 40.40
N ASN C 289 0.86 -2.98 39.24
CA ASN C 289 1.18 -2.23 38.01
C ASN C 289 1.28 -0.76 38.24
N ALA C 290 0.19 -0.20 38.73
CA ALA C 290 0.06 1.24 38.78
C ALA C 290 1.18 1.85 39.58
N ALA C 291 1.37 1.31 40.79
CA ALA C 291 2.41 1.77 41.68
C ALA C 291 3.78 1.70 41.01
N ALA C 292 4.10 0.57 40.38
CA ALA C 292 5.40 0.47 39.71
C ALA C 292 5.55 1.58 38.67
N ALA C 293 4.53 1.73 37.83
CA ALA C 293 4.54 2.73 36.76
C ALA C 293 4.80 4.12 37.33
N TRP C 294 4.10 4.47 38.41
CA TRP C 294 4.21 5.79 39.00
C TRP C 294 5.66 6.16 39.25
N ARG C 295 6.40 5.28 39.92
CA ARG C 295 7.64 5.87 40.33
C ARG C 295 8.74 5.55 39.32
N ASP C 296 8.43 4.75 38.26
CA ASP C 296 9.38 4.56 37.15
C ASP C 296 9.26 5.67 36.08
N TYR C 297 8.05 6.15 35.79
CA TYR C 297 7.81 6.99 34.61
C TYR C 297 7.24 8.36 34.91
N ALA C 298 6.51 8.51 36.01
CA ALA C 298 5.76 9.74 36.25
C ALA C 298 6.68 10.82 36.78
N GLU C 299 6.47 12.05 36.33
CA GLU C 299 7.31 13.16 36.75
C GLU C 299 6.45 14.39 36.97
N VAL C 300 6.73 15.15 38.03
CA VAL C 300 5.98 16.36 38.39
C VAL C 300 6.93 17.56 38.40
N ILE C 301 6.57 18.62 37.67
CA ILE C 301 7.44 19.77 37.46
C ILE C 301 6.71 21.04 37.92
N LEU C 302 7.37 21.85 38.78
CA LEU C 302 6.82 23.11 39.28
C LEU C 302 7.21 24.29 38.46
N CYS C 303 6.25 25.13 38.19
CA CYS C 303 6.60 26.31 37.41
C CYS C 303 6.28 27.58 38.15
N ALA C 304 6.87 28.64 37.66
CA ALA C 304 6.73 29.97 38.20
C ALA C 304 5.47 30.70 37.71
N ASP C 305 5.28 30.69 36.40
CA ASP C 305 4.16 31.36 35.77
C ASP C 305 3.64 30.45 34.66
N ARG C 306 2.52 30.82 34.06
CA ARG C 306 1.94 29.98 33.03
C ARG C 306 2.84 29.84 31.80
N GLU C 307 3.57 30.89 31.40
CA GLU C 307 4.42 30.82 30.21
C GLU C 307 5.51 29.75 30.33
N GLU C 308 6.22 29.72 31.46
CA GLU C 308 6.96 28.56 31.95
C GLU C 308 6.28 27.20 31.73
N MET C 309 5.03 26.99 32.14
CA MET C 309 4.38 25.70 31.91
C MET C 309 4.29 25.42 30.41
N ALA C 310 3.74 26.38 29.65
CA ALA C 310 3.58 26.22 28.20
C ALA C 310 4.90 25.91 27.50
N ALA C 311 5.97 26.67 27.79
CA ALA C 311 7.27 26.42 27.14
C ALA C 311 7.79 25.03 27.48
N THR C 312 7.65 24.63 28.74
CA THR C 312 8.02 23.28 29.15
C THR C 312 7.27 22.27 28.29
N SER C 313 5.93 22.36 28.32
CA SER C 313 5.06 21.49 27.55
C SER C 313 5.55 21.37 26.11
N ASP C 314 5.77 22.52 25.47
CA ASP C 314 6.22 22.51 24.09
C ASP C 314 7.48 21.70 23.93
N ARG C 315 8.54 22.02 24.70
CA ARG C 315 9.78 21.29 24.50
C ARG C 315 9.63 19.81 24.81
N TYR C 316 8.58 19.43 25.54
CA TYR C 316 8.31 18.02 25.79
C TYR C 316 7.50 17.35 24.70
N ALA C 317 6.77 18.14 23.91
CA ALA C 317 5.96 17.71 22.76
C ALA C 317 5.15 16.44 23.08
N PRO C 318 4.19 16.52 23.99
CA PRO C 318 3.54 15.28 24.44
C PRO C 318 2.49 14.81 23.45
N GLU C 319 2.38 13.47 23.33
CA GLU C 319 1.38 12.85 22.44
C GLU C 319 -0.03 13.15 22.92
N HIS C 320 -0.25 13.10 24.23
CA HIS C 320 -1.52 13.42 24.89
C HIS C 320 -1.34 14.65 25.77
N LEU C 321 -2.15 15.69 25.57
CA LEU C 321 -2.02 16.93 26.33
C LEU C 321 -3.38 17.35 26.87
N THR C 322 -3.49 17.47 28.20
CA THR C 322 -4.70 17.95 28.87
C THR C 322 -4.39 19.27 29.59
N VAL C 323 -5.25 20.28 29.42
CA VAL C 323 -5.06 21.59 30.04
C VAL C 323 -6.17 21.84 31.03
N MET C 324 -5.80 21.88 32.30
CA MET C 324 -6.74 22.15 33.39
C MET C 324 -6.32 23.43 34.08
N ALA C 325 -6.57 24.54 33.40
CA ALA C 325 -6.12 25.86 33.84
C ALA C 325 -7.14 26.87 33.37
N GLU C 326 -7.07 28.08 33.92
CA GLU C 326 -7.93 29.16 33.44
C GLU C 326 -7.43 29.67 32.08
N ASP C 327 -8.34 30.33 31.34
CA ASP C 327 -7.99 30.97 30.07
C ASP C 327 -7.65 29.91 29.02
N LEU C 328 -8.58 28.98 28.79
CA LEU C 328 -8.38 27.95 27.77
C LEU C 328 -8.08 28.55 26.41
N ASP C 329 -8.66 29.72 26.11
CA ASP C 329 -8.39 30.39 24.84
C ASP C 329 -6.92 30.69 24.70
N TRP C 330 -6.32 31.20 25.78
CA TRP C 330 -4.90 31.50 25.76
C TRP C 330 -4.09 30.24 25.49
N TRP C 331 -4.42 29.14 26.18
CA TRP C 331 -3.66 27.90 26.05
C TRP C 331 -3.76 27.36 24.63
N LEU C 332 -4.94 27.47 24.01
CA LEU C 332 -5.07 27.02 22.62
C LEU C 332 -4.22 27.85 21.69
N ASP C 333 -4.16 29.16 21.95
CA ASP C 333 -3.36 30.07 21.12
C ASP C 333 -1.87 29.80 21.31
N ARG C 334 -1.45 29.62 22.55
CA ARG C 334 -0.05 29.58 22.90
C ARG C 334 0.60 28.25 22.53
N LEU C 335 0.11 27.16 23.10
CA LEU C 335 0.76 25.86 22.96
C LEU C 335 1.01 25.57 21.50
N SER C 336 2.17 24.97 21.20
CA SER C 336 2.58 24.70 19.82
C SER C 336 2.89 23.24 19.52
N CYS C 337 3.49 22.48 20.45
CA CYS C 337 3.92 21.10 20.20
C CYS C 337 3.15 20.08 21.03
N TYR C 338 2.27 19.32 20.38
CA TYR C 338 1.54 18.24 21.03
C TYR C 338 0.97 17.30 19.97
N GLY C 339 0.32 16.24 20.45
CA GLY C 339 -0.41 15.32 19.58
C GLY C 339 -1.90 15.58 19.58
N SER C 340 -2.57 15.22 20.68
CA SER C 340 -3.99 15.49 20.89
C SER C 340 -4.13 16.33 22.14
N LEU C 341 -4.66 17.55 21.98
CA LEU C 341 -4.85 18.46 23.09
C LEU C 341 -6.33 18.49 23.51
N PHE C 342 -6.59 18.26 24.80
CA PHE C 342 -7.92 18.41 25.39
C PHE C 342 -7.91 19.59 26.35
N LEU C 343 -8.61 20.65 25.97
CA LEU C 343 -8.73 21.82 26.82
C LEU C 343 -9.92 21.64 27.75
N GLY C 344 -9.66 21.69 29.05
CA GLY C 344 -10.65 21.60 30.12
C GLY C 344 -10.71 20.21 30.73
N GLU C 345 -11.01 20.17 32.03
CA GLU C 345 -11.13 18.89 32.74
C GLU C 345 -12.29 18.08 32.18
N GLU C 346 -13.26 18.75 31.58
CA GLU C 346 -14.45 18.13 31.01
C GLU C 346 -14.14 17.55 29.63
N SER C 347 -13.04 16.82 29.50
CA SER C 347 -12.57 16.36 28.19
C SER C 347 -11.57 15.21 28.33
N LEU C 374 10.54 17.87 0.44
CA LEU C 374 10.06 17.18 -0.74
C LEU C 374 8.55 17.50 -0.98
N SER C 375 7.84 17.83 0.12
CA SER C 375 6.58 18.56 0.09
C SER C 375 6.39 19.19 1.47
N VAL C 376 5.69 20.32 1.50
CA VAL C 376 5.57 21.16 2.70
C VAL C 376 5.07 20.36 3.90
N HIS C 377 4.26 19.33 3.65
CA HIS C 377 3.70 18.56 4.74
C HIS C 377 4.79 17.98 5.62
N LYS C 378 5.90 17.57 5.01
CA LYS C 378 7.01 16.96 5.74
C LYS C 378 7.58 17.87 6.82
N TYR C 379 7.45 19.20 6.69
CA TYR C 379 8.08 20.09 7.66
C TYR C 379 7.14 20.53 8.75
N MET C 380 5.98 19.91 8.83
CA MET C 380 4.94 20.37 9.73
C MET C 380 4.37 19.30 10.64
N LYS C 381 4.09 19.71 11.89
CA LYS C 381 3.22 19.00 12.81
C LYS C 381 1.77 19.18 12.38
N ILE C 382 0.99 18.10 12.41
CA ILE C 382 -0.46 18.23 12.36
C ILE C 382 -0.95 18.02 13.80
N VAL C 383 -1.48 19.05 14.44
CA VAL C 383 -1.98 18.94 15.80
C VAL C 383 -3.50 19.00 15.81
N THR C 384 -4.09 18.15 16.64
CA THR C 384 -5.53 18.06 16.83
C THR C 384 -5.84 18.44 18.27
N TRP C 385 -6.90 19.25 18.44
CA TRP C 385 -7.35 19.68 19.77
C TRP C 385 -8.84 19.50 19.91
N GLN C 386 -9.36 19.37 21.15
CA GLN C 386 -10.81 19.46 21.30
C GLN C 386 -11.14 20.12 22.64
N ARG C 387 -12.28 20.84 22.67
CA ARG C 387 -12.76 21.43 23.92
C ARG C 387 -14.29 21.32 24.04
N GLY C 388 -14.77 21.27 25.29
CA GLY C 388 -16.18 21.27 25.66
C GLY C 388 -16.73 19.87 25.88
N THR C 389 -17.99 19.83 26.37
CA THR C 389 -18.77 18.60 26.49
C THR C 389 -20.15 18.87 25.94
N ARG C 390 -20.79 17.81 25.43
CA ARG C 390 -22.05 17.92 24.70
C ARG C 390 -23.06 18.77 25.47
N GLU C 391 -23.65 19.71 24.77
CA GLU C 391 -24.68 20.49 25.44
C GLU C 391 -25.98 20.19 24.73
N GLY C 392 -26.30 18.90 24.61
CA GLY C 392 -27.45 18.45 23.85
C GLY C 392 -27.12 17.25 23.00
N TYR C 393 -28.00 17.00 22.03
CA TYR C 393 -28.01 15.76 21.26
C TYR C 393 -28.49 16.05 19.85
N LYS C 394 -27.70 15.70 18.84
CA LYS C 394 -28.08 15.88 17.44
C LYS C 394 -27.63 14.65 16.68
N PRO C 395 -28.45 13.58 16.67
CA PRO C 395 -28.03 12.31 16.04
C PRO C 395 -27.67 12.43 14.55
N VAL C 396 -28.38 13.24 13.78
CA VAL C 396 -27.99 13.37 12.39
C VAL C 396 -26.62 13.98 12.34
N ALA C 397 -26.47 15.15 12.95
CA ALA C 397 -25.15 15.73 13.05
C ALA C 397 -24.11 14.76 13.63
N GLU C 398 -24.47 13.91 14.62
CA GLU C 398 -23.38 13.07 15.13
C GLU C 398 -22.87 12.22 13.98
N ALA C 399 -23.83 11.47 13.37
CA ALA C 399 -23.47 10.48 12.35
C ALA C 399 -22.75 11.14 11.19
N THR C 400 -23.19 12.35 10.82
CA THR C 400 -22.50 13.10 9.78
C THR C 400 -21.06 13.33 10.19
N ALA C 401 -20.83 13.67 11.44
CA ALA C 401 -19.45 13.85 11.88
C ALA C 401 -18.66 12.55 11.74
N ARG C 402 -19.24 11.41 12.10
CA ARG C 402 -18.53 10.14 12.00
C ARG C 402 -18.08 9.89 10.59
N ILE C 403 -19.01 10.12 9.66
CA ILE C 403 -18.74 9.99 8.24
C ILE C 403 -17.67 10.96 7.77
N ALA C 404 -17.57 12.14 8.40
CA ALA C 404 -16.66 13.16 7.88
C ALA C 404 -15.23 12.98 8.35
N ARG C 405 -14.94 13.45 9.58
CA ARG C 405 -13.59 13.44 10.15
C ARG C 405 -12.69 14.45 9.41
N LEU C 406 -11.37 14.25 9.48
CA LEU C 406 -10.37 15.08 8.77
C LEU C 406 -10.77 15.41 7.32
N THR D 2 15.19 27.35 34.85
CA THR D 2 14.62 27.71 36.15
C THR D 2 13.37 26.88 36.52
N ILE D 3 13.43 25.57 36.26
CA ILE D 3 12.34 24.63 36.53
C ILE D 3 12.76 23.72 37.67
N GLU D 4 11.78 23.27 38.46
CA GLU D 4 12.01 22.42 39.63
C GLU D 4 11.31 21.08 39.53
N TYR D 5 12.07 20.00 39.79
CA TYR D 5 11.56 18.63 39.80
C TYR D 5 11.07 18.25 41.20
N LEU D 6 9.77 18.38 41.43
CA LEU D 6 9.14 18.02 42.71
C LEU D 6 9.02 16.52 42.85
N LYS D 7 8.90 15.82 41.72
CA LYS D 7 8.90 14.36 41.58
C LYS D 7 9.67 14.03 40.33
N LYS D 8 10.53 13.03 40.39
CA LYS D 8 11.30 12.58 39.24
C LYS D 8 11.03 11.11 38.99
N ALA D 9 11.14 10.69 37.73
CA ALA D 9 11.06 9.30 37.31
C ALA D 9 12.45 8.71 37.14
N SER D 10 12.62 7.44 37.52
CA SER D 10 13.94 6.83 37.48
C SER D 10 14.44 6.65 36.04
N LEU D 11 13.54 6.33 35.11
CA LEU D 11 13.99 5.94 33.77
C LEU D 11 14.23 7.21 32.93
N ASP D 16 19.07 13.80 33.20
CA ASP D 16 18.34 12.55 33.25
C ASP D 16 17.71 12.28 31.88
N ALA D 17 18.34 12.84 30.85
CA ALA D 17 17.91 12.80 29.44
C ALA D 17 16.53 13.38 29.16
N SER D 18 16.26 13.63 27.88
CA SER D 18 15.02 14.28 27.44
C SER D 18 14.00 13.33 26.83
N ASP D 19 14.45 12.30 26.10
CA ASP D 19 13.58 11.53 25.21
C ASP D 19 14.03 10.08 25.24
N VAL D 20 13.09 9.19 24.87
CA VAL D 20 13.37 7.75 24.90
C VAL D 20 14.57 7.42 24.02
N GLN D 21 14.59 7.87 22.76
CA GLN D 21 15.71 7.56 21.89
C GLN D 21 17.02 8.03 22.50
N GLU D 22 17.05 9.25 23.05
CA GLU D 22 18.28 9.79 23.62
C GLU D 22 18.77 8.94 24.78
N THR D 23 17.83 8.55 25.65
CA THR D 23 18.13 7.66 26.78
C THR D 23 18.64 6.30 26.29
N VAL D 24 17.93 5.73 25.30
CA VAL D 24 18.28 4.42 24.78
C VAL D 24 19.71 4.43 24.29
N ARG D 25 20.04 5.44 23.46
CA ARG D 25 21.41 5.62 22.95
C ARG D 25 22.42 5.71 24.08
N ALA D 26 22.11 6.51 25.11
CA ALA D 26 23.03 6.61 26.23
C ALA D 26 23.36 5.21 26.73
N ILE D 27 22.33 4.41 26.99
CA ILE D 27 22.57 3.08 27.54
C ILE D 27 23.33 2.20 26.56
N LEU D 28 22.90 2.19 25.31
CA LEU D 28 23.49 1.35 24.28
C LEU D 28 24.97 1.65 24.08
N ALA D 29 25.29 2.93 23.90
CA ALA D 29 26.67 3.36 23.70
C ALA D 29 27.51 3.01 24.92
N ASP D 30 26.97 3.31 26.11
CA ASP D 30 27.68 3.02 27.35
C ASP D 30 27.99 1.54 27.46
N ILE D 31 26.98 0.70 27.16
CA ILE D 31 27.15 -0.74 27.25
C ILE D 31 28.10 -1.24 26.18
N GLU D 32 28.04 -0.66 24.99
CA GLU D 32 28.92 -1.11 23.90
C GLU D 32 30.38 -0.93 24.28
N ALA D 33 30.72 0.24 24.85
CA ALA D 33 32.09 0.43 25.33
C ALA D 33 32.38 -0.52 26.50
N GLY D 34 31.49 -0.53 27.50
CA GLY D 34 31.74 -1.18 28.79
C GLY D 34 31.72 -2.70 28.80
N GLY D 35 30.89 -3.31 27.97
CA GLY D 35 30.79 -4.76 27.96
C GLY D 35 29.93 -5.31 29.09
N ASP D 36 30.27 -6.56 29.48
CA ASP D 36 29.40 -7.31 30.37
C ASP D 36 29.10 -6.50 31.63
N GLN D 37 30.13 -5.84 32.14
CA GLN D 37 30.03 -5.21 33.46
C GLN D 37 29.02 -4.09 33.47
N VAL D 38 29.01 -3.27 32.42
CA VAL D 38 28.02 -2.19 32.36
C VAL D 38 26.63 -2.78 32.14
N ALA D 39 26.57 -3.83 31.32
CA ALA D 39 25.31 -4.52 31.09
C ALA D 39 24.71 -4.93 32.44
N LEU D 40 25.52 -5.63 33.23
CA LEU D 40 25.14 -5.99 34.59
C LEU D 40 24.77 -4.78 35.42
N ASP D 41 25.51 -3.66 35.28
CA ASP D 41 25.21 -2.48 36.08
C ASP D 41 23.77 -2.01 35.85
N TYR D 42 23.40 -1.85 34.58
CA TYR D 42 22.03 -1.46 34.23
C TYR D 42 21.03 -2.53 34.65
N ALA D 43 21.43 -3.80 34.58
CA ALA D 43 20.59 -4.89 35.08
C ALA D 43 20.27 -4.67 36.55
N ALA D 44 21.32 -4.49 37.35
CA ALA D 44 21.17 -4.17 38.76
C ALA D 44 20.18 -3.04 38.96
N LYS D 45 20.42 -1.89 38.32
CA LYS D 45 19.55 -0.74 38.52
C LYS D 45 18.09 -1.03 38.13
N PHE D 46 17.84 -1.42 36.88
CA PHE D 46 16.46 -1.42 36.40
C PHE D 46 15.74 -2.73 36.69
N ASP D 47 16.43 -3.85 36.52
CA ASP D 47 15.76 -5.13 36.70
C ASP D 47 15.46 -5.38 38.17
N ARG D 48 16.26 -4.84 39.07
CA ARG D 48 16.23 -4.94 40.54
C ARG D 48 16.22 -6.41 40.93
N TYR D 49 17.31 -7.14 40.63
CA TYR D 49 17.24 -8.57 40.90
C TYR D 49 18.65 -9.08 41.16
N GLU D 50 18.79 -9.93 42.17
CA GLU D 50 20.07 -10.38 42.68
C GLU D 50 20.19 -11.88 42.35
N GLY D 51 20.36 -12.17 41.05
CA GLY D 51 20.72 -13.49 40.61
C GLY D 51 21.52 -13.41 39.33
N SER D 52 21.97 -14.57 38.84
CA SER D 52 22.78 -14.60 37.63
C SER D 52 21.94 -14.23 36.41
N ILE D 53 22.63 -13.72 35.39
CA ILE D 53 21.98 -13.30 34.16
C ILE D 53 21.64 -14.50 33.29
N ILE D 54 22.59 -15.40 33.11
CA ILE D 54 22.36 -16.64 32.39
C ILE D 54 21.99 -17.72 33.40
N LEU D 55 20.73 -18.21 33.32
CA LEU D 55 20.25 -19.28 34.18
C LEU D 55 21.03 -20.59 34.00
N SER D 56 21.49 -21.16 35.11
CA SER D 56 22.15 -22.46 35.16
C SER D 56 21.17 -23.62 35.01
N PRO D 57 21.68 -24.81 34.60
CA PRO D 57 20.79 -25.98 34.54
C PRO D 57 20.01 -26.20 35.82
N GLU D 58 20.63 -25.93 36.98
CA GLU D 58 19.94 -26.09 38.26
C GLU D 58 18.77 -25.13 38.36
N GLU D 59 19.01 -23.86 38.05
CA GLU D 59 17.98 -22.85 38.14
C GLU D 59 16.80 -23.22 37.24
N ILE D 60 17.12 -23.66 36.01
CA ILE D 60 16.11 -24.13 35.07
C ILE D 60 15.28 -25.25 35.69
N GLU D 61 15.97 -26.26 36.23
CA GLU D 61 15.32 -27.42 36.82
C GLU D 61 14.35 -26.99 37.93
N ALA D 62 14.79 -26.09 38.82
CA ALA D 62 13.92 -25.62 39.90
C ALA D 62 12.69 -24.88 39.37
N ALA D 63 12.91 -24.02 38.37
CA ALA D 63 11.80 -23.28 37.77
C ALA D 63 10.82 -24.24 37.12
N CYS D 64 11.34 -25.19 36.33
CA CYS D 64 10.54 -26.24 35.72
C CYS D 64 9.68 -26.89 36.78
N ALA D 65 10.30 -27.18 37.93
CA ALA D 65 9.58 -27.83 39.02
C ALA D 65 8.46 -26.97 39.55
N LYS D 66 8.50 -25.66 39.33
CA LYS D 66 7.48 -24.79 39.90
C LYS D 66 6.22 -24.56 39.05
N VAL D 67 6.09 -25.17 37.87
CA VAL D 67 4.92 -24.95 37.00
C VAL D 67 3.94 -26.12 37.16
N PRO D 68 2.69 -25.86 37.51
CA PRO D 68 1.70 -26.96 37.60
C PRO D 68 1.66 -27.79 36.33
N GLU D 69 1.51 -29.10 36.49
CA GLU D 69 1.47 -30.05 35.40
C GLU D 69 0.34 -29.72 34.40
N LYS D 70 -0.73 -29.08 34.88
CA LYS D 70 -1.78 -28.61 33.97
C LYS D 70 -1.18 -27.65 32.94
N LEU D 71 -0.41 -26.67 33.45
CA LEU D 71 0.20 -25.63 32.61
C LEU D 71 1.31 -26.20 31.76
N LYS D 72 2.12 -27.10 32.31
CA LYS D 72 3.13 -27.79 31.50
C LYS D 72 2.50 -28.44 30.28
N ALA D 73 1.41 -29.20 30.48
CA ALA D 73 0.79 -29.88 29.34
C ALA D 73 0.24 -28.85 28.35
N ASP D 74 -0.34 -27.77 28.88
CA ASP D 74 -0.82 -26.69 28.03
C ASP D 74 0.30 -26.20 27.11
N ILE D 75 1.45 -25.89 27.73
CA ILE D 75 2.60 -25.38 26.98
C ILE D 75 3.07 -26.40 25.95
N ARG D 76 3.19 -27.69 26.36
CA ARG D 76 3.61 -28.74 25.43
C ARG D 76 2.64 -28.88 24.26
N PHE D 77 1.35 -28.67 24.48
CA PHE D 77 0.40 -28.81 23.38
C PHE D 77 0.52 -27.64 22.40
N ALA D 78 0.61 -26.41 22.91
CA ALA D 78 0.83 -25.27 22.03
C ALA D 78 2.12 -25.47 21.22
N HIS D 79 3.20 -25.91 21.89
CA HIS D 79 4.47 -26.24 21.23
C HIS D 79 4.28 -27.27 20.12
N ASP D 80 3.57 -28.37 20.41
CA ASP D 80 3.32 -29.38 19.39
C ASP D 80 2.71 -28.72 18.15
N ASN D 81 1.71 -27.85 18.38
CA ASN D 81 1.01 -27.23 17.26
C ASN D 81 1.93 -26.35 16.43
N VAL D 82 2.66 -25.46 17.12
CA VAL D 82 3.54 -24.55 16.43
C VAL D 82 4.60 -25.32 15.68
N ARG D 83 5.11 -26.42 16.26
CA ARG D 83 6.15 -27.18 15.57
C ARG D 83 5.63 -27.85 14.28
N ARG D 84 4.49 -28.56 14.30
CA ARG D 84 4.10 -29.19 13.01
C ARG D 84 3.84 -28.07 11.98
N PHE D 85 3.23 -26.94 12.40
CA PHE D 85 2.96 -25.88 11.42
C PHE D 85 4.25 -25.36 10.84
N ALA D 86 5.19 -25.01 11.71
CA ALA D 86 6.45 -24.48 11.23
C ALA D 86 7.16 -25.49 10.33
N GLU D 87 7.18 -26.78 10.74
CA GLU D 87 7.92 -27.82 10.01
C GLU D 87 7.32 -28.00 8.64
N THR D 88 5.99 -27.88 8.57
CA THR D 88 5.33 -27.77 7.29
C THR D 88 5.91 -26.62 6.50
N GLN D 89 5.88 -25.39 7.06
CA GLN D 89 6.38 -24.35 6.15
C GLN D 89 7.80 -24.60 5.69
N LYS D 90 8.66 -25.04 6.60
CA LYS D 90 10.07 -25.15 6.28
C LYS D 90 10.29 -26.17 5.20
N ALA D 91 9.43 -27.19 5.10
CA ALA D 91 9.53 -28.14 4.01
C ALA D 91 9.36 -27.47 2.64
N THR D 92 8.68 -26.32 2.58
CA THR D 92 8.47 -25.57 1.34
C THR D 92 9.68 -24.74 0.92
N LEU D 93 10.71 -24.68 1.75
CA LEU D 93 11.90 -23.89 1.44
C LEU D 93 13.08 -24.78 1.04
N THR D 94 12.92 -25.49 -0.08
CA THR D 94 14.03 -26.24 -0.66
C THR D 94 14.82 -25.34 -1.59
N ASP D 95 16.14 -25.57 -1.66
CA ASP D 95 16.96 -24.86 -2.61
C ASP D 95 16.37 -25.07 -4.00
N VAL D 96 16.21 -23.98 -4.75
CA VAL D 96 15.83 -24.05 -6.16
C VAL D 96 16.90 -23.38 -7.01
N GLU D 97 17.21 -24.00 -8.17
CA GLU D 97 18.21 -23.48 -9.11
C GLU D 97 17.68 -23.64 -10.54
N LEU D 98 17.90 -22.59 -11.35
CA LEU D 98 16.93 -22.47 -12.38
C LEU D 98 17.76 -22.12 -13.64
N GLU D 99 17.65 -22.91 -14.71
CA GLU D 99 18.40 -22.53 -15.91
C GLU D 99 17.68 -21.38 -16.62
N VAL D 100 17.83 -20.17 -16.09
CA VAL D 100 16.98 -19.04 -16.46
C VAL D 100 17.04 -18.73 -17.96
N VAL D 101 18.25 -18.59 -18.50
CA VAL D 101 18.51 -18.40 -19.93
C VAL D 101 19.63 -19.39 -20.26
N PRO D 102 19.70 -19.88 -21.49
CA PRO D 102 20.75 -20.85 -21.82
C PRO D 102 22.11 -20.38 -21.36
N GLY D 103 22.76 -21.21 -20.55
CA GLY D 103 24.11 -21.00 -20.08
C GLY D 103 24.25 -20.29 -18.74
N VAL D 104 23.19 -19.68 -18.21
CA VAL D 104 23.25 -18.99 -16.92
C VAL D 104 22.25 -19.63 -15.97
N ILE D 105 22.76 -20.22 -14.89
CA ILE D 105 21.92 -20.88 -13.89
C ILE D 105 21.84 -20.00 -12.65
N THR D 106 20.63 -19.52 -12.33
CA THR D 106 20.40 -18.79 -11.10
C THR D 106 19.75 -19.72 -10.07
N GLY D 107 20.11 -19.52 -8.80
CA GLY D 107 19.57 -20.31 -7.72
C GLY D 107 19.19 -19.43 -6.53
N GLN D 108 18.38 -20.02 -5.64
CA GLN D 108 18.00 -19.37 -4.38
C GLN D 108 18.09 -20.36 -3.23
N LYS D 109 18.44 -19.85 -2.06
CA LYS D 109 18.48 -20.66 -0.85
C LYS D 109 17.91 -19.86 0.32
N ALA D 110 17.30 -20.59 1.26
CA ALA D 110 17.00 -20.05 2.58
C ALA D 110 18.06 -20.57 3.55
N ILE D 111 18.80 -19.67 4.20
CA ILE D 111 19.81 -20.04 5.19
C ILE D 111 19.42 -19.50 6.54
N PRO D 112 19.42 -20.31 7.63
CA PRO D 112 19.09 -19.79 8.96
C PRO D 112 20.24 -18.96 9.50
N VAL D 113 19.89 -17.82 10.13
CA VAL D 113 20.90 -16.92 10.77
C VAL D 113 21.49 -17.61 12.00
N ASP D 114 22.75 -17.25 12.35
CA ASP D 114 23.41 -17.98 13.44
C ASP D 114 22.66 -17.90 14.76
N ALA D 115 22.25 -16.70 15.16
CA ALA D 115 21.66 -16.60 16.49
C ALA D 115 20.44 -15.68 16.49
N ALA D 116 19.37 -16.13 17.12
CA ALA D 116 18.16 -15.35 17.32
C ALA D 116 17.97 -15.00 18.79
N GLY D 117 17.56 -13.77 19.05
CA GLY D 117 17.16 -13.37 20.37
C GLY D 117 15.64 -13.28 20.45
N CYS D 118 15.08 -13.87 21.50
CA CYS D 118 13.65 -13.82 21.75
C CYS D 118 13.42 -13.06 23.04
N TYR D 119 12.73 -11.94 22.93
CA TYR D 119 12.36 -11.21 24.11
C TYR D 119 11.03 -11.75 24.64
N VAL D 120 10.94 -11.91 25.96
CA VAL D 120 9.69 -12.32 26.58
C VAL D 120 9.40 -11.40 27.77
N PRO D 121 8.42 -10.49 27.67
CA PRO D 121 8.26 -9.43 28.68
C PRO D 121 7.67 -9.88 30.00
N GLY D 122 7.28 -11.13 30.18
CA GLY D 122 6.65 -11.52 31.42
C GLY D 122 6.08 -12.91 31.33
N GLY D 123 5.17 -13.19 32.24
CA GLY D 123 4.60 -14.52 32.35
C GLY D 123 3.11 -14.58 32.12
N ARG D 124 2.46 -13.50 31.68
CA ARG D 124 1.04 -13.59 31.35
C ARG D 124 0.86 -14.51 30.14
N TYR D 125 -0.35 -15.06 29.96
CA TYR D 125 -0.56 -16.06 28.92
C TYR D 125 -0.12 -15.57 27.55
N SER D 126 -0.40 -14.31 27.23
CA SER D 126 0.05 -13.77 25.96
C SER D 126 1.57 -13.88 25.81
N HIS D 127 2.31 -13.60 26.88
CA HIS D 127 3.78 -13.70 26.82
C HIS D 127 4.23 -15.14 26.66
N ILE D 128 3.61 -16.08 27.37
CA ILE D 128 3.99 -17.48 27.23
C ILE D 128 3.77 -17.93 25.80
N ALA D 129 2.64 -17.53 25.22
CA ALA D 129 2.32 -17.83 23.83
C ALA D 129 3.40 -17.29 22.93
N SER D 130 3.71 -16.00 23.10
CA SER D 130 4.77 -15.34 22.33
C SER D 130 6.05 -16.14 22.39
N ALA D 131 6.46 -16.51 23.60
CA ALA D 131 7.72 -17.22 23.77
C ALA D 131 7.70 -18.52 22.99
N ILE D 132 6.59 -19.27 23.07
CA ILE D 132 6.54 -20.51 22.32
C ILE D 132 6.62 -20.21 20.83
N MET D 133 5.81 -19.26 20.37
CA MET D 133 5.82 -18.83 18.99
C MET D 133 7.24 -18.57 18.49
N THR D 134 7.91 -17.59 19.09
CA THR D 134 9.21 -17.17 18.59
C THR D 134 10.25 -18.27 18.77
N VAL D 135 10.37 -18.85 19.96
CA VAL D 135 11.40 -19.86 20.19
C VAL D 135 11.14 -21.10 19.34
N THR D 136 9.90 -21.57 19.25
CA THR D 136 9.65 -22.76 18.46
C THR D 136 9.99 -22.52 17.00
N THR D 137 9.51 -21.40 16.45
CA THR D 137 9.82 -21.09 15.07
C THR D 137 11.32 -20.97 14.83
N ALA D 138 12.02 -20.21 15.69
CA ALA D 138 13.47 -20.08 15.53
C ALA D 138 14.13 -21.45 15.56
N LYS D 139 13.61 -22.37 16.37
CA LYS D 139 14.23 -23.68 16.45
C LYS D 139 14.02 -24.41 15.14
N VAL D 140 12.76 -24.49 14.69
CA VAL D 140 12.42 -25.20 13.46
C VAL D 140 13.20 -24.66 12.27
N ALA D 141 13.32 -23.34 12.17
CA ALA D 141 14.13 -22.73 11.11
C ALA D 141 15.55 -23.26 11.11
N GLY D 142 16.10 -23.55 12.28
CA GLY D 142 17.42 -24.14 12.37
C GLY D 142 18.47 -23.20 12.88
N CYS D 143 18.06 -22.22 13.68
CA CYS D 143 19.00 -21.26 14.27
C CYS D 143 19.94 -21.94 15.25
N LYS D 144 21.24 -21.75 15.03
CA LYS D 144 22.25 -22.49 15.78
C LYS D 144 22.23 -22.14 17.27
N HIS D 145 21.80 -20.92 17.61
CA HIS D 145 21.72 -20.51 19.01
C HIS D 145 20.50 -19.63 19.24
N ILE D 146 19.63 -20.05 20.14
CA ILE D 146 18.44 -19.28 20.47
C ILE D 146 18.53 -18.79 21.92
N MET D 147 18.46 -17.47 22.09
CA MET D 147 18.48 -16.85 23.40
C MET D 147 17.07 -16.41 23.73
N ALA D 148 16.56 -16.85 24.86
CA ALA D 148 15.33 -16.28 25.39
C ALA D 148 15.70 -15.50 26.62
N CYS D 149 15.43 -14.18 26.64
CA CYS D 149 15.62 -13.43 27.87
C CYS D 149 14.27 -12.87 28.30
N SER D 150 14.05 -12.80 29.62
CA SER D 150 12.82 -12.29 30.17
C SER D 150 13.17 -11.38 31.34
N PRO D 151 12.44 -10.26 31.52
CA PRO D 151 12.65 -9.41 32.69
C PRO D 151 12.40 -10.15 33.98
N PRO D 152 13.43 -10.31 34.81
CA PRO D 152 13.28 -11.02 36.09
C PRO D 152 12.58 -10.16 37.12
N ARG D 153 11.84 -10.82 38.02
CA ARG D 153 11.23 -10.10 39.13
C ARG D 153 11.98 -10.41 40.43
N PRO D 154 12.16 -9.42 41.34
CA PRO D 154 13.12 -9.59 42.45
C PRO D 154 12.79 -10.76 43.36
N GLY D 155 13.84 -11.57 43.65
CA GLY D 155 13.68 -12.76 44.45
C GLY D 155 13.08 -13.94 43.72
N VAL D 156 12.28 -13.69 42.69
CA VAL D 156 11.54 -14.72 41.98
C VAL D 156 12.32 -15.24 40.78
N GLY D 157 12.97 -14.35 40.04
CA GLY D 157 13.61 -14.69 38.79
C GLY D 157 12.67 -14.58 37.59
N VAL D 158 13.07 -15.22 36.49
CA VAL D 158 12.22 -15.25 35.31
C VAL D 158 10.98 -16.05 35.66
N ALA D 159 9.83 -15.59 35.17
CA ALA D 159 8.61 -16.35 35.39
C ALA D 159 8.86 -17.82 35.08
N PRO D 160 8.73 -18.72 36.06
CA PRO D 160 9.02 -20.15 35.81
C PRO D 160 8.32 -20.71 34.58
N ALA D 161 7.09 -20.26 34.28
CA ALA D 161 6.43 -20.75 33.06
C ALA D 161 7.25 -20.40 31.82
N ILE D 162 7.82 -19.19 31.80
CA ILE D 162 8.66 -18.80 30.67
C ILE D 162 9.85 -19.72 30.54
N VAL D 163 10.45 -20.08 31.67
CA VAL D 163 11.60 -20.95 31.61
C VAL D 163 11.18 -22.29 31.01
N TYR D 164 10.04 -22.82 31.49
CA TYR D 164 9.59 -24.11 30.98
C TYR D 164 9.40 -24.04 29.48
N ALA D 165 8.63 -23.06 29.02
CA ALA D 165 8.34 -22.87 27.60
C ALA D 165 9.62 -22.74 26.77
N ALA D 166 10.45 -21.77 27.15
CA ALA D 166 11.70 -21.55 26.42
C ALA D 166 12.52 -22.83 26.35
N HIS D 167 12.59 -23.54 27.46
CA HIS D 167 13.46 -24.71 27.52
C HIS D 167 12.96 -25.83 26.63
N ILE D 168 11.65 -26.13 26.70
CA ILE D 168 11.15 -27.25 25.89
C ILE D 168 11.10 -26.89 24.42
N CYS D 169 10.98 -25.60 24.09
CA CYS D 169 10.81 -25.15 22.72
C CYS D 169 12.13 -25.00 21.98
N GLY D 170 13.25 -25.11 22.68
CA GLY D 170 14.54 -25.24 22.04
C GLY D 170 15.53 -24.16 22.41
N ALA D 171 15.19 -23.29 23.36
CA ALA D 171 16.09 -22.19 23.68
C ALA D 171 17.40 -22.74 24.19
N ASP D 172 18.49 -22.28 23.57
CA ASP D 172 19.82 -22.60 24.05
C ASP D 172 20.20 -21.80 25.29
N THR D 173 19.76 -20.55 25.42
CA THR D 173 20.12 -19.71 26.55
C THR D 173 18.89 -19.05 27.18
N ILE D 174 18.77 -19.16 28.49
CA ILE D 174 17.68 -18.53 29.20
C ILE D 174 18.27 -17.43 30.09
N MET D 175 17.86 -16.18 29.87
CA MET D 175 18.54 -15.01 30.45
C MET D 175 17.61 -14.18 31.32
N ALA D 176 18.06 -13.86 32.53
CA ALA D 176 17.29 -13.04 33.47
C ALA D 176 17.73 -11.57 33.34
N ILE D 177 17.33 -10.95 32.22
CA ILE D 177 17.68 -9.57 31.95
C ILE D 177 16.63 -9.00 30.99
N GLY D 178 16.25 -7.73 31.22
CA GLY D 178 15.17 -7.11 30.49
C GLY D 178 15.57 -5.76 29.93
N GLY D 179 14.66 -5.16 29.17
CA GLY D 179 14.79 -3.81 28.64
C GLY D 179 16.02 -3.64 27.75
N VAL D 180 16.52 -2.40 27.75
CA VAL D 180 17.62 -2.08 26.85
C VAL D 180 18.83 -2.91 27.18
N GLN D 181 19.09 -3.16 28.46
CA GLN D 181 20.26 -3.94 28.82
C GLN D 181 20.17 -5.36 28.25
N GLY D 182 18.99 -5.98 28.33
CA GLY D 182 18.82 -7.32 27.79
C GLY D 182 18.95 -7.35 26.28
N VAL D 183 18.27 -6.41 25.60
CA VAL D 183 18.39 -6.34 24.16
C VAL D 183 19.84 -6.19 23.76
N ALA D 184 20.54 -5.26 24.39
CA ALA D 184 21.96 -5.10 24.11
C ALA D 184 22.73 -6.40 24.32
N SER D 185 22.44 -7.11 25.41
CA SER D 185 23.20 -8.32 25.73
C SER D 185 23.09 -9.35 24.61
N MET D 186 21.90 -9.50 24.05
CA MET D 186 21.77 -10.43 22.93
C MET D 186 22.43 -9.88 21.67
N ALA D 187 22.22 -8.59 21.37
CA ALA D 187 22.70 -8.02 20.11
C ALA D 187 24.22 -8.05 20.00
N PHE D 188 24.92 -7.75 21.11
CA PHE D 188 26.38 -7.57 21.15
C PHE D 188 27.17 -8.81 21.59
N GLY D 189 26.53 -9.94 21.82
CA GLY D 189 27.24 -11.13 22.29
C GLY D 189 27.92 -11.01 23.64
N LEU D 190 27.25 -10.38 24.60
CA LEU D 190 27.83 -10.31 25.94
C LEU D 190 27.77 -11.68 26.61
N PHE D 191 28.53 -11.82 27.71
CA PHE D 191 28.52 -13.02 28.55
C PHE D 191 28.87 -14.29 27.78
N GLY D 192 29.77 -14.17 26.80
CA GLY D 192 30.22 -15.26 25.94
C GLY D 192 29.20 -15.71 24.91
N LEU D 193 28.05 -15.05 24.84
CA LEU D 193 26.99 -15.44 23.93
C LEU D 193 27.29 -14.94 22.53
N PRO D 194 26.70 -15.58 21.51
CA PRO D 194 26.84 -15.07 20.14
C PRO D 194 26.02 -13.81 19.92
N LYS D 195 26.48 -13.01 18.96
CA LYS D 195 25.76 -11.80 18.56
C LYS D 195 24.49 -12.22 17.81
N ALA D 196 23.33 -11.90 18.41
CA ALA D 196 22.03 -12.14 17.79
C ALA D 196 21.90 -11.37 16.50
N LYS D 197 21.59 -12.09 15.41
CA LYS D 197 21.38 -11.47 14.09
C LYS D 197 19.96 -10.93 13.91
N ILE D 198 18.97 -11.61 14.50
CA ILE D 198 17.57 -11.23 14.52
C ILE D 198 17.08 -11.16 15.96
N LEU D 199 16.20 -10.21 16.27
CA LEU D 199 15.64 -10.15 17.60
C LEU D 199 14.14 -9.99 17.45
N VAL D 200 13.38 -10.94 18.00
CA VAL D 200 11.93 -10.99 17.86
C VAL D 200 11.33 -10.91 19.25
N GLY D 201 10.08 -10.47 19.32
CA GLY D 201 9.34 -10.50 20.57
C GLY D 201 8.89 -9.12 21.01
N PRO D 202 7.68 -9.03 21.53
CA PRO D 202 7.12 -7.72 21.92
C PRO D 202 7.86 -7.13 23.12
N GLY D 203 7.63 -5.84 23.33
CA GLY D 203 8.29 -5.16 24.43
C GLY D 203 7.82 -3.74 24.58
N ASN D 204 8.16 -3.17 25.74
CA ASN D 204 7.84 -1.78 26.05
C ASN D 204 8.46 -0.82 25.03
N GLN D 205 8.13 0.48 25.08
CA GLN D 205 8.64 1.36 24.03
C GLN D 205 10.16 1.48 24.07
N PHE D 206 10.78 1.33 25.24
CA PHE D 206 12.25 1.32 25.33
C PHE D 206 12.83 0.12 24.60
N VAL D 207 12.27 -1.06 24.84
CA VAL D 207 12.69 -2.27 24.15
C VAL D 207 12.54 -2.11 22.65
N ALA D 208 11.41 -1.54 22.20
CA ALA D 208 11.20 -1.36 20.76
C ALA D 208 12.18 -0.37 20.16
N GLU D 209 12.48 0.72 20.87
CA GLU D 209 13.40 1.70 20.32
C GLU D 209 14.80 1.12 20.22
N ALA D 210 15.32 0.56 21.31
CA ALA D 210 16.66 -0.05 21.32
C ALA D 210 16.75 -1.21 20.33
N LYS D 211 15.69 -1.45 19.63
CA LYS D 211 15.60 -2.54 18.69
C LYS D 211 15.53 -2.05 17.27
N ARG D 212 14.77 -0.97 17.08
CA ARG D 212 14.79 -0.24 15.83
C ARG D 212 16.21 0.22 15.54
N MET D 213 16.92 0.69 16.56
CA MET D 213 18.27 1.17 16.32
C MET D 213 19.20 0.06 15.90
N LEU D 214 19.18 -1.04 16.62
CA LEU D 214 20.18 -2.06 16.43
C LEU D 214 19.87 -2.92 15.20
N PHE D 215 18.59 -3.17 14.90
CA PHE D 215 18.23 -4.12 13.87
C PHE D 215 17.44 -3.57 12.73
N GLY D 216 16.88 -2.39 12.86
CA GLY D 216 16.25 -1.78 11.71
C GLY D 216 17.28 -1.48 10.64
N ARG D 217 16.78 -1.18 9.46
CA ARG D 217 17.39 -0.35 8.32
C ARG D 217 16.73 -0.68 7.04
N THR D 227 25.40 -1.85 -1.99
CA THR D 227 25.73 -1.68 -0.57
C THR D 227 27.13 -2.33 -0.56
N ASP D 228 27.63 -2.83 0.58
CA ASP D 228 28.91 -3.56 0.63
C ASP D 228 29.05 -4.60 -0.51
N SER D 229 30.28 -4.72 -1.05
CA SER D 229 30.69 -5.65 -2.11
C SER D 229 32.00 -6.36 -1.75
N LEU D 230 32.16 -7.60 -2.23
CA LEU D 230 33.36 -8.39 -1.93
C LEU D 230 33.78 -9.26 -3.12
N ILE D 231 35.10 -9.41 -3.31
CA ILE D 231 35.65 -10.40 -4.22
C ILE D 231 36.51 -11.39 -3.45
N LEU D 232 36.09 -12.66 -3.45
CA LEU D 232 36.89 -13.77 -2.97
C LEU D 232 37.73 -14.33 -4.13
N ALA D 233 39.07 -14.35 -3.94
CA ALA D 233 40.02 -14.79 -4.96
C ALA D 233 41.07 -15.71 -4.35
N ASP D 234 41.44 -16.76 -5.07
CA ASP D 234 42.64 -17.55 -4.74
C ASP D 234 43.72 -17.39 -5.82
N ARG D 235 44.78 -18.21 -5.69
CA ARG D 235 45.95 -18.16 -6.56
C ARG D 235 45.62 -18.20 -8.04
N THR D 236 44.45 -18.74 -8.41
CA THR D 236 44.11 -18.87 -9.82
C THR D 236 43.55 -17.60 -10.43
N ALA D 237 43.06 -16.67 -9.64
CA ALA D 237 42.50 -15.46 -10.22
C ALA D 237 43.59 -14.70 -10.99
N ASP D 238 43.18 -14.15 -12.13
CA ASP D 238 43.99 -13.26 -12.95
C ASP D 238 43.91 -11.82 -12.43
N PRO D 239 44.98 -11.28 -11.85
CA PRO D 239 44.97 -9.90 -11.32
C PRO D 239 44.38 -8.82 -12.23
N HIS D 240 44.45 -8.95 -13.56
CA HIS D 240 43.80 -7.95 -14.40
C HIS D 240 42.29 -7.93 -14.17
N ILE D 241 41.63 -9.10 -14.15
CA ILE D 241 40.16 -9.07 -14.03
C ILE D 241 39.79 -8.57 -12.66
N VAL D 242 40.53 -9.01 -11.65
CA VAL D 242 40.25 -8.59 -10.29
C VAL D 242 40.39 -7.08 -10.19
N THR D 243 41.47 -6.52 -10.74
CA THR D 243 41.67 -5.08 -10.62
C THR D 243 40.59 -4.31 -11.38
N THR D 244 40.23 -4.75 -12.59
CA THR D 244 39.14 -4.09 -13.32
C THR D 244 37.86 -4.14 -12.51
N ASP D 245 37.54 -5.32 -11.99
CA ASP D 245 36.31 -5.57 -11.27
C ASP D 245 36.23 -4.69 -10.02
N LEU D 246 37.34 -4.57 -9.26
CA LEU D 246 37.38 -3.67 -8.10
C LEU D 246 37.38 -2.21 -8.49
N VAL D 247 38.04 -1.84 -9.58
CA VAL D 247 38.20 -0.43 -9.90
C VAL D 247 36.85 0.15 -10.30
N SER D 248 36.05 -0.63 -11.04
CA SER D 248 34.72 -0.25 -11.44
C SER D 248 33.70 -0.11 -10.23
N GLN D 249 34.18 -0.14 -9.00
CA GLN D 249 33.38 0.15 -7.80
C GLN D 249 33.21 1.64 -7.55
N ALA D 250 33.78 2.47 -8.43
CA ALA D 250 33.51 3.90 -8.49
C ALA D 250 32.53 4.24 -9.61
N GLU D 251 31.40 3.54 -9.66
CA GLU D 251 30.37 3.81 -10.68
C GLU D 251 29.20 4.57 -10.05
N ASN D 255 31.58 5.42 -4.03
CA ASN D 255 30.92 5.10 -2.76
C ASN D 255 30.60 3.61 -2.67
N SER D 256 30.18 3.17 -1.46
CA SER D 256 29.92 1.75 -1.12
C SER D 256 31.24 1.01 -0.87
N PRO D 257 31.48 0.49 0.34
CA PRO D 257 32.74 -0.21 0.63
C PRO D 257 32.95 -1.44 -0.22
N VAL D 258 34.23 -1.81 -0.37
CA VAL D 258 34.65 -2.99 -1.12
C VAL D 258 35.70 -3.77 -0.33
N TRP D 259 35.69 -5.10 -0.49
CA TRP D 259 36.73 -5.97 0.05
C TRP D 259 37.32 -6.85 -1.05
N LEU D 260 38.62 -7.16 -0.92
CA LEU D 260 39.26 -8.30 -1.58
C LEU D 260 39.77 -9.28 -0.53
N VAL D 261 39.25 -10.51 -0.50
CA VAL D 261 39.66 -11.54 0.46
C VAL D 261 40.36 -12.67 -0.29
N THR D 262 41.62 -12.91 0.04
CA THR D 262 42.42 -13.92 -0.64
C THR D 262 43.29 -14.66 0.38
N ASP D 263 43.81 -15.82 -0.03
CA ASP D 263 44.83 -16.53 0.74
C ASP D 263 46.20 -16.49 0.06
N ASP D 264 46.32 -15.76 -1.05
CA ASP D 264 47.54 -15.67 -1.85
C ASP D 264 48.17 -14.29 -1.65
N ARG D 265 49.24 -14.27 -0.86
CA ARG D 265 50.10 -13.13 -0.53
C ARG D 265 50.51 -12.42 -1.84
N ALA D 266 50.93 -13.24 -2.81
CA ALA D 266 51.37 -12.76 -4.12
C ALA D 266 50.26 -11.98 -4.85
N LEU D 267 49.11 -12.62 -5.06
CA LEU D 267 47.99 -12.00 -5.76
C LEU D 267 47.64 -10.66 -5.14
N ALA D 268 47.43 -10.67 -3.83
CA ALA D 268 47.03 -9.47 -3.10
C ALA D 268 47.96 -8.32 -3.45
N GLU D 269 49.26 -8.53 -3.25
CA GLU D 269 50.17 -7.40 -3.50
C GLU D 269 50.21 -7.00 -4.98
N LYS D 270 50.10 -7.95 -5.93
CA LYS D 270 50.11 -7.52 -7.33
C LYS D 270 48.95 -6.57 -7.63
N VAL D 271 47.76 -6.87 -7.07
CA VAL D 271 46.56 -6.05 -7.37
C VAL D 271 46.72 -4.66 -6.74
N ILE D 272 47.18 -4.68 -5.47
CA ILE D 272 47.54 -3.49 -4.70
C ILE D 272 48.55 -2.63 -5.46
N GLU D 273 49.43 -3.27 -6.22
CA GLU D 273 50.35 -2.51 -7.07
C GLU D 273 49.62 -1.91 -8.26
N MET D 274 48.68 -2.66 -8.84
CA MET D 274 48.11 -2.29 -10.13
C MET D 274 47.11 -1.14 -10.13
N ILE D 275 46.45 -0.83 -8.99
CA ILE D 275 45.26 0.03 -9.11
C ILE D 275 45.46 1.37 -9.78
N PRO D 276 46.44 2.22 -9.41
CA PRO D 276 46.47 3.60 -9.94
C PRO D 276 46.62 3.65 -11.45
N SER D 277 47.31 2.66 -12.01
CA SER D 277 47.51 2.56 -13.45
C SER D 277 46.18 2.42 -14.15
N TYR D 278 45.23 1.72 -13.51
CA TYR D 278 43.88 1.56 -14.03
C TYR D 278 43.03 2.79 -13.73
N ILE D 279 43.25 3.41 -12.57
CA ILE D 279 42.55 4.64 -12.23
C ILE D 279 42.76 5.68 -13.32
N ALA D 280 43.96 5.67 -13.92
CA ALA D 280 44.28 6.65 -14.97
C ALA D 280 43.38 6.51 -16.22
N ASP D 281 42.92 5.29 -16.59
CA ASP D 281 41.96 5.07 -17.68
C ASP D 281 40.56 5.67 -17.53
N LEU D 282 40.34 6.66 -16.76
CA LEU D 282 38.91 6.93 -16.95
C LEU D 282 38.72 8.39 -17.38
N PRO D 283 37.57 8.79 -17.94
CA PRO D 283 37.33 10.23 -18.12
C PRO D 283 37.33 10.94 -16.77
N GLU D 284 37.60 12.25 -16.81
CA GLU D 284 38.01 12.94 -15.58
C GLU D 284 36.87 13.07 -14.57
N VAL D 285 35.61 12.90 -14.96
CA VAL D 285 34.54 12.80 -13.96
C VAL D 285 34.69 11.53 -13.15
N ASN D 286 35.21 10.47 -13.77
CA ASN D 286 35.33 9.15 -13.18
C ASN D 286 36.56 9.03 -12.27
N ARG D 287 37.67 9.71 -12.64
CA ARG D 287 39.00 9.42 -12.07
C ARG D 287 39.13 9.93 -10.64
N ASP D 288 38.57 11.12 -10.36
CA ASP D 288 38.63 11.69 -9.01
C ASP D 288 37.82 10.83 -8.06
N ASN D 289 36.61 10.47 -8.50
CA ASN D 289 35.72 9.62 -7.71
C ASN D 289 36.41 8.30 -7.40
N ALA D 290 36.95 7.64 -8.45
CA ALA D 290 37.61 6.34 -8.30
C ALA D 290 38.78 6.42 -7.32
N ALA D 291 39.67 7.39 -7.50
CA ALA D 291 40.79 7.53 -6.58
C ALA D 291 40.30 7.64 -5.15
N ALA D 292 39.35 8.56 -4.89
CA ALA D 292 38.82 8.74 -3.54
C ALA D 292 38.17 7.46 -3.01
N ALA D 293 37.34 6.82 -3.82
CA ALA D 293 36.61 5.62 -3.41
C ALA D 293 37.59 4.53 -2.98
N TRP D 294 38.58 4.23 -3.83
CA TRP D 294 39.60 3.26 -3.46
C TRP D 294 40.28 3.69 -2.16
N ARG D 295 40.58 4.99 -2.05
CA ARG D 295 41.29 5.52 -0.88
C ARG D 295 40.53 5.23 0.39
N ASP D 296 39.22 5.49 0.36
CA ASP D 296 38.38 5.60 1.55
C ASP D 296 37.67 4.32 1.95
N TYR D 297 37.20 3.52 0.99
CA TYR D 297 36.26 2.45 1.30
C TYR D 297 36.77 1.04 1.03
N ALA D 298 37.75 0.88 0.14
CA ALA D 298 38.23 -0.45 -0.25
C ALA D 298 39.22 -0.99 0.79
N GLU D 299 39.17 -2.30 1.02
CA GLU D 299 40.09 -2.97 1.95
C GLU D 299 40.50 -4.33 1.41
N VAL D 300 41.75 -4.72 1.66
CA VAL D 300 42.31 -5.99 1.21
C VAL D 300 42.79 -6.82 2.40
N ILE D 301 42.37 -8.09 2.46
CA ILE D 301 42.53 -8.96 3.64
C ILE D 301 43.15 -10.30 3.25
N LEU D 302 44.22 -10.71 3.95
CA LEU D 302 44.85 -12.02 3.71
C LEU D 302 44.46 -13.09 4.73
N CYS D 303 44.11 -14.27 4.23
CA CYS D 303 43.67 -15.44 4.95
C CYS D 303 44.62 -16.63 4.70
N ALA D 304 44.63 -17.65 5.58
CA ALA D 304 45.57 -18.77 5.40
C ALA D 304 45.13 -19.74 4.31
N ASP D 305 43.88 -20.20 4.34
CA ASP D 305 43.40 -21.20 3.40
C ASP D 305 41.99 -20.78 2.95
N ARG D 306 41.40 -21.51 2.00
CA ARG D 306 40.08 -21.13 1.50
C ARG D 306 39.04 -21.14 2.63
N GLU D 307 39.18 -22.11 3.53
CA GLU D 307 38.25 -22.21 4.65
C GLU D 307 38.19 -20.88 5.36
N GLU D 308 39.36 -20.34 5.65
CA GLU D 308 39.57 -19.06 6.30
C GLU D 308 38.79 -17.98 5.59
N MET D 309 39.04 -17.91 4.28
CA MET D 309 38.53 -16.85 3.43
C MET D 309 37.03 -16.82 3.49
N ALA D 310 36.42 -17.97 3.23
CA ALA D 310 34.98 -18.09 3.28
C ALA D 310 34.43 -17.66 4.64
N ALA D 311 35.09 -18.10 5.73
CA ALA D 311 34.59 -17.70 7.05
C ALA D 311 34.62 -16.18 7.19
N THR D 312 35.70 -15.54 6.71
CA THR D 312 35.75 -14.08 6.67
C THR D 312 34.57 -13.52 5.90
N SER D 313 34.39 -13.99 4.67
CA SER D 313 33.29 -13.57 3.80
C SER D 313 31.94 -13.58 4.52
N ASP D 314 31.60 -14.73 5.11
CA ASP D 314 30.35 -14.83 5.87
C ASP D 314 30.27 -13.81 6.98
N ARG D 315 31.34 -13.61 7.75
CA ARG D 315 31.27 -12.58 8.75
C ARG D 315 31.06 -11.19 8.15
N TYR D 316 31.38 -10.98 6.88
CA TYR D 316 31.11 -9.67 6.26
C TYR D 316 29.71 -9.57 5.65
N ALA D 317 29.10 -10.69 5.27
CA ALA D 317 27.75 -10.85 4.71
C ALA D 317 27.52 -9.77 3.67
N PRO D 318 28.24 -9.84 2.56
CA PRO D 318 28.21 -8.73 1.59
C PRO D 318 27.00 -8.82 0.67
N GLU D 319 26.51 -7.65 0.26
CA GLU D 319 25.39 -7.59 -0.68
C GLU D 319 25.77 -8.18 -2.03
N HIS D 320 26.97 -7.88 -2.52
CA HIS D 320 27.47 -8.45 -3.77
C HIS D 320 28.70 -9.30 -3.45
N LEU D 321 28.70 -10.56 -3.89
CA LEU D 321 29.84 -11.44 -3.63
C LEU D 321 30.23 -12.12 -4.93
N THR D 322 31.46 -11.88 -5.39
CA THR D 322 31.99 -12.54 -6.58
C THR D 322 33.09 -13.50 -6.17
N VAL D 323 33.08 -14.69 -6.72
CA VAL D 323 34.06 -15.72 -6.39
C VAL D 323 34.92 -15.98 -7.61
N MET D 324 36.22 -15.70 -7.51
CA MET D 324 37.23 -15.97 -8.54
C MET D 324 38.25 -16.95 -7.96
N ALA D 325 37.84 -18.22 -7.83
CA ALA D 325 38.65 -19.22 -7.15
C ALA D 325 38.41 -20.58 -7.78
N GLU D 326 39.27 -21.54 -7.46
CA GLU D 326 39.07 -22.90 -7.98
C GLU D 326 37.89 -23.53 -7.27
N ASP D 327 37.31 -24.56 -7.92
CA ASP D 327 36.35 -25.43 -7.25
C ASP D 327 35.10 -24.65 -6.83
N LEU D 328 34.46 -24.02 -7.83
CA LEU D 328 33.28 -23.21 -7.56
C LEU D 328 32.20 -24.01 -6.83
N ASP D 329 32.12 -25.32 -7.09
CA ASP D 329 31.11 -26.15 -6.44
C ASP D 329 31.22 -26.06 -4.93
N TRP D 330 32.45 -26.18 -4.42
CA TRP D 330 32.69 -26.06 -2.99
C TRP D 330 32.26 -24.69 -2.47
N TRP D 331 32.53 -23.65 -3.28
CA TRP D 331 32.25 -22.29 -2.88
C TRP D 331 30.76 -22.07 -2.71
N LEU D 332 29.97 -22.57 -3.67
CA LEU D 332 28.50 -22.47 -3.60
C LEU D 332 27.94 -23.20 -2.40
N ASP D 333 28.47 -24.40 -2.10
CA ASP D 333 27.98 -25.17 -0.96
C ASP D 333 28.31 -24.47 0.35
N ARG D 334 29.57 -24.06 0.51
CA ARG D 334 30.10 -23.63 1.81
C ARG D 334 29.63 -22.22 2.19
N LEU D 335 29.79 -21.26 1.28
CA LEU D 335 29.43 -19.86 1.57
C LEU D 335 28.00 -19.78 2.05
N SER D 336 27.78 -18.96 3.07
CA SER D 336 26.43 -18.96 3.67
C SER D 336 25.78 -17.59 3.79
N CYS D 337 26.53 -16.53 4.07
CA CYS D 337 25.93 -15.21 4.29
C CYS D 337 26.30 -14.29 3.14
N TYR D 338 25.35 -14.06 2.26
CA TYR D 338 25.61 -13.12 1.18
C TYR D 338 24.29 -12.58 0.65
N GLY D 339 24.37 -11.64 -0.28
CA GLY D 339 23.19 -11.17 -0.93
C GLY D 339 23.08 -11.90 -2.25
N SER D 340 23.95 -11.51 -3.19
CA SER D 340 24.02 -12.13 -4.51
C SER D 340 25.43 -12.66 -4.70
N LEU D 341 25.54 -13.97 -4.96
CA LEU D 341 26.81 -14.63 -5.26
C LEU D 341 26.98 -14.84 -6.75
N PHE D 342 28.10 -14.35 -7.31
CA PHE D 342 28.47 -14.64 -8.68
C PHE D 342 29.74 -15.48 -8.71
N LEU D 343 29.58 -16.75 -9.08
CA LEU D 343 30.65 -17.74 -9.08
C LEU D 343 31.45 -17.70 -10.38
N GLY D 344 32.73 -17.37 -10.27
CA GLY D 344 33.58 -17.34 -11.45
C GLY D 344 33.80 -15.93 -12.00
N GLU D 345 34.96 -15.75 -12.66
CA GLU D 345 35.36 -14.49 -13.29
C GLU D 345 34.38 -14.10 -14.39
N GLU D 346 33.39 -14.95 -14.65
CA GLU D 346 32.48 -14.78 -15.77
C GLU D 346 31.47 -13.65 -15.54
N SER D 347 30.47 -13.88 -14.72
CA SER D 347 29.42 -12.88 -14.75
C SER D 347 29.48 -11.95 -13.50
N LEU D 374 3.30 -14.85 11.97
CA LEU D 374 4.72 -14.96 12.37
C LEU D 374 5.26 -16.39 11.99
N SER D 375 6.44 -16.45 11.35
CA SER D 375 6.72 -17.50 10.38
C SER D 375 8.22 -17.73 10.19
N VAL D 376 8.59 -18.95 9.81
CA VAL D 376 10.00 -19.33 9.73
C VAL D 376 10.77 -18.38 8.84
N HIS D 377 10.09 -17.76 7.87
CA HIS D 377 10.78 -16.86 6.93
C HIS D 377 11.53 -15.76 7.68
N LYS D 378 11.00 -15.30 8.82
CA LYS D 378 11.65 -14.23 9.55
C LYS D 378 13.05 -14.63 9.98
N TYR D 379 13.28 -15.91 10.26
CA TYR D 379 14.57 -16.33 10.82
C TYR D 379 15.54 -16.77 9.75
N MET D 380 15.19 -16.57 8.48
CA MET D 380 15.93 -17.08 7.34
C MET D 380 16.40 -15.90 6.49
N LYS D 381 17.66 -15.90 6.11
CA LYS D 381 18.11 -15.00 5.06
C LYS D 381 17.98 -15.70 3.70
N ILE D 382 17.40 -15.00 2.72
CA ILE D 382 17.30 -15.54 1.36
C ILE D 382 18.50 -15.08 0.54
N VAL D 383 19.32 -16.04 0.08
CA VAL D 383 20.52 -15.77 -0.69
C VAL D 383 20.25 -16.19 -2.12
N THR D 384 20.75 -15.39 -3.06
CA THR D 384 20.66 -15.68 -4.48
C THR D 384 22.04 -15.83 -5.12
N TRP D 385 22.22 -16.88 -5.93
CA TRP D 385 23.51 -17.10 -6.61
C TRP D 385 23.31 -17.29 -8.12
N GLN D 386 24.36 -16.99 -8.87
CA GLN D 386 24.37 -17.10 -10.32
C GLN D 386 25.68 -17.70 -10.78
N ARG D 387 25.61 -18.58 -11.78
CA ARG D 387 26.80 -19.18 -12.34
C ARG D 387 26.66 -19.23 -13.85
N GLY D 388 27.77 -19.00 -14.58
CA GLY D 388 27.79 -19.12 -16.02
C GLY D 388 27.54 -17.82 -16.75
N THR D 389 27.62 -17.92 -18.08
CA THR D 389 27.39 -16.80 -18.99
C THR D 389 26.52 -17.24 -20.17
N ARG D 390 25.90 -16.23 -20.83
CA ARG D 390 24.93 -16.45 -21.90
C ARG D 390 25.44 -17.48 -22.89
N GLU D 391 24.57 -18.39 -23.31
CA GLU D 391 25.02 -19.33 -24.32
C GLU D 391 24.10 -19.26 -25.54
N GLY D 392 24.34 -18.25 -26.38
CA GLY D 392 23.46 -18.04 -27.50
C GLY D 392 22.44 -17.00 -27.11
N TYR D 393 21.34 -16.95 -27.88
CA TYR D 393 20.29 -15.97 -27.65
C TYR D 393 18.95 -16.62 -27.96
N LYS D 394 18.08 -16.68 -26.95
CA LYS D 394 16.75 -17.26 -27.07
C LYS D 394 15.68 -16.22 -26.74
N PRO D 395 15.10 -15.53 -27.75
CA PRO D 395 14.17 -14.42 -27.44
C PRO D 395 13.01 -14.79 -26.54
N VAL D 396 12.36 -15.94 -26.76
CA VAL D 396 11.20 -16.26 -25.95
C VAL D 396 11.60 -16.43 -24.50
N ALA D 397 12.59 -17.29 -24.25
CA ALA D 397 13.06 -17.51 -22.90
C ALA D 397 13.44 -16.21 -22.23
N GLU D 398 14.14 -15.32 -22.95
CA GLU D 398 14.52 -14.02 -22.40
C GLU D 398 13.29 -13.20 -22.04
N ALA D 399 12.34 -13.09 -22.98
CA ALA D 399 11.13 -12.30 -22.78
C ALA D 399 10.29 -12.86 -21.64
N THR D 400 10.23 -14.19 -21.53
CA THR D 400 9.59 -14.86 -20.39
C THR D 400 10.30 -14.54 -19.10
N ALA D 401 11.63 -14.54 -19.13
CA ALA D 401 12.41 -14.20 -17.95
C ALA D 401 12.13 -12.77 -17.51
N ARG D 402 11.93 -11.85 -18.47
CA ARG D 402 11.77 -10.43 -18.15
C ARG D 402 10.71 -10.24 -17.08
N ILE D 403 9.57 -10.92 -17.24
CA ILE D 403 8.48 -10.81 -16.29
C ILE D 403 8.91 -11.23 -14.87
N ALA D 404 9.42 -12.45 -14.72
CA ALA D 404 9.82 -12.96 -13.41
C ALA D 404 10.29 -14.39 -13.55
S SO4 E . -18.72 23.55 -46.25
O1 SO4 E . -19.50 22.59 -47.04
O2 SO4 E . -19.57 24.73 -46.12
O3 SO4 E . -18.39 23.04 -44.90
O4 SO4 E . -17.50 23.86 -47.00
S SO4 F . -39.59 -7.75 -15.66
O1 SO4 F . -40.19 -9.21 -15.69
O2 SO4 F . -40.84 -6.83 -15.51
O3 SO4 F . -38.67 -7.74 -14.43
O4 SO4 F . -38.80 -7.31 -16.93
S SO4 G . 19.96 32.15 -22.66
O1 SO4 G . 19.30 31.25 -23.80
O2 SO4 G . 18.81 32.72 -21.71
O3 SO4 G . 20.76 31.08 -21.81
O4 SO4 G . 20.90 33.26 -23.29
S SO4 H . 37.71 23.98 12.34
O1 SO4 H . 37.29 22.49 12.21
O2 SO4 H . 36.41 24.82 12.43
O3 SO4 H . 38.53 24.18 13.60
O4 SO4 H . 38.44 24.40 11.05
S SO4 I . 8.53 -9.28 16.20
O1 SO4 I . 7.64 -10.40 16.53
O2 SO4 I . 7.81 -8.01 16.11
O3 SO4 I . 9.52 -9.11 17.26
O4 SO4 I . 9.19 -9.56 14.92
#